data_6MK0
#
_entry.id   6MK0
#
_cell.length_a   129.406
_cell.length_b   129.406
_cell.length_c   305.535
_cell.angle_alpha   90.000
_cell.angle_beta   90.000
_cell.angle_gamma   120.000
#
_symmetry.space_group_name_H-M   'P 32 2 1'
#
loop_
_entity.id
_entity.type
_entity.pdbx_description
1 polymer 'Integrin alpha-V'
2 polymer 'Integrin beta-3'
3 branched 2-acetamido-2-deoxy-beta-D-glucopyranose-(1-4)-2-acetamido-2-deoxy-beta-D-glucopyranose
4 branched alpha-D-mannopyranose-(1-4)-beta-D-mannopyranose-(1-6)-[alpha-D-mannopyranose-(1-3)]beta-D-mannopyranose-(1-4)-2-acetamido-2-deoxy-beta-D-glucopyranose-(1-4)-2-acetamido-2-deoxy-beta-D-glucopyranose
5 branched beta-D-mannopyranose-(1-4)-2-acetamido-2-deoxy-beta-D-glucopyranose-(1-4)-2-acetamido-2-deoxy-beta-D-glucopyranose
6 non-polymer 2-acetamido-2-deoxy-beta-D-glucopyranose
7 non-polymer 'MANGANESE (II) ION'
8 non-polymer '(2S)-2-[(1,3-benzothiazole-2-carbonyl)amino]-4-{[5-(1,8-naphthyridin-2-yl)pentanoyl]amino}butanoic acid'
9 water water
#
loop_
_entity_poly.entity_id
_entity_poly.type
_entity_poly.pdbx_seq_one_letter_code
_entity_poly.pdbx_strand_id
1 'polypeptide(L)'
;FNLDVDSPAEYSGPEGSYFGFAVDFFVPSASSRMFLLVGAPKANTTQPGIVEGGQVLKCDWSSTRRCQPIEFDATGNRDY
AKDDPLEFKSHQWFGASVRSKQDKILACAPLYHWRTEMKQEREPVGTCFLQDGTKTVEYAPCRSQDIDADGQGFCQGGFS
IDFTKADRVLLGGPGSFYWQGQLISDQVAEIVSKYDPNVYSIKYNNQLATRTAQAIFDDSYLGYSVAVGDFNGDGIDDFV
SGVPRAARTLGMVYIYDGKNMSSLYNFTGEQMAAYFGFSVAATDINGDDYADVFIGAPLFMDRGSDGKLQEVGQVSVSLQ
RASGDFQTTKLNGFEVFARFGSAIAPLGDLDQDGFNDIAIAAPYGGEDKKGIVYIFNGRSTGLNAVPSQILEGQWAARSM
PPSFGYSMKGATDIDKNGYPDLIVGAFGVDRAILYRARPVITVNAGLEVYPSILNQDNKTCSLPGTALKVSCFNVRFCLK
ADGKGVLPRKLNFQVELLLDKLKQKGAIRRALFLYSRSPSHSKNMTISRGGLMQCEELIAYLRDESEFRDKLTPITIFME
YRLDYRTAADTTGLQPILNQFTPANISRQAHILLDCGEDNVCKPKLEVSVDSDQKKIYIGDDNPLTLIVKAQNQGEGAYE
AELIVSIPLQADFIGVVRNNEALARLSCAFKTENQTRQVVCDLGNPMKAGTQLLAGLRFSVHQQSEMDTSVKFDLQIQSS
NLFDKVSPVVSHKVDLAVLAAVEIRGVSSPDHVFLPIPNWEHKENPETEEDVGPVVQHIYELRNNGPSSFSKAMLHLQWP
YKYNNNTLLYILHYDIDGPMNCTSDMEINPLRIKISSLQTTEKNDTVAGQGERDHLITKRDLALSEGDIHTLGCGVAQCL
KIVCQVGRLDRGKSAILYVKSLLWTETFMNKENQNHSYSLKSSASFNVIEFPYKNLPIEDITNSTLVTTNVTWG
;
A
2 'polypeptide(L)'
;ICTTRGVSSCQQCLAVSPMCAWCSDEALPLGSPRCDLKENLLKDNCAPESIEFPVSEARVLEDRPLSDKGSGDSSQVTQV
SPQRIALRLRPDDSKNFSIQVRQVEDYPVDIYYLMDLSYSMKDDLWSIQNLGTKLATQMRKLTSNLRIGFGAFVDKPVSP
YMYISPPEALENPCYDMKTTCLPMFGYKHVLTLTDQVTRFNEEVKKQSVSRNRDAPEGGFDAIMQATVCDEKIGWRNDAS
HLLVFTTDAKTHIALDGRLAGIVQPNDGQCHVGSDNHYSASTTMDYPSLGLMTEKLSQKNINLIFAVTENVVNLYQNYSE
LIPGTTVGVLSMDSSNVLQLIVDAYGKIRSKVELEVRDLPEELSLSFNATCLNNEVIPGLKSCMGLKIGDTVSFSIEAKV
RGCPQEKEKSFTIKPVGFKDSLIVQVTFDCDCACQAQAEPNSHRCNNGNGTFECGVCRCGPGWLGSQCECSEEDYRPSQQ
DECSPREGQPVCSQRGECLCGQCVCHSSDFGKITGKYCECDDFSCVRYKGEMCSGHGQCSCGDCLCDSDWTGYYCNCTTR
TDTCMSSNGLLCSGRGKCECGSCVCIQPGSYGDTCEKCPTCPDACTFKKECVECKKFDRGALHDENTCNRYCRDEIESVK
ELKDTGKDAVNCTYKNEDDCVVRFQYYEDSSGKSILYVVEEPECPKG
;
B
#
loop_
_chem_comp.id
_chem_comp.type
_chem_comp.name
_chem_comp.formula
BMA D-saccharide, beta linking beta-D-mannopyranose 'C6 H12 O6'
JUY non-polymer '(2S)-2-[(1,3-benzothiazole-2-carbonyl)amino]-4-{[5-(1,8-naphthyridin-2-yl)pentanoyl]amino}butanoic acid' 'C25 H25 N5 O4 S'
MAN D-saccharide, alpha linking alpha-D-mannopyranose 'C6 H12 O6'
MN non-polymer 'MANGANESE (II) ION' 'Mn 2'
NAG D-saccharide, beta linking 2-acetamido-2-deoxy-beta-D-glucopyranose 'C8 H15 N O6'
#
# COMPACT_ATOMS: atom_id res chain seq x y z
N PHE A 1 -11.57 -12.78 17.89
CA PHE A 1 -12.93 -12.98 17.40
C PHE A 1 -13.90 -13.27 18.53
N ASN A 2 -13.36 -13.55 19.72
CA ASN A 2 -14.14 -14.01 20.86
C ASN A 2 -14.41 -12.92 21.89
N LEU A 3 -14.17 -11.65 21.54
CA LEU A 3 -14.44 -10.57 22.47
C LEU A 3 -15.92 -10.22 22.46
N ASP A 4 -16.52 -10.17 23.65
CA ASP A 4 -17.93 -9.82 23.76
C ASP A 4 -18.14 -8.33 23.49
N VAL A 5 -19.17 -8.02 22.71
CA VAL A 5 -19.54 -6.65 22.41
C VAL A 5 -20.99 -6.35 22.76
N ASP A 6 -21.73 -7.33 23.29
CA ASP A 6 -23.12 -7.10 23.67
C ASP A 6 -23.23 -6.28 24.96
N SER A 7 -22.64 -6.77 26.04
CA SER A 7 -22.72 -6.13 27.35
C SER A 7 -21.32 -5.98 27.93
N PRO A 8 -20.52 -5.06 27.41
CA PRO A 8 -19.21 -4.78 27.99
C PRO A 8 -19.36 -3.87 29.22
N ALA A 9 -18.23 -3.64 29.89
CA ALA A 9 -18.21 -2.82 31.09
C ALA A 9 -18.02 -1.35 30.71
N GLU A 10 -18.93 -0.50 31.18
CA GLU A 10 -18.93 0.93 30.86
C GLU A 10 -18.42 1.72 32.05
N TYR A 11 -17.38 2.52 31.82
CA TYR A 11 -16.80 3.37 32.86
C TYR A 11 -16.70 4.79 32.33
N SER A 12 -17.00 5.76 33.19
CA SER A 12 -17.03 7.16 32.79
C SER A 12 -16.41 8.02 33.88
N GLY A 13 -15.88 9.17 33.46
CA GLY A 13 -15.33 10.15 34.37
C GLY A 13 -15.88 11.54 34.11
N PRO A 14 -15.51 12.50 34.95
CA PRO A 14 -16.03 13.87 34.76
C PRO A 14 -15.66 14.41 33.39
N GLU A 15 -16.62 15.04 32.74
CA GLU A 15 -16.41 15.48 31.36
C GLU A 15 -15.35 16.58 31.31
N GLY A 16 -14.62 16.61 30.20
CA GLY A 16 -13.52 17.53 30.02
C GLY A 16 -12.24 17.12 30.70
N SER A 17 -12.20 15.96 31.35
CA SER A 17 -11.02 15.51 32.07
C SER A 17 -10.29 14.39 31.34
N TYR A 18 -10.56 14.21 30.05
CA TYR A 18 -9.87 13.21 29.23
C TYR A 18 -9.81 11.84 29.93
N PHE A 19 -10.83 11.52 30.72
CA PHE A 19 -10.91 10.23 31.37
C PHE A 19 -10.78 9.11 30.34
N GLY A 20 -9.70 8.34 30.42
CA GLY A 20 -9.41 7.31 29.45
C GLY A 20 -8.19 7.57 28.59
N PHE A 21 -7.44 8.63 28.84
CA PHE A 21 -6.25 8.91 28.05
C PHE A 21 -5.19 7.82 28.22
N ALA A 22 -5.21 7.12 29.36
CA ALA A 22 -4.31 6.01 29.60
C ALA A 22 -5.02 5.01 30.51
N VAL A 23 -4.86 3.72 30.22
CA VAL A 23 -5.54 2.66 30.94
C VAL A 23 -4.57 1.51 31.20
N ASP A 24 -4.87 0.74 32.24
CA ASP A 24 -4.09 -0.46 32.58
C ASP A 24 -4.86 -1.25 33.62
N PHE A 25 -4.45 -2.50 33.80
CA PHE A 25 -5.00 -3.36 34.84
C PHE A 25 -4.23 -3.19 36.14
N PHE A 26 -4.89 -3.53 37.25
CA PHE A 26 -4.26 -3.53 38.57
C PHE A 26 -4.52 -4.88 39.21
N VAL A 27 -3.45 -5.69 39.31
CA VAL A 27 -3.56 -7.03 39.86
C VAL A 27 -2.68 -7.14 41.10
N PRO A 28 -3.13 -6.61 42.25
CA PRO A 28 -2.29 -6.66 43.45
C PRO A 28 -2.12 -8.08 43.96
N SER A 29 -0.97 -8.32 44.58
CA SER A 29 -0.66 -9.64 45.16
C SER A 29 -1.39 -9.87 46.47
N ALA A 30 -1.78 -8.81 47.17
CA ALA A 30 -2.41 -8.91 48.48
C ALA A 30 -3.93 -9.06 48.41
N SER A 31 -4.47 -9.42 47.25
CA SER A 31 -5.92 -9.53 47.11
C SER A 31 -6.25 -10.41 45.91
N SER A 32 -7.48 -10.91 45.91
CA SER A 32 -8.00 -11.66 44.78
C SER A 32 -8.74 -10.77 43.78
N ARG A 33 -9.16 -9.57 44.20
CA ARG A 33 -9.83 -8.65 43.32
C ARG A 33 -8.84 -8.01 42.35
N MET A 34 -9.36 -7.57 41.20
CA MET A 34 -8.58 -6.86 40.21
C MET A 34 -9.34 -5.61 39.80
N PHE A 35 -8.60 -4.58 39.37
CA PHE A 35 -9.17 -3.27 39.16
C PHE A 35 -8.75 -2.71 37.80
N LEU A 36 -9.41 -1.63 37.41
CA LEU A 36 -9.02 -0.83 36.26
C LEU A 36 -8.28 0.41 36.75
N LEU A 37 -7.15 0.71 36.14
CA LEU A 37 -6.45 1.98 36.35
C LEU A 37 -6.70 2.85 35.12
N VAL A 38 -7.41 3.95 35.32
CA VAL A 38 -7.79 4.84 34.23
C VAL A 38 -7.22 6.22 34.53
N GLY A 39 -6.26 6.66 33.72
CA GLY A 39 -5.72 7.99 33.87
C GLY A 39 -6.67 9.03 33.30
N ALA A 40 -6.74 10.18 33.97
CA ALA A 40 -7.63 11.27 33.58
C ALA A 40 -6.93 12.59 33.80
N PRO A 41 -5.97 12.94 32.94
CA PRO A 41 -5.36 14.27 33.02
C PRO A 41 -6.37 15.35 32.68
N LYS A 42 -6.12 16.54 33.20
CA LYS A 42 -7.01 17.70 33.11
C LYS A 42 -8.15 17.59 34.12
N ALA A 43 -8.25 16.50 34.88
CA ALA A 43 -9.24 16.40 35.93
C ALA A 43 -8.88 17.33 37.09
N ASN A 44 -9.90 17.95 37.68
CA ASN A 44 -9.68 18.82 38.82
C ASN A 44 -9.57 18.00 40.11
N THR A 45 -8.76 18.50 41.03
CA THR A 45 -8.45 17.80 42.27
C THR A 45 -8.61 18.73 43.46
N THR A 46 -8.61 18.12 44.64
CA THR A 46 -8.65 18.87 45.89
C THR A 46 -7.31 19.52 46.24
N GLN A 47 -6.35 19.50 45.32
CA GLN A 47 -5.05 20.11 45.57
C GLN A 47 -5.21 21.62 45.64
N PRO A 48 -4.79 22.26 46.74
CA PRO A 48 -5.06 23.69 46.91
C PRO A 48 -4.35 24.54 45.85
N GLY A 49 -5.14 25.31 45.11
CA GLY A 49 -4.62 26.21 44.10
C GLY A 49 -4.23 25.56 42.79
N ILE A 50 -4.39 24.24 42.66
CA ILE A 50 -4.00 23.52 41.46
C ILE A 50 -5.22 23.36 40.57
N VAL A 51 -5.17 23.95 39.38
CA VAL A 51 -6.24 23.86 38.39
C VAL A 51 -5.92 22.75 37.41
N GLU A 52 -6.79 21.75 37.33
CA GLU A 52 -6.65 20.63 36.41
C GLU A 52 -5.31 19.91 36.62
N GLY A 53 -5.09 19.48 37.86
CA GLY A 53 -3.89 18.72 38.16
C GLY A 53 -3.89 17.34 37.54
N GLY A 54 -5.06 16.73 37.42
CA GLY A 54 -5.15 15.39 36.86
C GLY A 54 -5.29 14.33 37.95
N GLN A 55 -5.85 13.19 37.56
CA GLN A 55 -6.11 12.10 38.48
C GLN A 55 -5.75 10.78 37.83
N VAL A 56 -5.75 9.73 38.65
CA VAL A 56 -5.66 8.34 38.19
C VAL A 56 -6.66 7.54 39.01
N LEU A 57 -7.78 7.18 38.41
CA LEU A 57 -8.88 6.56 39.14
C LEU A 57 -8.77 5.05 39.15
N LYS A 58 -9.22 4.45 40.26
CA LYS A 58 -9.25 3.00 40.42
C LYS A 58 -10.71 2.55 40.31
N CYS A 59 -11.06 1.94 39.19
CA CYS A 59 -12.40 1.41 38.97
C CYS A 59 -12.39 -0.10 39.16
N ASP A 60 -13.44 -0.62 39.78
CA ASP A 60 -13.51 -2.03 40.12
C ASP A 60 -14.44 -2.79 39.18
N TRP A 61 -14.12 -4.06 38.97
CA TRP A 61 -14.96 -4.97 38.21
C TRP A 61 -16.12 -5.52 39.03
N SER A 62 -16.35 -4.97 40.22
CA SER A 62 -17.39 -5.41 41.15
C SER A 62 -18.80 -5.18 40.61
N SER A 63 -18.94 -4.69 39.38
CA SER A 63 -20.19 -4.41 38.70
C SER A 63 -20.85 -3.13 39.21
N THR A 64 -20.31 -2.47 40.23
CA THR A 64 -20.80 -1.16 40.63
C THR A 64 -20.34 -0.06 39.68
N ARG A 65 -19.31 -0.33 38.88
CA ARG A 65 -18.83 0.61 37.88
C ARG A 65 -18.39 1.93 38.49
N ARG A 66 -17.92 1.89 39.74
CA ARG A 66 -17.55 3.08 40.49
C ARG A 66 -16.04 3.28 40.43
N CYS A 67 -15.62 4.51 40.14
CA CYS A 67 -14.21 4.86 40.06
C CYS A 67 -13.85 5.79 41.22
N GLN A 68 -12.76 5.48 41.91
CA GLN A 68 -12.28 6.25 43.03
C GLN A 68 -10.86 6.76 42.75
N PRO A 69 -10.62 8.07 42.87
CA PRO A 69 -9.26 8.58 42.63
C PRO A 69 -8.27 8.02 43.64
N ILE A 70 -7.05 7.77 43.17
CA ILE A 70 -5.97 7.29 44.03
C ILE A 70 -5.23 8.50 44.61
N GLU A 71 -5.04 8.50 45.92
CA GLU A 71 -4.35 9.59 46.60
C GLU A 71 -2.85 9.46 46.32
N PHE A 72 -2.35 10.22 45.35
CA PHE A 72 -0.93 10.22 45.03
C PHE A 72 -0.21 11.40 45.68
N ASP A 73 -0.69 12.63 45.43
CA ASP A 73 0.01 13.85 45.85
C ASP A 73 -0.77 14.63 46.91
N ALA A 74 -1.99 15.07 46.58
CA ALA A 74 -2.85 15.71 47.56
C ALA A 74 -2.32 17.05 48.05
N THR A 75 -1.17 17.49 47.55
CA THR A 75 -0.56 18.73 48.01
C THR A 75 -0.54 19.77 46.90
N GLY A 76 -0.21 21.00 47.29
CA GLY A 76 -0.06 22.11 46.37
C GLY A 76 1.38 22.32 45.96
N ASN A 77 1.68 23.55 45.56
CA ASN A 77 3.01 23.89 45.07
C ASN A 77 3.94 24.21 46.24
N ARG A 78 5.01 23.44 46.37
CA ARG A 78 6.06 23.77 47.31
C ARG A 78 6.74 25.08 46.90
N ASP A 79 7.32 25.77 47.87
CA ASP A 79 7.86 27.11 47.68
C ASP A 79 9.37 27.10 47.70
N TYR A 80 9.96 27.85 46.75
CA TYR A 80 11.39 28.15 46.78
C TYR A 80 11.71 29.33 47.68
N ALA A 81 10.72 30.16 47.97
CA ALA A 81 10.84 31.30 48.87
C ALA A 81 9.43 31.81 49.15
N LYS A 82 9.32 32.92 49.86
CA LYS A 82 8.02 33.50 50.16
C LYS A 82 7.42 34.09 48.88
N ASP A 83 6.23 33.63 48.52
CA ASP A 83 5.57 34.08 47.28
C ASP A 83 6.45 33.81 46.06
N ASP A 84 7.07 32.63 46.03
CA ASP A 84 7.94 32.24 44.92
C ASP A 84 7.88 30.73 44.79
N PRO A 85 6.94 30.21 44.01
CA PRO A 85 6.76 28.75 43.94
C PRO A 85 7.95 28.04 43.31
N LEU A 86 8.18 26.81 43.76
CA LEU A 86 9.21 25.94 43.20
C LEU A 86 8.67 25.06 42.10
N GLU A 87 7.44 24.59 42.24
CA GLU A 87 6.74 23.81 41.23
C GLU A 87 5.40 24.49 40.95
N PHE A 88 4.75 24.06 39.87
CA PHE A 88 3.51 24.72 39.47
C PHE A 88 2.32 23.77 39.36
N LYS A 89 2.51 22.58 38.79
CA LYS A 89 1.60 21.47 39.02
C LYS A 89 0.20 21.69 38.47
N SER A 90 -0.07 22.86 37.91
CA SER A 90 -1.35 23.11 37.25
C SER A 90 -1.24 22.79 35.77
N HIS A 91 -2.26 22.12 35.24
CA HIS A 91 -2.24 21.66 33.85
C HIS A 91 -1.01 20.80 33.59
N GLN A 92 -0.64 20.00 34.59
CA GLN A 92 0.53 19.13 34.49
C GLN A 92 0.24 17.81 33.80
N TRP A 93 -1.03 17.49 33.55
CA TRP A 93 -1.39 16.25 32.86
C TRP A 93 -1.00 15.02 33.67
N PHE A 94 -1.22 15.07 34.99
CA PHE A 94 -0.96 13.90 35.82
C PHE A 94 -1.94 12.80 35.47
N GLY A 95 -1.43 11.65 35.05
CA GLY A 95 -2.25 10.57 34.56
C GLY A 95 -2.16 10.35 33.06
N ALA A 96 -1.33 11.12 32.36
CA ALA A 96 -1.15 10.90 30.93
C ALA A 96 -0.51 9.55 30.64
N SER A 97 0.14 8.94 31.64
CA SER A 97 0.71 7.61 31.49
C SER A 97 0.56 6.89 32.82
N VAL A 98 0.02 5.67 32.77
CA VAL A 98 -0.21 4.88 33.98
C VAL A 98 0.16 3.44 33.66
N ARG A 99 1.10 2.89 34.43
CA ARG A 99 1.45 1.47 34.32
C ARG A 99 1.68 0.93 35.72
N SER A 100 1.59 -0.39 35.86
CA SER A 100 1.68 -0.99 37.17
C SER A 100 2.26 -2.39 37.08
N LYS A 101 3.32 -2.64 37.85
CA LYS A 101 3.73 -4.00 38.15
C LYS A 101 2.73 -4.59 39.15
N GLN A 102 3.02 -5.79 39.64
CA GLN A 102 2.07 -6.54 40.46
C GLN A 102 1.34 -5.66 41.48
N ASP A 103 2.07 -5.04 42.40
CA ASP A 103 1.47 -4.32 43.50
C ASP A 103 1.78 -2.83 43.50
N LYS A 104 2.60 -2.36 42.56
CA LYS A 104 3.06 -0.98 42.52
C LYS A 104 2.45 -0.25 41.33
N ILE A 105 1.99 0.98 41.57
CA ILE A 105 1.34 1.81 40.56
C ILE A 105 2.23 3.01 40.27
N LEU A 106 2.56 3.22 39.00
CA LEU A 106 3.38 4.33 38.55
C LEU A 106 2.57 5.23 37.63
N ALA A 107 2.44 6.51 37.99
CA ALA A 107 1.75 7.49 37.19
C ALA A 107 2.60 8.75 37.11
N CYS A 108 2.54 9.42 35.96
CA CYS A 108 3.43 10.55 35.69
C CYS A 108 2.62 11.76 35.22
N ALA A 109 3.25 12.92 35.32
CA ALA A 109 2.67 14.19 34.89
C ALA A 109 3.66 14.85 33.95
N PRO A 110 3.59 14.55 32.65
CA PRO A 110 4.66 14.99 31.73
C PRO A 110 4.69 16.49 31.49
N LEU A 111 3.71 17.26 31.95
CA LEU A 111 3.71 18.70 31.79
C LEU A 111 3.89 19.42 33.12
N TYR A 112 4.41 18.72 34.13
CA TYR A 112 4.78 19.36 35.39
C TYR A 112 5.94 20.32 35.16
N HIS A 113 5.81 21.53 35.69
CA HIS A 113 6.81 22.57 35.49
C HIS A 113 7.58 22.84 36.78
N TRP A 114 8.79 23.36 36.62
CA TRP A 114 9.74 23.49 37.72
C TRP A 114 10.41 24.85 37.66
N ARG A 115 10.78 25.36 38.83
CA ARG A 115 11.36 26.68 38.96
C ARG A 115 12.87 26.71 38.72
N THR A 116 13.54 25.56 38.81
CA THR A 116 14.97 25.33 38.57
C THR A 116 15.85 25.76 39.74
N GLU A 117 15.32 26.46 40.75
CA GLU A 117 16.06 26.71 41.99
C GLU A 117 17.30 27.58 41.78
N MET A 118 17.55 28.02 40.54
CA MET A 118 18.66 28.93 40.26
C MET A 118 18.17 30.28 39.76
N LYS A 119 17.38 30.29 38.68
CA LYS A 119 16.74 31.48 38.17
C LYS A 119 15.25 31.22 38.07
N GLN A 120 14.46 32.29 38.06
CA GLN A 120 13.01 32.14 37.98
C GLN A 120 12.63 31.62 36.59
N GLU A 121 12.17 30.37 36.53
CA GLU A 121 11.83 29.72 35.29
C GLU A 121 10.59 28.85 35.48
N ARG A 122 10.06 28.36 34.37
CA ARG A 122 8.94 27.40 34.38
C ARG A 122 9.26 26.37 33.30
N GLU A 123 9.96 25.31 33.67
CA GLU A 123 10.46 24.34 32.71
C GLU A 123 9.71 23.03 32.83
N PRO A 124 9.15 22.50 31.74
CA PRO A 124 8.39 21.25 31.83
C PRO A 124 9.29 20.05 32.03
N VAL A 125 9.74 19.83 33.26
CA VAL A 125 10.60 18.70 33.56
C VAL A 125 9.81 17.41 33.65
N GLY A 126 8.63 17.46 34.24
CA GLY A 126 7.83 16.26 34.42
C GLY A 126 8.20 15.53 35.70
N THR A 127 7.19 14.88 36.29
CA THR A 127 7.39 14.11 37.51
C THR A 127 6.48 12.90 37.48
N CYS A 128 6.81 11.92 38.31
CA CYS A 128 6.01 10.71 38.47
C CYS A 128 5.75 10.47 39.95
N PHE A 129 4.88 9.51 40.22
CA PHE A 129 4.56 9.11 41.59
C PHE A 129 4.41 7.59 41.63
N LEU A 130 5.28 6.92 42.37
CA LEU A 130 5.24 5.48 42.53
C LEU A 130 4.59 5.15 43.87
N GLN A 131 3.46 4.47 43.82
CA GLN A 131 2.71 4.10 45.02
C GLN A 131 2.73 2.60 45.22
N ASP A 132 2.95 2.18 46.47
CA ASP A 132 2.97 0.77 46.84
C ASP A 132 2.22 0.64 48.16
N GLY A 133 0.96 0.20 48.09
CA GLY A 133 0.14 0.15 49.29
C GLY A 133 -0.21 1.53 49.80
N THR A 134 0.42 1.95 50.89
CA THR A 134 0.17 3.26 51.47
C THR A 134 1.31 4.24 51.26
N LYS A 135 2.53 3.77 51.00
CA LYS A 135 3.63 4.69 50.78
C LYS A 135 3.62 5.20 49.35
N THR A 136 4.04 6.46 49.19
CA THR A 136 4.03 7.11 47.88
C THR A 136 5.30 7.95 47.75
N VAL A 137 6.22 7.52 46.91
CA VAL A 137 7.42 8.27 46.62
C VAL A 137 7.21 9.04 45.33
N GLU A 138 8.01 10.08 45.14
CA GLU A 138 8.00 10.88 43.91
C GLU A 138 9.25 10.58 43.11
N TYR A 139 9.07 10.22 41.85
CA TYR A 139 10.17 9.85 40.95
C TYR A 139 10.21 10.87 39.81
N ALA A 140 11.17 11.79 39.87
CA ALA A 140 11.34 12.84 38.88
C ALA A 140 12.79 12.85 38.40
N PRO A 141 13.20 11.83 37.66
CA PRO A 141 14.62 11.73 37.29
C PRO A 141 15.13 12.90 36.47
N CYS A 142 14.26 13.59 35.75
CA CYS A 142 14.67 14.73 34.93
C CYS A 142 14.71 16.04 35.70
N ARG A 143 14.26 16.05 36.95
CA ARG A 143 14.30 17.26 37.78
C ARG A 143 15.67 17.33 38.48
N SER A 144 16.68 17.58 37.67
CA SER A 144 18.07 17.54 38.09
C SER A 144 18.67 18.95 38.06
N GLN A 145 19.97 19.03 38.31
CA GLN A 145 20.71 20.28 38.23
C GLN A 145 21.10 20.64 36.80
N ASP A 146 20.76 19.80 35.82
CA ASP A 146 20.96 20.07 34.40
C ASP A 146 19.69 20.74 33.89
N ILE A 147 19.67 22.07 33.90
CA ILE A 147 18.42 22.83 33.95
C ILE A 147 17.83 23.15 32.59
N ASP A 148 18.54 23.93 31.79
CA ASP A 148 17.92 24.63 30.67
C ASP A 148 17.60 23.65 29.52
N ALA A 149 17.18 24.21 28.39
CA ALA A 149 16.78 23.39 27.24
C ALA A 149 17.90 22.53 26.70
N ASP A 150 19.16 22.92 26.92
CA ASP A 150 20.27 22.07 26.56
C ASP A 150 20.54 20.99 27.60
N GLY A 151 19.75 20.95 28.67
CA GLY A 151 19.87 19.92 29.67
C GLY A 151 18.63 19.05 29.74
N GLN A 152 17.91 19.09 30.87
CA GLN A 152 16.74 18.25 31.06
C GLN A 152 15.53 19.05 31.49
N GLY A 153 15.54 20.37 31.30
CA GLY A 153 14.45 21.20 31.80
C GLY A 153 13.15 21.00 31.05
N PHE A 154 13.23 20.65 29.77
CA PHE A 154 12.06 20.38 28.95
C PHE A 154 11.90 18.90 28.65
N CYS A 155 12.54 18.05 29.45
CA CYS A 155 12.56 16.62 29.18
C CYS A 155 11.17 16.01 29.19
N GLN A 156 10.27 16.54 30.02
CA GLN A 156 8.94 15.97 30.17
C GLN A 156 9.02 14.47 30.46
N GLY A 157 9.83 14.13 31.45
CA GLY A 157 9.98 12.73 31.81
C GLY A 157 8.67 12.15 32.31
N GLY A 158 8.44 10.89 31.97
CA GLY A 158 7.16 10.26 32.22
C GLY A 158 6.19 10.36 31.06
N PHE A 159 6.60 10.98 29.95
CA PHE A 159 5.78 10.98 28.76
C PHE A 159 5.32 9.58 28.40
N SER A 160 6.20 8.60 28.58
CA SER A 160 5.88 7.18 28.42
C SER A 160 6.67 6.40 29.46
N ILE A 161 6.05 5.33 29.99
CA ILE A 161 6.64 4.55 31.06
C ILE A 161 6.37 3.07 30.83
N ASP A 162 7.15 2.24 31.51
CA ASP A 162 6.97 0.79 31.44
C ASP A 162 7.80 0.14 32.54
N PHE A 163 7.38 -1.06 32.94
CA PHE A 163 8.10 -1.88 33.90
C PHE A 163 8.77 -3.05 33.18
N THR A 164 9.91 -3.48 33.71
CA THR A 164 10.58 -4.68 33.24
C THR A 164 10.23 -5.86 34.13
N LYS A 165 10.70 -7.04 33.74
CA LYS A 165 10.32 -8.26 34.46
C LYS A 165 10.86 -8.28 35.89
N ALA A 166 11.90 -7.49 36.19
CA ALA A 166 12.49 -7.46 37.53
C ALA A 166 12.56 -6.01 38.03
N ASP A 167 11.44 -5.52 38.53
CA ASP A 167 11.36 -4.26 39.29
C ASP A 167 12.31 -3.19 38.76
N ARG A 168 12.19 -2.90 37.47
CA ARG A 168 12.93 -1.81 36.87
C ARG A 168 12.00 -1.02 35.97
N VAL A 169 12.03 0.31 36.10
CA VAL A 169 11.17 1.18 35.33
C VAL A 169 11.93 1.70 34.12
N LEU A 170 11.20 1.89 33.02
CA LEU A 170 11.75 2.50 31.81
C LEU A 170 10.97 3.78 31.56
N LEU A 171 11.65 4.91 31.67
CA LEU A 171 11.03 6.23 31.56
C LEU A 171 11.60 6.96 30.36
N GLY A 172 10.73 7.55 29.56
CA GLY A 172 11.11 8.30 28.38
C GLY A 172 10.80 9.77 28.55
N GLY A 173 11.77 10.61 28.19
CA GLY A 173 11.59 12.04 28.16
C GLY A 173 12.01 12.60 26.82
N PRO A 174 11.03 13.11 26.06
CA PRO A 174 11.30 13.55 24.68
C PRO A 174 11.93 14.93 24.57
N GLY A 175 12.12 15.65 25.68
CA GLY A 175 12.60 17.01 25.58
C GLY A 175 14.03 17.23 26.03
N SER A 176 14.71 16.18 26.47
CA SER A 176 16.06 16.33 26.98
C SER A 176 17.02 16.71 25.87
N PHE A 177 17.92 17.64 26.16
CA PHE A 177 19.01 18.00 25.25
C PHE A 177 18.47 18.52 23.91
N TYR A 178 17.68 19.59 24.00
CA TYR A 178 17.01 20.18 22.85
C TYR A 178 16.21 19.12 22.08
N TRP A 179 15.37 18.40 22.83
CA TRP A 179 14.39 17.48 22.25
C TRP A 179 15.04 16.35 21.47
N GLN A 180 16.28 16.01 21.80
CA GLN A 180 16.85 14.77 21.29
C GLN A 180 16.11 13.56 21.84
N GLY A 181 15.69 13.63 23.10
CA GLY A 181 15.08 12.52 23.79
C GLY A 181 16.03 11.88 24.79
N GLN A 182 15.46 11.09 25.69
CA GLN A 182 16.28 10.44 26.72
C GLN A 182 15.49 9.28 27.32
N LEU A 183 16.17 8.17 27.55
CA LEU A 183 15.62 7.04 28.28
C LEU A 183 16.35 6.94 29.62
N ILE A 184 15.58 6.78 30.70
CA ILE A 184 16.13 6.66 32.05
C ILE A 184 15.52 5.43 32.69
N SER A 185 16.37 4.56 33.23
CA SER A 185 15.94 3.32 33.86
C SER A 185 16.47 3.26 35.28
N ASP A 186 15.58 2.99 36.23
CA ASP A 186 15.92 2.98 37.64
C ASP A 186 15.31 1.75 38.31
N GLN A 187 16.02 1.20 39.30
CA GLN A 187 15.49 0.09 40.07
C GLN A 187 14.37 0.59 40.98
N VAL A 188 13.25 -0.14 40.98
CA VAL A 188 12.11 0.28 41.80
C VAL A 188 12.51 0.39 43.26
N ALA A 189 13.40 -0.51 43.71
CA ALA A 189 13.89 -0.42 45.08
C ALA A 189 14.66 0.87 45.30
N GLU A 190 15.52 1.23 44.36
CA GLU A 190 16.25 2.49 44.47
C GLU A 190 15.29 3.67 44.49
N ILE A 191 14.23 3.61 43.68
CA ILE A 191 13.26 4.70 43.64
C ILE A 191 12.58 4.90 44.99
N VAL A 192 12.38 3.81 45.72
CA VAL A 192 11.68 3.90 47.00
C VAL A 192 12.65 4.11 48.16
N SER A 193 13.78 3.38 48.16
CA SER A 193 14.68 3.44 49.30
C SER A 193 15.45 4.76 49.36
N LYS A 194 15.73 5.37 48.22
CA LYS A 194 16.51 6.60 48.16
C LYS A 194 15.64 7.86 48.13
N TYR A 195 14.32 7.72 48.33
CA TYR A 195 13.45 8.89 48.26
C TYR A 195 13.63 9.76 49.50
N ASP A 196 13.76 11.06 49.28
CA ASP A 196 13.92 12.02 50.36
C ASP A 196 13.06 13.24 50.05
N PRO A 197 12.02 13.52 50.85
CA PRO A 197 11.14 14.65 50.55
C PRO A 197 11.85 16.00 50.63
N ASN A 198 13.00 16.06 51.29
CA ASN A 198 13.76 17.30 51.43
C ASN A 198 14.86 17.42 50.38
N VAL A 199 14.79 16.65 49.31
CA VAL A 199 15.76 16.71 48.22
C VAL A 199 15.00 16.62 46.91
N TYR A 200 15.09 17.68 46.10
CA TYR A 200 14.35 17.74 44.85
C TYR A 200 15.06 17.00 43.72
N SER A 201 16.38 16.88 43.79
CA SER A 201 17.18 16.20 42.77
C SER A 201 17.91 15.04 43.44
N ILE A 202 17.46 13.82 43.14
CA ILE A 202 17.96 12.61 43.79
C ILE A 202 18.84 11.85 42.81
N LYS A 203 20.00 11.39 43.29
CA LYS A 203 20.85 10.51 42.52
C LYS A 203 20.57 9.07 42.91
N TYR A 204 20.38 8.22 41.91
CA TYR A 204 20.10 6.81 42.12
C TYR A 204 21.27 5.96 41.66
N ASN A 205 21.58 4.92 42.43
CA ASN A 205 22.60 3.98 42.02
C ASN A 205 22.02 2.96 41.04
N ASN A 206 22.84 2.53 40.10
CA ASN A 206 22.42 1.62 39.04
C ASN A 206 21.44 2.28 38.07
N GLN A 207 21.51 3.60 37.95
CA GLN A 207 20.65 4.31 37.01
C GLN A 207 21.24 4.22 35.62
N LEU A 208 20.49 3.61 34.70
CA LEU A 208 20.85 3.59 33.29
C LEU A 208 20.16 4.75 32.58
N ALA A 209 20.92 5.43 31.71
CA ALA A 209 20.38 6.61 31.04
C ALA A 209 21.17 6.89 29.77
N THR A 210 20.46 7.21 28.70
CA THR A 210 21.10 7.71 27.49
C THR A 210 21.59 9.14 27.70
N ARG A 211 22.66 9.49 27.01
CA ARG A 211 23.32 10.77 27.21
C ARG A 211 23.06 11.69 26.03
N THR A 212 23.49 12.94 26.18
CA THR A 212 23.35 13.92 25.11
C THR A 212 24.19 13.52 23.90
N ALA A 213 23.89 14.14 22.76
CA ALA A 213 24.55 13.79 21.51
C ALA A 213 24.67 15.05 20.66
N GLN A 214 25.15 14.87 19.42
CA GLN A 214 25.39 15.98 18.53
C GLN A 214 24.07 16.67 18.16
N ALA A 215 24.19 17.94 17.77
CA ALA A 215 23.01 18.76 17.52
C ALA A 215 22.16 18.22 16.38
N ILE A 216 22.78 17.48 15.44
CA ILE A 216 22.02 16.95 14.31
C ILE A 216 20.93 15.98 14.75
N PHE A 217 20.97 15.53 16.00
CA PHE A 217 19.96 14.65 16.55
C PHE A 217 18.87 15.40 17.32
N ASP A 218 18.93 16.73 17.36
CA ASP A 218 17.92 17.49 18.07
C ASP A 218 16.54 17.24 17.47
N ASP A 219 15.52 17.53 18.27
CA ASP A 219 14.13 17.50 17.81
C ASP A 219 13.78 16.13 17.24
N SER A 220 14.28 15.07 17.88
CA SER A 220 13.95 13.70 17.49
C SER A 220 12.86 13.09 18.35
N TYR A 221 12.72 13.54 19.59
CA TYR A 221 11.65 13.09 20.49
C TYR A 221 11.85 11.63 20.92
N LEU A 222 13.10 11.26 21.22
CA LEU A 222 13.36 9.94 21.79
C LEU A 222 12.65 9.81 23.13
N GLY A 223 12.03 8.65 23.35
CA GLY A 223 11.21 8.44 24.51
C GLY A 223 9.75 8.79 24.32
N TYR A 224 9.32 9.06 23.09
CA TYR A 224 7.91 9.30 22.82
C TYR A 224 7.06 8.12 23.26
N SER A 225 7.59 6.90 23.09
CA SER A 225 6.91 5.68 23.51
C SER A 225 7.97 4.68 23.96
N VAL A 226 7.54 3.71 24.77
CA VAL A 226 8.46 2.74 25.35
C VAL A 226 7.78 1.36 25.43
N ALA A 227 8.57 0.32 25.19
CA ALA A 227 8.16 -1.06 25.41
C ALA A 227 9.39 -1.84 25.87
N VAL A 228 9.15 -2.98 26.51
CA VAL A 228 10.23 -3.79 27.05
C VAL A 228 10.15 -5.20 26.48
N GLY A 229 11.32 -5.82 26.36
CA GLY A 229 11.43 -7.16 25.81
C GLY A 229 12.88 -7.56 25.63
N ASP A 230 13.15 -8.86 25.55
CA ASP A 230 14.52 -9.35 25.41
C ASP A 230 14.85 -9.55 23.94
N PHE A 231 15.99 -9.01 23.51
CA PHE A 231 16.41 -9.12 22.12
C PHE A 231 17.85 -9.62 21.98
N ASN A 232 18.51 -9.95 23.08
CA ASN A 232 19.68 -10.82 23.10
C ASN A 232 19.37 -11.97 24.06
N GLY A 233 20.37 -12.82 24.30
CA GLY A 233 20.18 -13.98 25.13
C GLY A 233 20.36 -13.77 26.62
N ASP A 234 20.44 -12.52 27.08
CA ASP A 234 20.73 -12.26 28.49
C ASP A 234 19.57 -12.62 29.40
N GLY A 235 18.36 -12.74 28.87
CA GLY A 235 17.20 -12.98 29.71
C GLY A 235 16.66 -11.76 30.42
N ILE A 236 17.30 -10.61 30.27
CA ILE A 236 16.85 -9.37 30.88
C ILE A 236 16.15 -8.53 29.84
N ASP A 237 15.02 -7.94 30.21
CA ASP A 237 14.25 -7.14 29.27
C ASP A 237 15.04 -5.93 28.81
N ASP A 238 15.06 -5.71 27.50
CA ASP A 238 15.75 -4.56 26.91
C ASP A 238 14.76 -3.43 26.66
N PHE A 239 15.31 -2.28 26.27
CA PHE A 239 14.55 -1.05 26.14
C PHE A 239 14.22 -0.79 24.67
N VAL A 240 12.93 -0.67 24.37
CA VAL A 240 12.45 -0.28 23.05
C VAL A 240 11.82 1.11 23.18
N SER A 241 12.14 1.98 22.23
CA SER A 241 11.63 3.35 22.26
C SER A 241 11.49 3.89 20.85
N GLY A 242 10.40 4.62 20.61
CA GLY A 242 10.17 5.23 19.32
C GLY A 242 10.74 6.65 19.27
N VAL A 243 11.37 6.96 18.15
CA VAL A 243 11.91 8.30 17.90
C VAL A 243 11.23 8.85 16.66
N PRO A 244 10.02 9.40 16.77
CA PRO A 244 9.21 9.67 15.57
C PRO A 244 9.76 10.77 14.67
N ARG A 245 10.65 11.63 15.17
CA ARG A 245 11.19 12.72 14.37
C ARG A 245 12.64 12.50 13.94
N ALA A 246 13.25 11.38 14.31
CA ALA A 246 14.64 11.15 13.97
C ALA A 246 14.79 11.00 12.46
N ALA A 247 16.02 11.24 12.00
CA ALA A 247 16.39 11.06 10.59
C ALA A 247 15.44 11.84 9.68
N ARG A 248 15.45 13.17 9.84
CA ARG A 248 14.68 14.05 8.98
C ARG A 248 13.20 13.68 8.99
N THR A 249 12.68 13.44 10.20
CA THR A 249 11.27 13.09 10.40
C THR A 249 10.88 11.83 9.62
N LEU A 250 11.83 10.94 9.37
CA LEU A 250 11.49 9.61 8.90
C LEU A 250 10.98 8.72 10.03
N GLY A 251 11.36 9.02 11.27
CA GLY A 251 10.99 8.20 12.40
C GLY A 251 11.93 7.03 12.60
N MET A 252 12.40 6.84 13.83
CA MET A 252 13.26 5.72 14.16
C MET A 252 12.76 5.05 15.43
N VAL A 253 13.23 3.82 15.65
CA VAL A 253 12.96 3.08 16.87
C VAL A 253 14.27 2.52 17.38
N TYR A 254 14.65 2.92 18.59
CA TYR A 254 15.90 2.49 19.21
C TYR A 254 15.63 1.31 20.15
N ILE A 255 16.54 0.34 20.14
CA ILE A 255 16.55 -0.74 21.12
C ILE A 255 17.87 -0.67 21.87
N TYR A 256 17.79 -0.49 23.19
CA TYR A 256 18.96 -0.40 24.04
C TYR A 256 19.06 -1.65 24.92
N ASP A 257 20.30 -2.03 25.23
CA ASP A 257 20.53 -3.15 26.12
C ASP A 257 20.00 -2.83 27.51
N GLY A 258 19.18 -3.72 28.06
CA GLY A 258 18.60 -3.49 29.36
C GLY A 258 19.58 -3.66 30.51
N LYS A 259 20.87 -3.71 30.19
CA LYS A 259 21.91 -3.91 31.20
C LYS A 259 22.89 -2.75 31.25
N ASN A 260 23.41 -2.31 30.10
CA ASN A 260 24.37 -1.21 30.06
C ASN A 260 23.89 -0.05 29.20
N MET A 261 22.64 -0.08 28.73
CA MET A 261 22.06 1.01 27.93
C MET A 261 22.88 1.27 26.66
N SER A 262 23.42 0.21 26.08
CA SER A 262 24.12 0.29 24.81
C SER A 262 23.17 -0.06 23.67
N SER A 263 23.36 0.60 22.53
CA SER A 263 22.49 0.38 21.39
C SER A 263 22.58 -1.07 20.90
N LEU A 264 21.43 -1.63 20.53
CA LEU A 264 21.37 -2.98 19.98
C LEU A 264 20.90 -2.99 18.53
N TYR A 265 19.72 -2.44 18.25
CA TYR A 265 19.16 -2.46 16.91
C TYR A 265 18.47 -1.13 16.64
N ASN A 266 18.25 -0.87 15.35
CA ASN A 266 17.53 0.32 14.91
C ASN A 266 16.53 -0.05 13.82
N PHE A 267 15.39 0.62 13.85
CA PHE A 267 14.41 0.56 12.78
C PHE A 267 14.20 1.97 12.23
N THR A 268 14.00 2.07 10.92
CA THR A 268 13.81 3.36 10.27
C THR A 268 12.55 3.32 9.41
N GLY A 269 11.79 4.41 9.45
CA GLY A 269 10.60 4.52 8.63
C GLY A 269 10.94 4.71 7.16
N GLU A 270 9.92 4.55 6.33
CA GLU A 270 10.06 4.68 4.88
C GLU A 270 9.49 5.97 4.34
N GLN A 271 8.70 6.71 5.12
CA GLN A 271 8.01 7.90 4.63
C GLN A 271 8.09 9.00 5.67
N MET A 272 8.41 10.21 5.22
CA MET A 272 8.58 11.32 6.14
C MET A 272 7.26 11.76 6.74
N ALA A 273 7.32 12.22 7.98
CA ALA A 273 6.17 12.78 8.69
C ALA A 273 5.11 11.72 8.97
N ALA A 274 5.38 10.47 8.57
CA ALA A 274 4.45 9.39 8.90
C ALA A 274 4.45 9.05 10.38
N TYR A 275 5.36 9.62 11.16
CA TYR A 275 5.46 9.38 12.60
C TYR A 275 5.68 7.89 12.90
N PHE A 276 6.67 7.32 12.22
CA PHE A 276 7.16 5.99 12.55
C PHE A 276 7.74 6.01 13.95
N GLY A 277 7.08 5.34 14.90
CA GLY A 277 7.50 5.34 16.28
C GLY A 277 6.53 6.00 17.23
N PHE A 278 5.38 6.47 16.76
CA PHE A 278 4.36 7.00 17.66
C PHE A 278 3.91 5.95 18.66
N SER A 279 3.96 4.68 18.26
CA SER A 279 3.52 3.57 19.10
C SER A 279 4.48 2.41 18.91
N VAL A 280 4.80 1.72 20.00
CA VAL A 280 5.65 0.54 19.96
C VAL A 280 5.09 -0.50 20.92
N ALA A 281 5.38 -1.77 20.62
CA ALA A 281 4.96 -2.88 21.46
C ALA A 281 5.88 -4.06 21.21
N ALA A 282 5.90 -5.00 22.16
CA ALA A 282 6.76 -6.17 22.08
C ALA A 282 6.01 -7.38 22.62
N THR A 283 5.84 -8.40 21.77
CA THR A 283 5.16 -9.62 22.15
C THR A 283 5.63 -10.75 21.24
N ASP A 284 5.61 -11.98 21.76
CA ASP A 284 5.91 -13.15 20.94
C ASP A 284 4.63 -13.57 20.27
N ILE A 285 4.43 -13.10 19.03
CA ILE A 285 3.20 -13.34 18.28
C ILE A 285 3.24 -14.66 17.51
N ASN A 286 4.35 -15.39 17.57
CA ASN A 286 4.56 -16.59 16.77
C ASN A 286 4.74 -17.85 17.61
N GLY A 287 4.63 -17.76 18.94
CA GLY A 287 4.83 -18.93 19.77
C GLY A 287 6.22 -19.50 19.77
N ASP A 288 7.23 -18.71 19.38
CA ASP A 288 8.61 -19.16 19.32
C ASP A 288 9.43 -18.69 20.50
N ASP A 289 8.81 -18.05 21.50
CA ASP A 289 9.49 -17.57 22.70
C ASP A 289 10.55 -16.51 22.40
N TYR A 290 10.45 -15.85 21.25
CA TYR A 290 11.31 -14.73 20.91
C TYR A 290 10.43 -13.49 20.70
N ALA A 291 10.73 -12.43 21.46
CA ALA A 291 9.92 -11.22 21.42
C ALA A 291 9.96 -10.60 20.03
N ASP A 292 8.80 -10.16 19.56
CA ASP A 292 8.64 -9.61 18.22
C ASP A 292 8.17 -8.17 18.31
N VAL A 293 8.73 -7.30 17.47
CA VAL A 293 8.58 -5.86 17.60
C VAL A 293 7.43 -5.37 16.73
N PHE A 294 6.65 -4.43 17.27
CA PHE A 294 5.56 -3.78 16.56
C PHE A 294 5.75 -2.27 16.66
N ILE A 295 5.73 -1.59 15.51
CA ILE A 295 5.96 -0.16 15.45
C ILE A 295 4.81 0.49 14.70
N GLY A 296 4.39 1.67 15.17
CA GLY A 296 3.23 2.35 14.64
C GLY A 296 3.61 3.62 13.91
N ALA A 297 3.08 3.77 12.69
CA ALA A 297 3.22 4.98 11.89
C ALA A 297 1.82 5.43 11.51
N PRO A 298 1.13 6.13 12.42
CA PRO A 298 -0.30 6.42 12.20
C PRO A 298 -0.58 7.29 11.00
N LEU A 299 0.37 8.09 10.54
CA LEU A 299 0.16 9.00 9.43
C LEU A 299 0.80 8.51 8.14
N PHE A 300 1.15 7.23 8.07
CA PHE A 300 1.75 6.69 6.86
C PHE A 300 0.78 6.79 5.69
N MET A 301 1.29 7.23 4.54
CA MET A 301 0.51 7.36 3.32
C MET A 301 0.92 6.26 2.34
N ASP A 302 -0.03 5.43 1.94
CA ASP A 302 0.17 4.42 0.93
C ASP A 302 -0.52 4.83 -0.36
N ARG A 303 -0.45 3.97 -1.36
CA ARG A 303 -1.03 4.22 -2.68
C ARG A 303 -2.34 3.46 -2.81
N GLY A 304 -3.39 4.15 -3.24
CA GLY A 304 -4.66 3.51 -3.51
C GLY A 304 -4.65 2.80 -4.85
N SER A 305 -5.86 2.45 -5.31
CA SER A 305 -5.99 1.85 -6.63
C SER A 305 -5.55 2.83 -7.71
N ASP A 306 -6.00 4.08 -7.61
CA ASP A 306 -5.64 5.10 -8.59
C ASP A 306 -4.13 5.33 -8.65
N GLY A 307 -3.45 5.21 -7.51
CA GLY A 307 -2.04 5.51 -7.41
C GLY A 307 -1.72 6.76 -6.62
N LYS A 308 -2.72 7.48 -6.13
CA LYS A 308 -2.49 8.67 -5.33
C LYS A 308 -2.14 8.29 -3.90
N LEU A 309 -1.54 9.25 -3.19
CA LEU A 309 -1.20 9.05 -1.78
C LEU A 309 -2.43 9.27 -0.92
N GLN A 310 -2.70 8.33 -0.02
CA GLN A 310 -3.78 8.45 0.95
C GLN A 310 -3.24 8.10 2.32
N GLU A 311 -3.58 8.91 3.32
CA GLU A 311 -3.09 8.70 4.68
C GLU A 311 -3.94 7.64 5.35
N VAL A 312 -3.37 6.45 5.55
CA VAL A 312 -4.05 5.38 6.25
C VAL A 312 -3.26 4.82 7.43
N GLY A 313 -1.96 5.09 7.52
CA GLY A 313 -1.14 4.57 8.60
C GLY A 313 -0.78 3.11 8.38
N GLN A 314 0.41 2.71 8.82
CA GLN A 314 0.83 1.31 8.73
C GLN A 314 1.58 0.93 9.99
N VAL A 315 1.54 -0.37 10.29
CA VAL A 315 2.20 -0.94 11.47
C VAL A 315 3.29 -1.87 11.00
N SER A 316 4.50 -1.69 11.54
CA SER A 316 5.65 -2.51 11.18
C SER A 316 5.73 -3.70 12.13
N VAL A 317 5.59 -4.91 11.58
CA VAL A 317 5.67 -6.14 12.34
C VAL A 317 7.04 -6.77 12.07
N SER A 318 7.86 -6.89 13.12
CA SER A 318 9.23 -7.37 13.00
C SER A 318 9.41 -8.61 13.88
N LEU A 319 9.38 -9.78 13.25
CA LEU A 319 9.67 -11.03 13.95
C LEU A 319 11.16 -11.16 14.21
N GLN A 320 11.52 -11.63 15.39
CA GLN A 320 12.91 -11.77 15.80
C GLN A 320 13.35 -13.21 15.61
N ARG A 321 14.43 -13.39 14.84
CA ARG A 321 15.09 -14.69 14.72
C ARG A 321 16.19 -14.80 15.76
N ALA A 322 16.57 -16.04 16.08
CA ALA A 322 17.63 -16.27 17.05
C ALA A 322 19.01 -15.87 16.52
N SER A 323 19.10 -15.39 15.28
CA SER A 323 20.39 -15.09 14.68
C SER A 323 20.74 -13.61 14.68
N GLY A 324 19.76 -12.72 14.89
CA GLY A 324 20.01 -11.30 14.78
C GLY A 324 18.94 -10.54 14.02
N ASP A 325 19.31 -9.97 12.88
CA ASP A 325 18.40 -9.12 12.12
C ASP A 325 17.04 -9.77 11.96
N PHE A 326 16.02 -8.94 11.85
CA PHE A 326 14.63 -9.37 11.91
C PHE A 326 14.07 -9.68 10.53
N GLN A 327 12.93 -10.37 10.52
CA GLN A 327 12.10 -10.53 9.35
C GLN A 327 10.87 -9.66 9.53
N THR A 328 10.76 -8.60 8.73
CA THR A 328 9.77 -7.55 8.94
C THR A 328 8.77 -7.52 7.80
N THR A 329 7.49 -7.49 8.14
CA THR A 329 6.40 -7.26 7.20
C THR A 329 5.72 -5.93 7.50
N LYS A 330 4.73 -5.58 6.69
CA LYS A 330 3.97 -4.36 6.88
C LYS A 330 2.48 -4.68 6.92
N LEU A 331 1.71 -3.72 7.40
CA LEU A 331 0.27 -3.88 7.57
C LEU A 331 -0.37 -2.50 7.53
N ASN A 332 -1.12 -2.22 6.48
CA ASN A 332 -1.67 -0.89 6.25
C ASN A 332 -3.09 -0.77 6.79
N GLY A 333 -3.46 0.46 7.13
CA GLY A 333 -4.81 0.74 7.59
C GLY A 333 -5.82 0.56 6.48
N PHE A 334 -7.07 0.92 6.81
CA PHE A 334 -8.19 0.68 5.90
C PHE A 334 -9.04 1.92 5.62
N GLU A 335 -8.96 2.97 6.42
CA GLU A 335 -9.68 4.21 6.18
C GLU A 335 -8.71 5.37 6.17
N VAL A 336 -9.08 6.42 5.44
CA VAL A 336 -8.26 7.62 5.37
C VAL A 336 -8.49 8.46 6.61
N PHE A 337 -7.41 9.07 7.12
CA PHE A 337 -7.47 9.94 8.30
C PHE A 337 -7.95 9.17 9.53
N ALA A 338 -7.75 7.86 9.53
CA ALA A 338 -8.14 7.03 10.67
C ALA A 338 -6.99 6.80 11.65
N ARG A 339 -5.75 7.00 11.22
CA ARG A 339 -4.58 6.86 12.09
C ARG A 339 -4.52 5.45 12.68
N PHE A 340 -4.31 4.50 11.75
CA PHE A 340 -4.42 3.08 12.07
C PHE A 340 -3.49 2.67 13.21
N GLY A 341 -2.21 3.01 13.11
CA GLY A 341 -1.25 2.53 14.10
C GLY A 341 -1.09 3.40 15.34
N SER A 342 -2.18 4.03 15.79
CA SER A 342 -2.07 4.96 16.90
C SER A 342 -1.78 4.26 18.22
N ALA A 343 -2.31 3.05 18.42
CA ALA A 343 -2.09 2.30 19.65
C ALA A 343 -1.96 0.83 19.30
N ILE A 344 -0.96 0.18 19.88
CA ILE A 344 -0.70 -1.25 19.67
C ILE A 344 -0.69 -1.92 21.04
N ALA A 345 -1.68 -2.77 21.29
CA ALA A 345 -1.85 -3.39 22.61
C ALA A 345 -1.73 -4.90 22.51
N PRO A 346 -0.75 -5.52 23.15
CA PRO A 346 -0.72 -6.98 23.22
C PRO A 346 -1.88 -7.50 24.06
N LEU A 347 -2.48 -8.59 23.60
CA LEU A 347 -3.67 -9.16 24.22
C LEU A 347 -3.39 -10.52 24.86
N GLY A 348 -2.14 -10.84 25.15
CA GLY A 348 -1.82 -12.18 25.58
C GLY A 348 -2.19 -13.17 24.50
N ASP A 349 -2.89 -14.24 24.89
CA ASP A 349 -3.47 -15.19 23.94
C ASP A 349 -4.99 -15.13 24.12
N LEU A 350 -5.64 -14.34 23.26
CA LEU A 350 -7.06 -14.08 23.43
C LEU A 350 -7.90 -15.35 23.25
N ASP A 351 -7.62 -16.10 22.18
CA ASP A 351 -8.40 -17.30 21.86
C ASP A 351 -7.81 -18.57 22.44
N GLN A 352 -6.71 -18.48 23.20
CA GLN A 352 -6.10 -19.64 23.83
C GLN A 352 -5.74 -20.71 22.80
N ASP A 353 -5.39 -20.29 21.58
CA ASP A 353 -5.01 -21.23 20.53
C ASP A 353 -3.54 -21.61 20.58
N GLY A 354 -2.79 -21.09 21.55
CA GLY A 354 -1.37 -21.37 21.67
C GLY A 354 -0.45 -20.29 21.14
N PHE A 355 -1.00 -19.26 20.49
CA PHE A 355 -0.21 -18.16 19.96
C PHE A 355 -0.77 -16.84 20.46
N ASN A 356 0.12 -15.93 20.84
CA ASN A 356 -0.30 -14.65 21.37
C ASN A 356 -0.91 -13.77 20.28
N ASP A 357 -1.79 -12.87 20.69
CA ASP A 357 -2.55 -12.03 19.78
C ASP A 357 -2.36 -10.57 20.15
N ILE A 358 -2.69 -9.68 19.22
CA ILE A 358 -2.40 -8.26 19.36
C ILE A 358 -3.55 -7.44 18.77
N ALA A 359 -3.67 -6.20 19.23
CA ALA A 359 -4.76 -5.31 18.84
C ALA A 359 -4.18 -3.97 18.38
N ILE A 360 -4.68 -3.48 17.25
CA ILE A 360 -4.28 -2.19 16.70
C ILE A 360 -5.55 -1.35 16.53
N ALA A 361 -5.44 -0.05 16.83
CA ALA A 361 -6.61 0.80 16.97
C ALA A 361 -6.51 2.01 16.04
N ALA A 362 -7.59 2.26 15.28
CA ALA A 362 -7.76 3.47 14.49
C ALA A 362 -8.74 4.39 15.19
N PRO A 363 -8.27 5.33 16.02
CA PRO A 363 -9.17 6.07 16.91
C PRO A 363 -10.08 7.05 16.20
N TYR A 364 -9.91 7.27 14.89
CA TYR A 364 -10.70 8.26 14.17
C TYR A 364 -11.35 7.66 12.93
N GLY A 365 -11.52 6.35 12.89
CA GLY A 365 -12.12 5.67 11.76
C GLY A 365 -13.51 5.16 12.08
N GLY A 366 -14.07 4.46 11.09
CA GLY A 366 -15.38 3.87 11.26
C GLY A 366 -16.51 4.86 10.98
N GLU A 367 -17.68 4.51 11.49
CA GLU A 367 -18.87 5.33 11.28
C GLU A 367 -18.76 6.61 12.11
N ASP A 368 -19.06 7.74 11.47
CA ASP A 368 -19.06 9.05 12.12
C ASP A 368 -17.71 9.38 12.76
N LYS A 369 -16.65 8.71 12.31
CA LYS A 369 -15.31 8.90 12.87
C LYS A 369 -15.34 8.75 14.39
N LYS A 370 -15.78 7.57 14.83
CA LYS A 370 -15.98 7.25 16.23
C LYS A 370 -14.84 6.44 16.85
N GLY A 371 -14.09 5.69 16.04
CA GLY A 371 -12.99 4.90 16.59
C GLY A 371 -13.20 3.42 16.34
N ILE A 372 -12.16 2.77 15.82
CA ILE A 372 -12.20 1.35 15.50
C ILE A 372 -10.98 0.68 16.13
N VAL A 373 -11.15 -0.57 16.54
CA VAL A 373 -10.07 -1.38 17.09
C VAL A 373 -10.11 -2.74 16.39
N TYR A 374 -9.00 -3.12 15.76
CA TYR A 374 -8.90 -4.38 15.04
C TYR A 374 -8.12 -5.39 15.87
N ILE A 375 -8.63 -6.62 15.94
CA ILE A 375 -7.98 -7.71 16.64
C ILE A 375 -7.29 -8.60 15.62
N PHE A 376 -6.04 -8.95 15.87
CA PHE A 376 -5.25 -9.82 15.00
C PHE A 376 -4.76 -11.02 15.78
N ASN A 377 -5.07 -12.22 15.28
CA ASN A 377 -4.64 -13.44 15.91
C ASN A 377 -3.24 -13.83 15.45
N GLY A 378 -2.44 -14.38 16.36
CA GLY A 378 -1.15 -14.88 15.99
C GLY A 378 -1.20 -16.28 15.43
N ARG A 379 -0.17 -16.63 14.65
CA ARG A 379 -0.06 -17.94 14.03
C ARG A 379 1.37 -18.44 14.16
N SER A 380 1.58 -19.68 13.72
CA SER A 380 2.95 -20.19 13.62
C SER A 380 3.77 -19.36 12.66
N THR A 381 3.19 -19.02 11.50
CA THR A 381 3.82 -18.25 10.43
C THR A 381 3.98 -16.76 10.76
N GLY A 382 3.66 -16.32 11.97
CA GLY A 382 3.72 -14.91 12.33
C GLY A 382 2.34 -14.38 12.69
N LEU A 383 2.07 -13.15 12.27
CA LEU A 383 0.80 -12.48 12.55
C LEU A 383 -0.13 -12.61 11.36
N ASN A 384 -1.35 -13.07 11.61
CA ASN A 384 -2.38 -13.14 10.57
C ASN A 384 -2.76 -11.73 10.16
N ALA A 385 -2.39 -11.34 8.93
CA ALA A 385 -2.60 -9.97 8.49
C ALA A 385 -4.07 -9.60 8.34
N VAL A 386 -4.97 -10.57 8.32
CA VAL A 386 -6.40 -10.31 8.16
C VAL A 386 -7.01 -10.10 9.54
N PRO A 387 -7.64 -8.95 9.80
CA PRO A 387 -8.26 -8.74 11.11
C PRO A 387 -9.28 -9.81 11.42
N SER A 388 -9.43 -10.10 12.72
CA SER A 388 -10.33 -11.14 13.18
C SER A 388 -11.62 -10.60 13.80
N GLN A 389 -11.63 -9.34 14.21
CA GLN A 389 -12.80 -8.72 14.82
C GLN A 389 -12.58 -7.22 14.85
N ILE A 390 -13.66 -6.46 14.65
CA ILE A 390 -13.63 -5.00 14.70
C ILE A 390 -14.47 -4.54 15.88
N LEU A 391 -13.88 -3.69 16.72
CA LEU A 391 -14.57 -3.07 17.83
C LEU A 391 -14.82 -1.61 17.47
N GLU A 392 -16.10 -1.21 17.47
CA GLU A 392 -16.50 0.12 17.06
C GLU A 392 -16.96 0.91 18.28
N GLY A 393 -16.47 2.14 18.42
CA GLY A 393 -16.94 2.99 19.49
C GLY A 393 -18.41 3.29 19.35
N GLN A 394 -19.06 3.49 20.49
CA GLN A 394 -20.50 3.70 20.54
C GLN A 394 -20.90 5.12 20.92
N TRP A 395 -19.94 5.99 21.21
CA TRP A 395 -20.20 7.28 21.81
C TRP A 395 -19.95 8.40 20.81
N ALA A 396 -20.80 9.43 20.88
CA ALA A 396 -20.77 10.52 19.91
C ALA A 396 -19.59 11.46 20.21
N ALA A 397 -19.58 12.60 19.52
CA ALA A 397 -18.40 13.46 19.43
C ALA A 397 -18.65 14.85 19.99
N ARG A 398 -19.21 14.93 21.21
CA ARG A 398 -19.67 16.18 21.81
C ARG A 398 -18.86 17.40 21.36
N SER A 399 -17.58 17.45 21.69
CA SER A 399 -16.74 18.60 21.35
C SER A 399 -15.56 18.23 20.46
N MET A 400 -14.79 17.21 20.84
CA MET A 400 -13.67 16.73 20.04
C MET A 400 -13.85 15.24 19.77
N PRO A 401 -13.02 14.67 18.90
CA PRO A 401 -13.18 13.26 18.53
C PRO A 401 -13.26 12.38 19.77
N PRO A 402 -14.18 11.41 19.78
CA PRO A 402 -14.21 10.48 20.92
C PRO A 402 -12.89 9.78 21.13
N SER A 403 -12.11 9.57 20.08
CA SER A 403 -10.77 9.00 20.18
C SER A 403 -10.79 7.59 20.77
N PHE A 404 -11.90 6.89 20.61
CA PHE A 404 -12.00 5.50 21.04
C PHE A 404 -10.86 4.68 20.44
N GLY A 405 -10.03 4.11 21.31
CA GLY A 405 -8.87 3.35 20.91
C GLY A 405 -7.55 4.07 21.07
N TYR A 406 -7.57 5.35 21.47
CA TYR A 406 -6.32 6.10 21.62
C TYR A 406 -5.42 5.45 22.65
N SER A 407 -6.00 4.70 23.59
CA SER A 407 -5.25 3.98 24.61
C SER A 407 -5.88 2.62 24.84
N MET A 408 -5.04 1.59 25.00
CA MET A 408 -5.51 0.23 25.16
C MET A 408 -4.58 -0.52 26.10
N LYS A 409 -5.12 -1.55 26.73
CA LYS A 409 -4.36 -2.44 27.59
C LYS A 409 -5.06 -3.79 27.63
N GLY A 410 -4.30 -4.87 27.49
CA GLY A 410 -4.86 -6.20 27.56
C GLY A 410 -3.99 -7.18 28.31
N ALA A 411 -4.10 -8.47 27.98
CA ALA A 411 -3.24 -9.51 28.54
C ALA A 411 -3.49 -9.74 30.03
N THR A 412 -4.69 -9.42 30.52
CA THR A 412 -5.03 -9.64 31.92
C THR A 412 -6.45 -10.17 32.00
N ASP A 413 -6.62 -11.29 32.70
CA ASP A 413 -7.90 -11.97 32.84
C ASP A 413 -8.62 -11.38 34.06
N ILE A 414 -9.41 -10.32 33.84
CA ILE A 414 -10.04 -9.63 34.96
C ILE A 414 -11.11 -10.52 35.59
N ASP A 415 -11.81 -11.32 34.79
CA ASP A 415 -12.62 -12.40 35.33
C ASP A 415 -11.75 -13.66 35.42
N LYS A 416 -12.31 -14.74 35.93
CA LYS A 416 -11.59 -16.00 36.01
C LYS A 416 -11.93 -16.93 34.85
N ASN A 417 -12.41 -16.37 33.73
CA ASN A 417 -12.84 -17.16 32.59
C ASN A 417 -11.69 -17.82 31.85
N GLY A 418 -10.44 -17.59 32.26
CA GLY A 418 -9.32 -18.21 31.60
C GLY A 418 -8.94 -17.57 30.28
N TYR A 419 -9.57 -16.47 29.89
CA TYR A 419 -9.24 -15.78 28.66
C TYR A 419 -8.93 -14.32 28.97
N PRO A 420 -7.80 -13.80 28.50
CA PRO A 420 -7.46 -12.40 28.78
C PRO A 420 -8.49 -11.46 28.18
N ASP A 421 -8.55 -10.27 28.76
CA ASP A 421 -9.56 -9.27 28.41
C ASP A 421 -8.86 -7.98 27.99
N LEU A 422 -9.65 -6.96 27.65
CA LEU A 422 -9.11 -5.78 27.00
C LEU A 422 -9.84 -4.52 27.45
N ILE A 423 -9.06 -3.47 27.72
CA ILE A 423 -9.57 -2.16 28.08
C ILE A 423 -9.28 -1.19 26.95
N VAL A 424 -10.27 -0.37 26.60
CA VAL A 424 -10.13 0.65 25.57
C VAL A 424 -10.64 1.98 26.15
N GLY A 425 -9.83 3.01 26.03
CA GLY A 425 -10.17 4.33 26.57
C GLY A 425 -10.47 5.32 25.45
N ALA A 426 -11.50 6.13 25.66
CA ALA A 426 -11.91 7.12 24.66
C ALA A 426 -11.26 8.49 24.92
N PHE A 427 -11.56 9.07 26.07
CA PHE A 427 -10.95 10.32 26.55
C PHE A 427 -11.45 11.52 25.75
N GLY A 428 -12.16 11.27 24.66
CA GLY A 428 -12.80 12.34 23.93
C GLY A 428 -14.20 12.53 24.49
N VAL A 429 -14.75 11.41 24.98
CA VAL A 429 -16.01 11.40 25.69
C VAL A 429 -15.83 11.06 27.17
N ASP A 430 -14.59 10.88 27.62
CA ASP A 430 -14.28 10.62 29.02
C ASP A 430 -14.90 9.31 29.49
N ARG A 431 -14.62 8.25 28.75
CA ARG A 431 -15.14 6.92 29.07
C ARG A 431 -14.06 5.88 28.81
N ALA A 432 -14.27 4.69 29.35
CA ALA A 432 -13.37 3.57 29.15
C ALA A 432 -14.20 2.28 29.15
N ILE A 433 -13.92 1.41 28.18
CA ILE A 433 -14.71 0.21 27.95
C ILE A 433 -13.86 -1.01 28.22
N LEU A 434 -14.43 -1.99 28.93
CA LEU A 434 -13.76 -3.25 29.21
C LEU A 434 -14.48 -4.37 28.44
N TYR A 435 -13.81 -4.91 27.43
CA TYR A 435 -14.35 -6.03 26.67
C TYR A 435 -13.83 -7.33 27.24
N ARG A 436 -14.75 -8.24 27.57
CA ARG A 436 -14.39 -9.53 28.15
C ARG A 436 -14.41 -10.60 27.07
N ALA A 437 -13.37 -11.42 27.04
CA ALA A 437 -13.27 -12.49 26.05
C ALA A 437 -14.19 -13.63 26.40
N ARG A 438 -14.84 -14.20 25.37
CA ARG A 438 -15.72 -15.34 25.58
C ARG A 438 -14.95 -16.63 25.31
N PRO A 439 -15.29 -17.70 26.03
CA PRO A 439 -14.54 -18.96 25.86
C PRO A 439 -14.78 -19.58 24.49
N VAL A 440 -13.75 -20.22 23.97
CA VAL A 440 -13.77 -20.81 22.63
C VAL A 440 -14.02 -22.31 22.76
N ILE A 441 -14.98 -22.80 21.97
CA ILE A 441 -15.34 -24.22 21.94
C ILE A 441 -14.98 -24.77 20.57
N THR A 442 -14.19 -25.83 20.55
CA THR A 442 -13.86 -26.55 19.33
C THR A 442 -14.67 -27.84 19.29
N VAL A 443 -15.52 -27.99 18.28
CA VAL A 443 -16.44 -29.12 18.17
C VAL A 443 -16.21 -29.80 16.83
N ASN A 444 -16.11 -31.12 16.84
CA ASN A 444 -15.99 -31.93 15.64
C ASN A 444 -17.13 -32.94 15.60
N ALA A 445 -17.71 -33.13 14.42
CA ALA A 445 -18.87 -33.99 14.26
C ALA A 445 -18.63 -34.97 13.12
N GLY A 446 -19.24 -36.15 13.25
CA GLY A 446 -19.13 -37.17 12.22
C GLY A 446 -20.49 -37.53 11.65
N LEU A 447 -20.49 -38.05 10.43
CA LEU A 447 -21.73 -38.44 9.76
C LEU A 447 -21.50 -39.75 9.02
N GLU A 448 -22.36 -40.74 9.28
CA GLU A 448 -22.28 -42.05 8.66
C GLU A 448 -23.59 -42.39 7.97
N VAL A 449 -23.49 -43.25 6.94
CA VAL A 449 -24.64 -43.72 6.18
C VAL A 449 -24.56 -45.23 6.08
N TYR A 450 -25.57 -45.93 6.62
CA TYR A 450 -25.60 -47.38 6.68
C TYR A 450 -26.61 -47.95 5.68
N PRO A 451 -26.19 -48.38 4.48
CA PRO A 451 -24.87 -48.22 3.86
C PRO A 451 -24.89 -47.10 2.82
N SER A 452 -23.75 -46.81 2.19
CA SER A 452 -23.66 -45.68 1.28
C SER A 452 -24.18 -45.99 -0.11
N ILE A 453 -24.49 -47.25 -0.42
CA ILE A 453 -24.96 -47.65 -1.74
C ILE A 453 -26.32 -48.31 -1.57
N LEU A 454 -27.36 -47.66 -2.09
CA LEU A 454 -28.73 -48.09 -1.87
C LEU A 454 -29.22 -48.97 -3.01
N ASN A 455 -29.96 -50.02 -2.66
CA ASN A 455 -30.53 -50.96 -3.62
C ASN A 455 -32.06 -50.84 -3.55
N GLN A 456 -32.67 -50.32 -4.62
CA GLN A 456 -34.11 -50.10 -4.60
C GLN A 456 -34.90 -51.40 -4.49
N ASP A 457 -34.33 -52.50 -4.99
CA ASP A 457 -34.97 -53.80 -4.95
C ASP A 457 -34.63 -54.57 -3.67
N ASN A 458 -34.17 -53.89 -2.64
CA ASN A 458 -33.84 -54.53 -1.37
C ASN A 458 -34.73 -53.98 -0.26
N LYS A 459 -36.03 -53.90 -0.54
CA LYS A 459 -36.97 -53.34 0.43
C LYS A 459 -37.01 -54.21 1.68
N THR A 460 -36.41 -53.73 2.76
CA THR A 460 -36.33 -54.46 4.01
C THR A 460 -37.03 -53.76 5.17
N CYS A 461 -37.16 -52.44 5.14
CA CYS A 461 -37.86 -51.71 6.20
C CYS A 461 -39.34 -51.62 5.89
N SER A 462 -40.16 -51.83 6.91
CA SER A 462 -41.60 -51.72 6.78
C SER A 462 -42.02 -50.29 7.12
N LEU A 463 -42.70 -49.63 6.19
CA LEU A 463 -43.08 -48.24 6.40
C LEU A 463 -44.07 -48.15 7.57
N PRO A 464 -43.95 -47.12 8.41
CA PRO A 464 -44.82 -47.07 9.61
C PRO A 464 -46.30 -46.94 9.28
N GLY A 465 -46.66 -46.04 8.36
CA GLY A 465 -48.07 -45.85 8.01
C GLY A 465 -48.74 -47.12 7.53
N THR A 466 -48.33 -47.62 6.38
CA THR A 466 -48.85 -48.85 5.81
C THR A 466 -47.75 -49.91 5.76
N ALA A 467 -48.15 -51.17 5.92
CA ALA A 467 -47.21 -52.28 5.97
C ALA A 467 -46.70 -52.57 4.55
N LEU A 468 -45.71 -51.78 4.13
CA LEU A 468 -45.01 -51.98 2.88
C LEU A 468 -43.52 -51.94 3.13
N LYS A 469 -42.78 -52.84 2.48
CA LYS A 469 -41.33 -52.85 2.60
C LYS A 469 -40.73 -51.82 1.66
N VAL A 470 -39.76 -51.06 2.16
CA VAL A 470 -39.11 -50.00 1.40
C VAL A 470 -37.60 -50.12 1.58
N SER A 471 -36.86 -49.65 0.59
CA SER A 471 -35.41 -49.62 0.68
C SER A 471 -34.97 -48.51 1.64
N CYS A 472 -34.25 -48.88 2.69
CA CYS A 472 -33.94 -47.96 3.77
C CYS A 472 -32.45 -47.95 4.05
N PHE A 473 -32.04 -47.00 4.88
CA PHE A 473 -30.67 -46.86 5.33
C PHE A 473 -30.68 -46.04 6.61
N ASN A 474 -29.53 -46.02 7.29
CA ASN A 474 -29.39 -45.33 8.56
C ASN A 474 -28.48 -44.11 8.41
N VAL A 475 -28.76 -43.10 9.23
CA VAL A 475 -27.97 -41.87 9.27
C VAL A 475 -27.57 -41.63 10.72
N ARG A 476 -26.27 -41.65 10.99
CA ARG A 476 -25.73 -41.44 12.33
C ARG A 476 -24.99 -40.11 12.37
N PHE A 477 -25.37 -39.24 13.29
CA PHE A 477 -24.72 -37.95 13.47
C PHE A 477 -24.21 -37.86 14.90
N CYS A 478 -22.90 -37.80 15.06
CA CYS A 478 -22.26 -37.70 16.37
C CYS A 478 -21.82 -36.26 16.61
N LEU A 479 -21.50 -35.95 17.87
CA LEU A 479 -21.19 -34.58 18.25
C LEU A 479 -20.30 -34.60 19.50
N LYS A 480 -19.08 -34.10 19.37
CA LYS A 480 -18.15 -33.98 20.49
C LYS A 480 -17.61 -32.56 20.51
N ALA A 481 -17.63 -31.94 21.69
CA ALA A 481 -17.17 -30.57 21.85
C ALA A 481 -16.38 -30.43 23.15
N ASP A 482 -15.44 -29.51 23.15
CA ASP A 482 -14.63 -29.24 24.35
C ASP A 482 -13.96 -27.88 24.17
N GLY A 483 -13.34 -27.40 25.24
CA GLY A 483 -12.69 -26.10 25.21
C GLY A 483 -12.00 -25.83 26.52
N LYS A 484 -11.10 -24.85 26.47
CA LYS A 484 -10.31 -24.46 27.63
C LYS A 484 -11.02 -23.36 28.42
N GLY A 485 -10.52 -23.12 29.63
CA GLY A 485 -11.05 -22.06 30.48
C GLY A 485 -12.37 -22.42 31.12
N VAL A 486 -12.94 -21.44 31.82
CA VAL A 486 -14.23 -21.62 32.49
C VAL A 486 -15.31 -21.83 31.44
N LEU A 487 -16.04 -22.93 31.56
CA LEU A 487 -17.05 -23.32 30.59
C LEU A 487 -18.15 -24.08 31.30
N PRO A 488 -19.33 -24.19 30.69
CA PRO A 488 -20.33 -25.13 31.19
C PRO A 488 -19.87 -26.56 30.96
N ARG A 489 -20.54 -27.48 31.66
CA ARG A 489 -20.19 -28.90 31.55
C ARG A 489 -20.93 -29.58 30.40
N LYS A 490 -22.26 -29.43 30.36
CA LYS A 490 -23.08 -29.98 29.29
C LYS A 490 -23.54 -28.85 28.37
N LEU A 491 -23.26 -28.99 27.07
CA LEU A 491 -23.55 -27.96 26.09
C LEU A 491 -24.76 -28.37 25.24
N ASN A 492 -25.59 -27.38 24.92
CA ASN A 492 -26.81 -27.60 24.14
C ASN A 492 -26.55 -27.24 22.69
N PHE A 493 -26.75 -28.20 21.78
CA PHE A 493 -26.62 -27.98 20.35
C PHE A 493 -27.95 -28.23 19.67
N GLN A 494 -28.15 -27.57 18.53
CA GLN A 494 -29.34 -27.73 17.70
C GLN A 494 -28.89 -28.17 16.32
N VAL A 495 -29.10 -29.44 16.00
CA VAL A 495 -28.62 -30.03 14.75
C VAL A 495 -29.78 -30.16 13.77
N GLU A 496 -29.46 -30.04 12.49
CA GLU A 496 -30.43 -30.13 11.40
C GLU A 496 -29.92 -31.09 10.34
N LEU A 497 -30.75 -32.05 9.95
CA LEU A 497 -30.41 -33.04 8.94
C LEU A 497 -31.23 -32.80 7.68
N LEU A 498 -30.57 -32.86 6.53
CA LEU A 498 -31.21 -32.69 5.23
C LEU A 498 -30.84 -33.87 4.34
N LEU A 499 -31.85 -34.53 3.78
CA LEU A 499 -31.62 -35.65 2.88
C LEU A 499 -31.65 -35.16 1.43
N ASP A 500 -30.62 -35.54 0.68
CA ASP A 500 -30.51 -35.19 -0.74
C ASP A 500 -30.53 -33.66 -0.92
N LYS A 501 -29.50 -33.02 -0.38
CA LYS A 501 -29.46 -31.55 -0.40
C LYS A 501 -29.40 -31.01 -1.82
N LEU A 502 -28.83 -31.75 -2.76
CA LEU A 502 -28.67 -31.23 -4.12
C LEU A 502 -30.01 -30.86 -4.74
N LYS A 503 -30.95 -31.80 -4.75
CA LYS A 503 -32.29 -31.55 -5.29
C LYS A 503 -33.06 -30.75 -4.26
N GLN A 504 -33.23 -29.45 -4.50
CA GLN A 504 -33.78 -28.57 -3.49
C GLN A 504 -34.61 -27.46 -4.11
N LYS A 505 -35.72 -27.14 -3.43
CA LYS A 505 -36.58 -25.99 -3.70
C LYS A 505 -37.42 -26.16 -4.96
N GLY A 506 -37.04 -27.10 -5.81
CA GLY A 506 -37.97 -27.77 -6.70
C GLY A 506 -37.31 -29.01 -7.25
N ALA A 507 -37.85 -30.17 -6.91
CA ALA A 507 -37.28 -31.44 -7.36
C ALA A 507 -38.03 -32.57 -6.67
N ILE A 508 -37.72 -33.80 -7.01
CA ILE A 508 -38.12 -34.95 -6.21
C ILE A 508 -37.01 -35.24 -5.21
N ARG A 509 -37.37 -35.31 -3.93
CA ARG A 509 -36.37 -35.41 -2.87
C ARG A 509 -35.67 -36.77 -2.86
N ARG A 510 -36.38 -37.83 -3.25
CA ARG A 510 -35.83 -39.17 -3.42
C ARG A 510 -35.51 -39.89 -2.12
N ALA A 511 -35.61 -39.22 -0.97
CA ALA A 511 -35.24 -39.86 0.29
C ALA A 511 -35.90 -39.12 1.45
N LEU A 512 -36.69 -39.81 2.23
CA LEU A 512 -37.33 -39.25 3.41
C LEU A 512 -37.00 -40.10 4.63
N PHE A 513 -37.11 -39.50 5.81
CA PHE A 513 -36.92 -40.24 7.05
C PHE A 513 -38.11 -41.17 7.29
N LEU A 514 -37.83 -42.30 7.94
CA LEU A 514 -38.81 -43.37 8.06
C LEU A 514 -40.09 -42.91 8.75
N TYR A 515 -39.99 -42.54 10.02
CA TYR A 515 -41.19 -42.14 10.77
C TYR A 515 -41.60 -40.71 10.46
N SER A 516 -40.61 -39.82 10.29
CA SER A 516 -40.92 -38.41 10.07
C SER A 516 -41.67 -38.17 8.77
N ARG A 517 -41.49 -39.06 7.79
CA ARG A 517 -42.13 -38.90 6.48
C ARG A 517 -41.76 -37.57 5.83
N SER A 518 -40.61 -37.02 6.20
CA SER A 518 -40.19 -35.70 5.76
C SER A 518 -38.74 -35.75 5.32
N PRO A 519 -38.32 -34.82 4.46
CA PRO A 519 -36.91 -34.75 4.06
C PRO A 519 -36.01 -34.05 5.06
N SER A 520 -36.53 -33.60 6.19
CA SER A 520 -35.73 -32.89 7.19
C SER A 520 -36.09 -33.40 8.58
N HIS A 521 -35.21 -33.12 9.54
CA HIS A 521 -35.41 -33.56 10.91
C HIS A 521 -34.52 -32.74 11.82
N SER A 522 -34.95 -32.60 13.08
CA SER A 522 -34.22 -31.83 14.08
C SER A 522 -34.12 -32.63 15.38
N LYS A 523 -33.05 -32.36 16.13
CA LYS A 523 -32.82 -33.02 17.40
C LYS A 523 -32.13 -32.04 18.35
N ASN A 524 -32.65 -31.93 19.57
CA ASN A 524 -32.06 -31.10 20.61
C ASN A 524 -31.03 -31.95 21.36
N MET A 525 -29.77 -31.85 20.96
CA MET A 525 -28.73 -32.68 21.54
C MET A 525 -28.05 -31.98 22.71
N THR A 526 -27.44 -32.79 23.57
CA THR A 526 -26.68 -32.30 24.72
C THR A 526 -25.53 -33.27 24.98
N ILE A 527 -24.31 -32.74 25.09
CA ILE A 527 -23.13 -33.54 25.32
C ILE A 527 -22.31 -32.93 26.44
N SER A 528 -21.44 -33.74 27.03
CA SER A 528 -20.51 -33.27 28.04
C SER A 528 -19.18 -32.87 27.40
N ARG A 529 -18.37 -32.16 28.16
CA ARG A 529 -17.16 -31.55 27.59
C ARG A 529 -16.11 -32.60 27.24
N GLY A 530 -15.65 -33.36 28.25
CA GLY A 530 -14.57 -34.30 28.00
C GLY A 530 -14.97 -35.45 27.09
N GLY A 531 -14.46 -35.42 25.86
CA GLY A 531 -14.76 -36.48 24.91
C GLY A 531 -16.25 -36.74 24.80
N LEU A 532 -16.63 -38.02 24.84
CA LEU A 532 -18.03 -38.44 24.84
C LEU A 532 -18.76 -37.92 23.60
N MET A 533 -18.33 -38.44 22.45
CA MET A 533 -18.93 -38.10 21.16
C MET A 533 -20.29 -38.77 21.06
N GLN A 534 -21.27 -38.15 21.72
CA GLN A 534 -22.62 -38.70 21.75
C GLN A 534 -23.24 -38.67 20.35
N CYS A 535 -23.99 -39.73 20.03
CA CYS A 535 -24.59 -39.89 18.72
C CYS A 535 -26.08 -40.19 18.87
N GLU A 536 -26.80 -39.97 17.77
CA GLU A 536 -28.21 -40.36 17.67
C GLU A 536 -28.45 -40.92 16.27
N GLU A 537 -29.47 -41.78 16.16
CA GLU A 537 -29.74 -42.50 14.92
C GLU A 537 -31.15 -42.23 14.42
N LEU A 538 -31.29 -42.22 13.10
CA LEU A 538 -32.57 -42.08 12.42
C LEU A 538 -32.54 -42.94 11.16
N ILE A 539 -33.68 -43.54 10.82
CA ILE A 539 -33.81 -44.37 9.63
C ILE A 539 -34.45 -43.55 8.52
N ALA A 540 -33.81 -43.53 7.37
CA ALA A 540 -34.34 -42.89 6.18
C ALA A 540 -34.58 -43.96 5.12
N TYR A 541 -35.68 -43.81 4.37
CA TYR A 541 -36.06 -44.78 3.36
C TYR A 541 -36.04 -44.16 1.98
N LEU A 542 -35.68 -44.97 1.00
CA LEU A 542 -35.61 -44.52 -0.39
C LEU A 542 -37.00 -44.55 -1.03
N ARG A 543 -37.28 -43.53 -1.83
CA ARG A 543 -38.59 -43.44 -2.47
C ARG A 543 -38.81 -44.63 -3.40
N ASP A 544 -40.06 -44.83 -3.79
CA ASP A 544 -40.42 -46.00 -4.60
C ASP A 544 -39.67 -46.00 -5.92
N GLU A 545 -39.39 -47.19 -6.42
CA GLU A 545 -38.50 -47.38 -7.57
C GLU A 545 -38.97 -46.62 -8.81
N SER A 546 -40.17 -46.07 -8.82
CA SER A 546 -40.75 -45.47 -10.02
C SER A 546 -41.38 -44.13 -9.71
N GLU A 547 -40.77 -43.35 -8.81
CA GLU A 547 -41.36 -42.10 -8.38
C GLU A 547 -40.47 -40.88 -8.60
N PHE A 548 -39.19 -41.06 -8.97
CA PHE A 548 -38.32 -39.90 -9.13
C PHE A 548 -37.55 -39.90 -10.45
N ARG A 549 -37.29 -41.09 -11.00
CA ARG A 549 -36.68 -41.27 -12.32
C ARG A 549 -35.23 -40.80 -12.39
N ASP A 550 -34.69 -40.23 -11.32
CA ASP A 550 -33.34 -39.66 -11.34
C ASP A 550 -32.40 -40.56 -10.55
N LYS A 551 -31.54 -41.27 -11.27
CA LYS A 551 -30.43 -42.01 -10.70
C LYS A 551 -29.12 -41.37 -11.15
N LEU A 552 -28.00 -41.90 -10.66
CA LEU A 552 -26.69 -41.38 -11.03
C LEU A 552 -26.39 -40.04 -10.39
N THR A 553 -27.36 -39.44 -9.71
CA THR A 553 -27.13 -38.22 -8.95
C THR A 553 -27.05 -38.58 -7.48
N PRO A 554 -25.92 -38.33 -6.82
CA PRO A 554 -25.77 -38.80 -5.43
C PRO A 554 -26.80 -38.16 -4.51
N ILE A 555 -27.26 -38.95 -3.54
CA ILE A 555 -28.16 -38.47 -2.51
C ILE A 555 -27.28 -37.94 -1.37
N THR A 556 -27.16 -36.63 -1.29
CA THR A 556 -26.24 -36.00 -0.35
C THR A 556 -26.94 -35.82 0.99
N ILE A 557 -26.45 -36.51 2.02
CA ILE A 557 -26.93 -36.31 3.38
C ILE A 557 -26.19 -35.13 3.98
N PHE A 558 -26.94 -34.16 4.51
CA PHE A 558 -26.39 -32.91 4.98
C PHE A 558 -26.76 -32.69 6.44
N MET A 559 -25.76 -32.44 7.28
CA MET A 559 -25.96 -32.12 8.68
C MET A 559 -25.38 -30.73 8.98
N GLU A 560 -26.14 -29.92 9.71
CA GLU A 560 -25.67 -28.65 10.22
C GLU A 560 -26.09 -28.52 11.67
N TYR A 561 -25.22 -27.94 12.49
CA TYR A 561 -25.46 -27.83 13.91
C TYR A 561 -25.14 -26.42 14.39
N ARG A 562 -26.01 -25.89 15.24
CA ARG A 562 -25.82 -24.58 15.86
C ARG A 562 -25.79 -24.75 17.38
N LEU A 563 -25.50 -23.65 18.06
CA LEU A 563 -25.41 -23.64 19.51
C LEU A 563 -26.53 -22.78 20.09
N ASP A 564 -27.02 -23.20 21.26
CA ASP A 564 -28.05 -22.46 21.98
C ASP A 564 -27.41 -21.68 23.12
N TYR A 565 -27.83 -20.43 23.27
CA TYR A 565 -27.31 -19.50 24.27
C TYR A 565 -27.66 -19.88 25.70
N ARG A 566 -28.29 -21.06 25.87
CA ARG A 566 -28.80 -21.47 27.17
C ARG A 566 -27.68 -21.53 28.21
N THR A 567 -26.51 -22.05 27.83
CA THR A 567 -25.42 -22.31 28.78
C THR A 567 -24.42 -21.15 28.73
N ALA A 568 -24.53 -20.25 29.70
CA ALA A 568 -23.58 -19.16 29.87
C ALA A 568 -23.05 -19.18 31.28
N ALA A 569 -21.84 -18.66 31.45
CA ALA A 569 -21.19 -18.67 32.75
C ALA A 569 -21.95 -17.75 33.72
N ASP A 570 -21.54 -17.81 35.00
CA ASP A 570 -22.13 -16.99 36.06
C ASP A 570 -21.73 -15.53 35.94
N THR A 571 -21.08 -15.17 34.83
CA THR A 571 -20.59 -13.81 34.58
C THR A 571 -21.65 -12.91 33.97
N THR A 572 -22.93 -13.22 34.18
CA THR A 572 -24.03 -12.40 33.69
C THR A 572 -24.04 -12.33 32.16
N GLY A 573 -24.17 -13.51 31.56
CA GLY A 573 -24.38 -13.59 30.13
C GLY A 573 -23.15 -13.60 29.27
N LEU A 574 -22.04 -14.20 29.74
CA LEU A 574 -20.85 -14.35 28.92
C LEU A 574 -20.91 -15.71 28.25
N GLN A 575 -21.67 -15.78 27.17
CA GLN A 575 -21.90 -17.01 26.45
C GLN A 575 -20.71 -17.36 25.55
N PRO A 576 -20.45 -18.64 25.33
CA PRO A 576 -19.28 -19.05 24.55
C PRO A 576 -19.43 -18.78 23.05
N ILE A 577 -18.45 -19.24 22.28
CA ILE A 577 -18.41 -19.02 20.84
C ILE A 577 -17.62 -20.15 20.22
N LEU A 578 -18.11 -20.67 19.09
CA LEU A 578 -17.42 -21.74 18.40
C LEU A 578 -16.10 -21.23 17.81
N ASN A 579 -15.20 -22.18 17.51
CA ASN A 579 -13.92 -21.83 16.92
C ASN A 579 -14.12 -21.09 15.61
N GLN A 580 -13.23 -20.13 15.34
CA GLN A 580 -13.39 -19.28 14.17
C GLN A 580 -13.41 -20.10 12.88
N PHE A 581 -12.32 -20.85 12.63
CA PHE A 581 -12.20 -21.64 11.41
C PHE A 581 -12.53 -23.09 11.73
N THR A 582 -13.83 -23.38 11.77
CA THR A 582 -14.35 -24.73 11.92
C THR A 582 -15.69 -24.74 11.22
N PRO A 583 -16.03 -25.81 10.49
CA PRO A 583 -17.29 -25.83 9.73
C PRO A 583 -18.46 -26.30 10.57
N ALA A 584 -19.57 -25.54 10.52
CA ALA A 584 -20.77 -25.89 11.25
C ALA A 584 -21.68 -26.84 10.47
N ASN A 585 -21.15 -27.50 9.45
CA ASN A 585 -21.94 -28.46 8.68
C ASN A 585 -21.00 -29.49 8.05
N ILE A 586 -21.57 -30.65 7.75
CA ILE A 586 -20.81 -31.78 7.20
C ILE A 586 -21.76 -32.59 6.32
N SER A 587 -21.20 -33.16 5.25
CA SER A 587 -22.00 -33.84 4.24
C SER A 587 -21.38 -35.18 3.87
N ARG A 588 -22.23 -36.20 3.79
CA ARG A 588 -21.90 -37.49 3.20
C ARG A 588 -22.81 -37.70 1.99
N GLN A 589 -22.49 -38.72 1.20
CA GLN A 589 -23.24 -38.99 -0.03
C GLN A 589 -23.54 -40.46 -0.16
N ALA A 590 -24.80 -40.77 -0.47
CA ALA A 590 -25.23 -42.12 -0.81
C ALA A 590 -25.55 -42.19 -2.30
N HIS A 591 -25.29 -43.34 -2.90
CA HIS A 591 -25.51 -43.55 -4.32
C HIS A 591 -26.49 -44.69 -4.52
N ILE A 592 -27.40 -44.52 -5.47
CA ILE A 592 -28.34 -45.58 -5.84
C ILE A 592 -27.61 -46.59 -6.71
N LEU A 593 -27.78 -47.87 -6.40
CA LEU A 593 -27.08 -48.92 -7.13
C LEU A 593 -27.54 -48.95 -8.58
N LEU A 594 -26.60 -48.82 -9.51
CA LEU A 594 -26.92 -48.77 -10.93
C LEU A 594 -25.69 -49.14 -11.73
N ASP A 595 -25.81 -50.15 -12.59
CA ASP A 595 -24.74 -50.55 -13.51
C ASP A 595 -23.47 -50.94 -12.74
N CYS A 596 -23.64 -51.76 -11.71
CA CYS A 596 -22.51 -52.28 -10.94
C CYS A 596 -22.30 -53.78 -11.14
N GLY A 597 -22.99 -54.38 -12.12
CA GLY A 597 -22.76 -55.77 -12.46
C GLY A 597 -23.50 -56.73 -11.54
N GLU A 598 -23.34 -58.02 -11.86
CA GLU A 598 -23.98 -59.06 -11.08
C GLU A 598 -23.46 -59.11 -9.65
N ASP A 599 -22.20 -58.69 -9.44
CA ASP A 599 -21.62 -58.67 -8.10
C ASP A 599 -22.27 -57.63 -7.20
N ASN A 600 -23.12 -56.75 -7.74
CA ASN A 600 -23.79 -55.70 -6.98
C ASN A 600 -22.82 -54.72 -6.34
N VAL A 601 -21.55 -54.75 -6.76
CA VAL A 601 -20.55 -53.79 -6.33
C VAL A 601 -19.86 -53.23 -7.57
N CYS A 602 -19.55 -51.95 -7.54
CA CYS A 602 -18.92 -51.26 -8.67
C CYS A 602 -17.41 -51.27 -8.46
N LYS A 603 -16.71 -52.10 -9.23
CA LYS A 603 -15.25 -52.16 -9.17
C LYS A 603 -14.69 -51.44 -10.39
N PRO A 604 -14.08 -50.27 -10.21
CA PRO A 604 -13.53 -49.54 -11.36
C PRO A 604 -12.08 -49.91 -11.62
N LYS A 605 -11.58 -49.49 -12.78
CA LYS A 605 -10.19 -49.67 -13.19
C LYS A 605 -9.68 -48.30 -13.65
N LEU A 606 -9.16 -47.53 -12.70
CA LEU A 606 -8.74 -46.17 -12.96
C LEU A 606 -7.31 -46.14 -13.49
N GLU A 607 -7.03 -45.17 -14.35
CA GLU A 607 -5.76 -45.14 -15.07
C GLU A 607 -5.35 -43.68 -15.30
N VAL A 608 -4.13 -43.35 -14.88
CA VAL A 608 -3.58 -42.01 -15.02
C VAL A 608 -2.43 -42.03 -16.01
N SER A 609 -2.39 -41.03 -16.88
CA SER A 609 -1.33 -40.91 -17.88
C SER A 609 -0.96 -39.44 -18.01
N VAL A 610 0.35 -39.17 -18.13
CA VAL A 610 0.86 -37.82 -18.25
C VAL A 610 2.02 -37.83 -19.23
N ASP A 611 1.92 -37.04 -20.30
CA ASP A 611 2.96 -36.94 -21.30
C ASP A 611 3.85 -35.74 -21.03
N SER A 612 5.04 -35.75 -21.64
CA SER A 612 6.06 -34.72 -21.39
C SER A 612 6.05 -33.74 -22.56
N ASP A 613 5.14 -32.77 -22.49
CA ASP A 613 5.14 -31.68 -23.46
C ASP A 613 6.23 -30.66 -23.12
N GLN A 614 6.21 -30.15 -21.89
CA GLN A 614 7.33 -29.37 -21.39
C GLN A 614 8.51 -30.29 -21.12
N LYS A 615 9.70 -29.81 -21.45
CA LYS A 615 10.90 -30.62 -21.29
C LYS A 615 11.91 -30.05 -20.30
N LYS A 616 12.17 -28.75 -20.36
CA LYS A 616 13.17 -28.12 -19.51
C LYS A 616 12.51 -27.05 -18.65
N ILE A 617 12.97 -26.94 -17.41
CA ILE A 617 12.56 -25.88 -16.48
C ILE A 617 13.81 -25.12 -16.09
N TYR A 618 13.93 -23.89 -16.58
CA TYR A 618 15.14 -23.10 -16.40
C TYR A 618 15.19 -22.51 -15.00
N ILE A 619 16.32 -22.68 -14.33
CA ILE A 619 16.47 -22.19 -12.96
C ILE A 619 16.59 -20.67 -12.97
N GLY A 620 15.91 -20.04 -12.01
CA GLY A 620 16.03 -18.61 -11.78
C GLY A 620 14.77 -17.80 -12.04
N ASP A 621 13.79 -18.36 -12.77
CA ASP A 621 12.58 -17.62 -13.09
C ASP A 621 11.39 -18.56 -13.05
N ASP A 622 10.20 -17.97 -12.97
CA ASP A 622 8.96 -18.72 -13.04
C ASP A 622 8.65 -19.06 -14.49
N ASN A 623 8.33 -20.33 -14.75
CA ASN A 623 8.13 -20.79 -16.11
C ASN A 623 6.74 -21.35 -16.29
N PRO A 624 6.15 -21.19 -17.46
CA PRO A 624 4.90 -21.91 -17.77
C PRO A 624 5.14 -23.40 -17.81
N LEU A 625 4.55 -24.14 -16.87
CA LEU A 625 4.72 -25.58 -16.77
C LEU A 625 3.33 -26.23 -16.88
N THR A 626 3.02 -26.78 -18.04
CA THR A 626 1.72 -27.38 -18.31
C THR A 626 1.86 -28.90 -18.42
N LEU A 627 1.04 -29.61 -17.66
CA LEU A 627 0.97 -31.06 -17.72
C LEU A 627 -0.41 -31.46 -18.23
N ILE A 628 -0.45 -32.21 -19.32
CA ILE A 628 -1.70 -32.75 -19.85
C ILE A 628 -1.91 -34.13 -19.26
N VAL A 629 -3.06 -34.34 -18.62
CA VAL A 629 -3.37 -35.57 -17.91
C VAL A 629 -4.42 -36.35 -18.68
N LYS A 630 -4.38 -37.68 -18.54
CA LYS A 630 -5.34 -38.58 -19.18
C LYS A 630 -5.85 -39.54 -18.12
N ALA A 631 -6.99 -39.20 -17.52
CA ALA A 631 -7.63 -40.03 -16.50
C ALA A 631 -8.80 -40.76 -17.16
N GLN A 632 -8.81 -42.08 -17.04
CA GLN A 632 -9.85 -42.91 -17.63
C GLN A 632 -10.25 -44.01 -16.66
N ASN A 633 -11.50 -44.44 -16.77
CA ASN A 633 -12.09 -45.45 -15.89
C ASN A 633 -12.59 -46.59 -16.77
N GLN A 634 -11.74 -47.58 -17.01
CA GLN A 634 -12.10 -48.74 -17.83
C GLN A 634 -12.68 -49.85 -16.96
N GLY A 635 -13.70 -49.48 -16.20
CA GLY A 635 -14.39 -50.42 -15.34
C GLY A 635 -15.75 -49.88 -14.96
N GLU A 636 -16.33 -50.50 -13.94
CA GLU A 636 -17.62 -50.05 -13.46
C GLU A 636 -17.50 -48.66 -12.84
N GLY A 637 -18.64 -48.02 -12.64
CA GLY A 637 -18.63 -46.62 -12.22
C GLY A 637 -17.88 -46.41 -10.92
N ALA A 638 -17.24 -45.26 -10.82
CA ALA A 638 -16.45 -44.87 -9.66
C ALA A 638 -17.14 -43.70 -8.96
N TYR A 639 -17.52 -43.90 -7.70
CA TYR A 639 -18.22 -42.87 -6.95
C TYR A 639 -17.22 -41.81 -6.48
N GLU A 640 -17.55 -40.54 -6.72
CA GLU A 640 -16.77 -39.41 -6.20
C GLU A 640 -15.30 -39.51 -6.65
N ALA A 641 -15.11 -39.59 -7.96
CA ALA A 641 -13.77 -39.67 -8.51
C ALA A 641 -13.08 -38.32 -8.46
N GLU A 642 -11.79 -38.33 -8.11
CA GLU A 642 -11.01 -37.11 -8.00
C GLU A 642 -9.58 -37.39 -8.45
N LEU A 643 -9.02 -36.45 -9.20
CA LEU A 643 -7.61 -36.51 -9.58
C LEU A 643 -6.78 -35.84 -8.50
N ILE A 644 -5.81 -36.58 -7.95
CA ILE A 644 -4.99 -36.11 -6.84
C ILE A 644 -3.61 -35.78 -7.41
N VAL A 645 -3.34 -34.49 -7.58
CA VAL A 645 -2.07 -34.02 -8.14
C VAL A 645 -1.23 -33.51 -6.97
N SER A 646 -0.38 -34.39 -6.44
CA SER A 646 0.54 -34.02 -5.38
C SER A 646 1.74 -33.31 -5.98
N ILE A 647 1.94 -32.06 -5.59
CA ILE A 647 2.94 -31.19 -6.23
C ILE A 647 4.11 -30.97 -5.28
N PRO A 648 5.24 -30.45 -5.76
CA PRO A 648 6.38 -30.16 -4.90
C PRO A 648 6.21 -28.79 -4.24
N LEU A 649 7.21 -28.42 -3.44
CA LEU A 649 7.15 -27.16 -2.70
C LEU A 649 7.18 -25.94 -3.61
N GLN A 650 7.60 -26.10 -4.87
CA GLN A 650 7.81 -24.98 -5.78
C GLN A 650 6.73 -24.87 -6.85
N ALA A 651 5.58 -25.53 -6.65
CA ALA A 651 4.60 -25.67 -7.72
C ALA A 651 3.81 -24.38 -7.94
N ASP A 652 3.02 -23.97 -6.96
CA ASP A 652 2.17 -22.78 -7.06
C ASP A 652 1.21 -22.89 -8.25
N PHE A 653 0.30 -23.87 -8.13
CA PHE A 653 -0.66 -24.16 -9.17
C PHE A 653 -1.47 -22.91 -9.57
N ILE A 654 -1.78 -22.82 -10.86
CA ILE A 654 -2.59 -21.72 -11.38
C ILE A 654 -3.49 -22.26 -12.49
N GLY A 655 -4.80 -22.16 -12.29
CA GLY A 655 -5.79 -22.33 -13.34
C GLY A 655 -5.80 -23.66 -14.10
N VAL A 656 -6.72 -23.77 -15.05
CA VAL A 656 -6.82 -24.92 -15.95
C VAL A 656 -6.94 -24.39 -17.37
N VAL A 657 -6.69 -25.28 -18.33
CA VAL A 657 -6.61 -24.90 -19.74
C VAL A 657 -8.01 -24.91 -20.35
N ARG A 658 -8.39 -23.80 -20.98
CA ARG A 658 -9.68 -23.64 -21.63
C ARG A 658 -9.59 -23.59 -23.16
N ASN A 659 -8.51 -23.04 -23.70
CA ASN A 659 -8.44 -22.72 -25.13
C ASN A 659 -8.49 -23.95 -26.03
N ASN A 660 -8.35 -25.15 -25.48
CA ASN A 660 -8.37 -26.37 -26.28
C ASN A 660 -9.70 -27.09 -26.12
N GLU A 661 -10.22 -27.59 -27.25
CA GLU A 661 -11.33 -28.54 -27.21
C GLU A 661 -10.84 -29.98 -27.16
N ALA A 662 -9.57 -30.23 -27.54
CA ALA A 662 -9.00 -31.57 -27.40
C ALA A 662 -9.00 -32.00 -25.95
N LEU A 663 -8.62 -31.10 -25.04
CA LEU A 663 -8.71 -31.32 -23.61
C LEU A 663 -9.89 -30.52 -23.07
N ALA A 664 -10.78 -31.19 -22.34
CA ALA A 664 -11.98 -30.56 -21.83
C ALA A 664 -11.67 -29.75 -20.57
N ARG A 665 -12.49 -28.73 -20.34
CA ARG A 665 -12.38 -27.97 -19.10
C ARG A 665 -12.56 -28.90 -17.91
N LEU A 666 -11.98 -28.51 -16.77
CA LEU A 666 -12.12 -29.28 -15.54
C LEU A 666 -12.31 -28.35 -14.36
N SER A 667 -13.04 -28.83 -13.37
CA SER A 667 -13.22 -28.12 -12.11
C SER A 667 -12.16 -28.64 -11.14
N CYS A 668 -11.16 -27.82 -10.85
CA CYS A 668 -10.07 -28.18 -9.96
C CYS A 668 -10.06 -27.24 -8.76
N ALA A 669 -9.19 -27.57 -7.81
CA ALA A 669 -9.07 -26.77 -6.59
C ALA A 669 -7.73 -27.05 -5.93
N PHE A 670 -7.17 -26.03 -5.31
CA PHE A 670 -5.91 -26.11 -4.59
C PHE A 670 -6.20 -26.10 -3.09
N LYS A 671 -5.72 -27.11 -2.37
CA LYS A 671 -5.96 -27.19 -0.94
C LYS A 671 -4.78 -27.91 -0.28
N THR A 672 -4.26 -27.31 0.79
CA THR A 672 -3.24 -27.92 1.62
C THR A 672 -3.77 -28.00 3.04
N GLU A 673 -4.12 -29.21 3.47
CA GLU A 673 -4.71 -29.42 4.79
C GLU A 673 -3.86 -30.32 5.68
N ASN A 674 -3.48 -31.51 5.20
CA ASN A 674 -2.82 -32.51 6.01
C ASN A 674 -1.42 -32.80 5.47
N GLN A 675 -0.42 -32.11 6.02
CA GLN A 675 0.98 -32.47 5.81
C GLN A 675 1.41 -32.40 4.35
N THR A 676 0.52 -31.94 3.46
CA THR A 676 0.77 -32.07 2.04
C THR A 676 0.17 -30.90 1.27
N ARG A 677 0.85 -30.54 0.19
CA ARG A 677 0.30 -29.66 -0.84
C ARG A 677 -0.11 -30.51 -2.03
N GLN A 678 -1.26 -30.19 -2.63
CA GLN A 678 -1.76 -30.98 -3.75
C GLN A 678 -2.92 -30.25 -4.39
N VAL A 679 -3.29 -30.72 -5.58
CA VAL A 679 -4.40 -30.17 -6.36
C VAL A 679 -5.41 -31.27 -6.60
N VAL A 680 -6.68 -30.99 -6.29
CA VAL A 680 -7.76 -31.95 -6.44
C VAL A 680 -8.67 -31.49 -7.57
N CYS A 681 -9.06 -32.44 -8.43
CA CYS A 681 -9.90 -32.16 -9.58
C CYS A 681 -11.03 -33.17 -9.64
N ASP A 682 -12.26 -32.69 -9.80
CA ASP A 682 -13.41 -33.57 -9.95
C ASP A 682 -13.36 -34.27 -11.30
N LEU A 683 -13.46 -35.59 -11.29
CA LEU A 683 -13.47 -36.39 -12.51
C LEU A 683 -14.84 -36.97 -12.82
N GLY A 684 -15.83 -36.73 -11.97
CA GLY A 684 -17.15 -37.28 -12.17
C GLY A 684 -17.70 -37.94 -10.93
N ASN A 685 -18.98 -37.72 -10.65
CA ASN A 685 -19.65 -38.28 -9.46
C ASN A 685 -21.01 -38.81 -9.87
N PRO A 686 -21.07 -40.05 -10.38
CA PRO A 686 -19.89 -40.91 -10.54
C PRO A 686 -19.21 -40.78 -11.90
N MET A 687 -17.92 -41.11 -11.94
CA MET A 687 -17.18 -41.23 -13.19
C MET A 687 -17.51 -42.57 -13.82
N LYS A 688 -18.28 -42.55 -14.91
CA LYS A 688 -18.83 -43.77 -15.47
C LYS A 688 -17.77 -44.51 -16.28
N ALA A 689 -18.17 -45.65 -16.86
CA ALA A 689 -17.25 -46.48 -17.62
C ALA A 689 -16.66 -45.70 -18.80
N GLY A 690 -15.53 -46.18 -19.29
CA GLY A 690 -14.80 -45.45 -20.32
C GLY A 690 -14.31 -44.12 -19.81
N THR A 691 -14.91 -43.03 -20.29
CA THR A 691 -14.67 -41.69 -19.76
C THR A 691 -13.18 -41.33 -19.85
N GLN A 692 -12.69 -41.23 -21.09
CA GLN A 692 -11.32 -40.80 -21.35
C GLN A 692 -11.30 -39.27 -21.33
N LEU A 693 -10.82 -38.70 -20.23
CA LEU A 693 -10.78 -37.25 -20.06
C LEU A 693 -9.38 -36.72 -20.34
N LEU A 694 -9.32 -35.65 -21.14
CA LEU A 694 -8.10 -34.88 -21.35
C LEU A 694 -8.23 -33.53 -20.67
N ALA A 695 -7.18 -33.10 -19.98
CA ALA A 695 -7.21 -31.84 -19.26
C ALA A 695 -5.79 -31.36 -19.05
N GLY A 696 -5.63 -30.04 -18.97
CA GLY A 696 -4.33 -29.43 -18.75
C GLY A 696 -4.32 -28.63 -17.46
N LEU A 697 -3.21 -28.70 -16.73
CA LEU A 697 -3.03 -27.98 -15.47
C LEU A 697 -1.77 -27.14 -15.58
N ARG A 698 -1.93 -25.82 -15.57
CA ARG A 698 -0.79 -24.91 -15.64
C ARG A 698 -0.19 -24.70 -14.26
N PHE A 699 1.12 -24.42 -14.24
CA PHE A 699 1.85 -24.17 -13.01
C PHE A 699 2.89 -23.09 -13.26
N SER A 700 3.70 -22.82 -12.25
CA SER A 700 4.83 -21.90 -12.38
C SER A 700 5.82 -22.24 -11.29
N VAL A 701 6.97 -22.78 -11.69
CA VAL A 701 7.93 -23.35 -10.75
C VAL A 701 8.86 -22.26 -10.25
N HIS A 702 8.93 -22.10 -8.93
CA HIS A 702 9.89 -21.22 -8.27
C HIS A 702 10.95 -22.13 -7.65
N GLN A 703 12.05 -22.33 -8.37
CA GLN A 703 13.00 -23.39 -8.08
C GLN A 703 13.53 -23.29 -6.64
N GLN A 704 14.22 -24.35 -6.22
CA GLN A 704 14.61 -24.51 -4.81
C GLN A 704 16.01 -25.08 -4.69
N SER A 705 16.81 -24.49 -3.80
CA SER A 705 18.04 -25.08 -3.29
C SER A 705 19.22 -25.10 -4.25
N GLU A 706 18.98 -24.77 -5.53
CA GLU A 706 20.07 -24.61 -6.48
C GLU A 706 20.88 -25.88 -6.69
N MET A 707 20.49 -26.98 -6.05
CA MET A 707 21.20 -28.25 -6.19
C MET A 707 20.33 -29.38 -6.69
N ASP A 708 19.01 -29.20 -6.74
CA ASP A 708 18.13 -30.24 -7.24
C ASP A 708 18.30 -30.40 -8.75
N THR A 709 17.89 -31.56 -9.25
CA THR A 709 17.98 -31.87 -10.67
C THR A 709 16.63 -32.04 -11.34
N SER A 710 15.55 -32.20 -10.59
CA SER A 710 14.23 -32.41 -11.16
C SER A 710 13.18 -31.87 -10.20
N VAL A 711 11.93 -31.87 -10.66
CA VAL A 711 10.78 -31.56 -9.82
C VAL A 711 9.80 -32.72 -9.91
N LYS A 712 9.19 -33.06 -8.78
CA LYS A 712 8.38 -34.26 -8.66
C LYS A 712 6.90 -33.96 -8.87
N PHE A 713 6.21 -34.87 -9.54
CA PHE A 713 4.76 -34.79 -9.73
C PHE A 713 4.20 -36.20 -9.66
N ASP A 714 3.39 -36.48 -8.64
CA ASP A 714 2.75 -37.77 -8.46
C ASP A 714 1.24 -37.60 -8.59
N LEU A 715 0.63 -38.43 -9.44
CA LEU A 715 -0.81 -38.38 -9.69
C LEU A 715 -1.44 -39.74 -9.43
N GLN A 716 -2.70 -39.72 -9.00
CA GLN A 716 -3.50 -40.93 -8.89
C GLN A 716 -4.96 -40.53 -8.74
N ILE A 717 -5.83 -41.37 -9.28
CA ILE A 717 -7.27 -41.18 -9.14
C ILE A 717 -7.73 -41.87 -7.86
N GLN A 718 -8.73 -41.28 -7.21
CA GLN A 718 -9.30 -41.86 -6.01
C GLN A 718 -10.83 -41.85 -6.11
N SER A 719 -11.46 -42.72 -5.34
CA SER A 719 -12.91 -42.86 -5.39
C SER A 719 -13.40 -43.52 -4.10
N SER A 720 -14.68 -43.35 -3.83
CA SER A 720 -15.30 -43.87 -2.62
C SER A 720 -15.68 -45.35 -2.72
N ASN A 721 -15.37 -46.00 -3.84
CA ASN A 721 -15.73 -47.40 -3.99
C ASN A 721 -15.00 -48.24 -2.95
N LEU A 722 -15.57 -49.43 -2.68
CA LEU A 722 -14.96 -50.33 -1.70
C LEU A 722 -13.71 -50.99 -2.27
N PHE A 723 -13.79 -51.48 -3.50
CA PHE A 723 -12.72 -52.26 -4.11
C PHE A 723 -12.17 -51.53 -5.33
N ASP A 724 -10.84 -51.57 -5.48
CA ASP A 724 -10.17 -50.93 -6.61
C ASP A 724 -10.49 -49.44 -6.68
N LYS A 725 -10.54 -48.79 -5.51
CA LYS A 725 -10.98 -47.41 -5.43
C LYS A 725 -9.94 -46.41 -5.94
N VAL A 726 -8.70 -46.85 -6.19
CA VAL A 726 -7.64 -45.94 -6.60
C VAL A 726 -6.98 -46.49 -7.87
N SER A 727 -6.24 -45.62 -8.53
CA SER A 727 -5.39 -45.94 -9.66
C SER A 727 -3.94 -46.03 -9.21
N PRO A 728 -3.09 -46.75 -9.96
CA PRO A 728 -1.67 -46.76 -9.62
C PRO A 728 -1.09 -45.36 -9.70
N VAL A 729 -0.20 -45.05 -8.76
CA VAL A 729 0.36 -43.70 -8.65
C VAL A 729 1.41 -43.54 -9.74
N VAL A 730 1.02 -42.91 -10.84
CA VAL A 730 1.96 -42.60 -11.91
C VAL A 730 2.70 -41.31 -11.58
N SER A 731 3.99 -41.28 -11.87
CA SER A 731 4.83 -40.12 -11.60
C SER A 731 5.44 -39.60 -12.89
N HIS A 732 5.63 -38.29 -12.95
CA HIS A 732 6.22 -37.62 -14.11
C HIS A 732 7.07 -36.46 -13.63
N LYS A 733 8.30 -36.40 -14.11
CA LYS A 733 9.25 -35.36 -13.73
C LYS A 733 9.75 -34.62 -14.95
N VAL A 734 10.14 -33.37 -14.75
CA VAL A 734 10.83 -32.58 -15.76
C VAL A 734 12.15 -32.10 -15.18
N ASP A 735 13.15 -31.97 -16.06
CA ASP A 735 14.51 -31.70 -15.62
C ASP A 735 14.75 -30.20 -15.48
N LEU A 736 15.40 -29.82 -14.38
CA LEU A 736 15.88 -28.46 -14.24
C LEU A 736 17.04 -28.22 -15.20
N ALA A 737 17.08 -27.03 -15.80
CA ALA A 737 18.09 -26.68 -16.79
C ALA A 737 18.76 -25.37 -16.40
N VAL A 738 19.88 -25.10 -17.06
CA VAL A 738 20.66 -23.88 -16.81
C VAL A 738 20.67 -23.08 -18.10
N LEU A 739 20.19 -21.83 -18.02
CA LEU A 739 20.27 -20.89 -19.14
C LEU A 739 20.69 -19.54 -18.57
N ALA A 740 21.78 -18.99 -19.09
CA ALA A 740 22.31 -17.71 -18.61
C ALA A 740 22.74 -16.90 -19.83
N ALA A 741 21.87 -15.99 -20.27
CA ALA A 741 22.19 -15.12 -21.39
C ALA A 741 23.14 -14.03 -20.93
N VAL A 742 24.44 -14.31 -20.98
CA VAL A 742 25.46 -13.36 -20.56
C VAL A 742 25.94 -12.58 -21.77
N GLU A 743 26.05 -11.26 -21.61
CA GLU A 743 26.50 -10.39 -22.68
C GLU A 743 27.52 -9.40 -22.14
N ILE A 744 28.35 -8.89 -23.03
CA ILE A 744 29.38 -7.91 -22.69
C ILE A 744 29.28 -6.74 -23.66
N ARG A 745 29.18 -5.54 -23.11
CA ARG A 745 29.03 -4.33 -23.91
C ARG A 745 30.16 -3.35 -23.58
N GLY A 746 30.51 -2.54 -24.58
CA GLY A 746 31.58 -1.57 -24.41
C GLY A 746 31.21 -0.25 -25.06
N VAL A 747 31.89 0.80 -24.63
CA VAL A 747 31.65 2.14 -25.14
C VAL A 747 32.89 2.98 -24.89
N SER A 748 33.14 3.93 -25.78
CA SER A 748 34.24 4.88 -25.64
C SER A 748 33.68 6.26 -25.35
N SER A 749 34.38 7.01 -24.50
CA SER A 749 33.91 8.32 -24.05
C SER A 749 35.10 9.26 -23.91
N PRO A 750 35.38 10.10 -24.92
CA PRO A 750 34.59 10.14 -26.16
C PRO A 750 35.01 9.06 -27.15
N ASP A 751 34.20 8.86 -28.19
CA ASP A 751 34.55 7.95 -29.28
C ASP A 751 35.29 8.65 -30.40
N HIS A 752 35.54 9.95 -30.27
CA HIS A 752 36.26 10.73 -31.26
C HIS A 752 37.23 11.66 -30.56
N VAL A 753 38.37 11.91 -31.20
CA VAL A 753 39.33 12.91 -30.75
C VAL A 753 39.85 13.62 -31.99
N PHE A 754 39.46 14.87 -32.17
CA PHE A 754 39.85 15.65 -33.33
C PHE A 754 41.20 16.32 -33.07
N LEU A 755 42.11 16.20 -34.04
CA LEU A 755 43.42 16.82 -33.91
C LEU A 755 43.49 18.09 -34.75
N PRO A 756 44.33 19.06 -34.35
CA PRO A 756 45.19 18.98 -33.16
C PRO A 756 44.46 19.39 -31.88
N ILE A 757 45.05 19.04 -30.74
CA ILE A 757 44.46 19.38 -29.44
C ILE A 757 44.69 20.87 -29.18
N PRO A 758 43.66 21.62 -28.80
CA PRO A 758 43.85 23.04 -28.55
C PRO A 758 44.68 23.29 -27.30
N ASN A 759 45.53 24.32 -27.37
CA ASN A 759 46.38 24.72 -26.24
C ASN A 759 47.26 23.56 -25.77
N TRP A 760 47.85 22.85 -26.72
CA TRP A 760 48.71 21.71 -26.41
C TRP A 760 50.15 22.02 -26.77
N GLU A 761 51.06 21.77 -25.84
CA GLU A 761 52.49 21.92 -26.06
C GLU A 761 53.18 20.64 -25.62
N HIS A 762 54.44 20.50 -26.04
CA HIS A 762 55.20 19.27 -25.83
C HIS A 762 56.12 19.45 -24.62
N LYS A 763 55.78 18.76 -23.53
CA LYS A 763 56.67 18.61 -22.39
C LYS A 763 57.32 17.23 -22.50
N GLU A 764 58.64 17.21 -22.71
CA GLU A 764 59.32 15.93 -22.93
C GLU A 764 59.27 15.02 -21.72
N ASN A 765 59.07 15.57 -20.52
CA ASN A 765 58.93 14.80 -19.29
C ASN A 765 57.72 15.33 -18.53
N PRO A 766 56.51 14.96 -18.95
CA PRO A 766 55.30 15.53 -18.38
C PRO A 766 54.71 14.71 -17.25
N GLU A 767 54.16 15.40 -16.25
CA GLU A 767 53.24 14.79 -15.29
C GLU A 767 52.14 15.84 -15.00
N THR A 768 51.14 15.88 -15.88
CA THR A 768 49.99 16.76 -15.64
C THR A 768 48.64 16.14 -15.97
N GLU A 769 48.56 15.13 -16.84
CA GLU A 769 47.31 14.65 -17.42
C GLU A 769 46.79 15.67 -18.42
N GLU A 770 47.41 16.84 -18.45
CA GLU A 770 47.12 17.89 -19.42
C GLU A 770 48.20 18.01 -20.48
N ASP A 771 49.46 17.74 -20.12
CA ASP A 771 50.55 17.71 -21.09
C ASP A 771 50.54 16.46 -21.94
N VAL A 772 49.86 15.40 -21.50
CA VAL A 772 49.79 14.16 -22.27
C VAL A 772 48.76 14.28 -23.38
N GLY A 773 47.50 14.53 -23.02
CA GLY A 773 46.44 14.65 -23.99
C GLY A 773 45.06 14.53 -23.37
N PRO A 774 44.04 14.45 -24.22
CA PRO A 774 42.66 14.34 -23.71
C PRO A 774 42.42 12.99 -23.06
N VAL A 775 41.41 12.98 -22.19
CA VAL A 775 41.03 11.77 -21.47
C VAL A 775 40.12 10.93 -22.36
N VAL A 776 40.54 9.72 -22.65
CA VAL A 776 39.75 8.75 -23.42
C VAL A 776 39.34 7.63 -22.49
N GLN A 777 38.04 7.45 -22.31
CA GLN A 777 37.50 6.48 -21.36
C GLN A 777 36.90 5.30 -22.10
N HIS A 778 37.20 4.09 -21.61
CA HIS A 778 36.63 2.86 -22.13
C HIS A 778 35.89 2.15 -21.00
N ILE A 779 34.61 1.87 -21.22
CA ILE A 779 33.78 1.20 -20.23
C ILE A 779 33.37 -0.15 -20.80
N TYR A 780 33.64 -1.21 -20.06
CA TYR A 780 33.22 -2.55 -20.41
C TYR A 780 32.31 -3.10 -19.31
N GLU A 781 31.14 -3.58 -19.70
CA GLU A 781 30.15 -4.11 -18.76
C GLU A 781 29.86 -5.55 -19.10
N LEU A 782 30.04 -6.43 -18.11
CA LEU A 782 29.65 -7.84 -18.22
C LEU A 782 28.36 -8.00 -17.43
N ARG A 783 27.27 -8.33 -18.13
CA ARG A 783 25.95 -8.44 -17.52
C ARG A 783 25.37 -9.82 -17.77
N ASN A 784 24.74 -10.39 -16.75
CA ASN A 784 24.14 -11.71 -16.79
C ASN A 784 22.63 -11.55 -16.81
N ASN A 785 22.06 -11.46 -18.01
CA ASN A 785 20.62 -11.29 -18.14
C ASN A 785 19.86 -12.58 -17.88
N GLY A 786 20.46 -13.73 -18.17
CA GLY A 786 19.78 -15.00 -18.10
C GLY A 786 19.15 -15.26 -16.75
N PRO A 787 18.22 -16.21 -16.70
CA PRO A 787 17.58 -16.56 -15.43
C PRO A 787 18.56 -17.21 -14.46
N SER A 788 19.30 -18.21 -14.93
CA SER A 788 20.28 -18.87 -14.09
C SER A 788 21.50 -17.98 -13.89
N SER A 789 22.08 -18.04 -12.69
CA SER A 789 23.27 -17.27 -12.38
C SER A 789 24.51 -18.15 -12.50
N PHE A 790 25.66 -17.50 -12.71
CA PHE A 790 26.94 -18.18 -12.70
C PHE A 790 27.77 -17.72 -11.50
N SER A 791 28.76 -18.55 -11.15
CA SER A 791 29.55 -18.33 -9.94
C SER A 791 30.96 -17.84 -10.21
N LYS A 792 31.52 -18.10 -11.39
CA LYS A 792 32.87 -17.67 -11.71
C LYS A 792 33.00 -17.47 -13.21
N ALA A 793 33.67 -16.40 -13.61
CA ALA A 793 33.94 -16.13 -15.01
C ALA A 793 35.26 -15.39 -15.13
N MET A 794 35.77 -15.34 -16.36
CA MET A 794 37.00 -14.63 -16.67
C MET A 794 36.72 -13.56 -17.72
N LEU A 795 37.44 -12.45 -17.61
CA LEU A 795 37.32 -11.34 -18.55
C LEU A 795 38.72 -10.93 -18.99
N HIS A 796 38.92 -10.85 -20.30
CA HIS A 796 40.23 -10.59 -20.88
C HIS A 796 40.16 -9.32 -21.72
N LEU A 797 40.78 -8.25 -21.22
CA LEU A 797 40.86 -6.99 -21.95
C LEU A 797 42.17 -6.92 -22.72
N GLN A 798 42.09 -6.54 -23.99
CA GLN A 798 43.26 -6.38 -24.86
C GLN A 798 43.37 -4.90 -25.21
N TRP A 799 44.43 -4.26 -24.72
CA TRP A 799 44.59 -2.82 -24.84
C TRP A 799 45.76 -2.49 -25.74
N PRO A 800 45.59 -1.61 -26.74
CA PRO A 800 46.70 -1.24 -27.61
C PRO A 800 47.63 -0.22 -26.97
N TYR A 801 48.61 -0.70 -26.20
CA TYR A 801 49.45 0.21 -25.43
C TYR A 801 50.30 1.08 -26.35
N LYS A 802 51.14 0.46 -27.17
CA LYS A 802 52.07 1.19 -28.02
C LYS A 802 52.06 0.62 -29.44
N TYR A 803 52.62 1.41 -30.35
CA TYR A 803 52.79 1.01 -31.75
C TYR A 803 54.12 1.58 -32.21
N ASN A 804 55.13 0.72 -32.34
CA ASN A 804 56.48 1.12 -32.71
C ASN A 804 57.09 2.03 -31.64
N ASN A 805 57.15 1.51 -30.41
CA ASN A 805 57.96 2.08 -29.33
C ASN A 805 57.51 3.48 -28.92
N ASN A 806 56.21 3.77 -29.03
CA ASN A 806 55.68 5.01 -28.47
C ASN A 806 54.19 4.85 -28.20
N THR A 807 53.74 5.50 -27.13
CA THR A 807 52.44 5.21 -26.54
C THR A 807 51.28 5.63 -27.44
N LEU A 808 50.21 4.85 -27.40
CA LEU A 808 48.96 5.18 -28.08
C LEU A 808 47.91 5.74 -27.12
N LEU A 809 47.52 4.95 -26.12
CA LEU A 809 46.52 5.34 -25.12
C LEU A 809 47.10 5.02 -23.75
N TYR A 810 47.83 5.98 -23.17
CA TYR A 810 48.45 5.79 -21.87
C TYR A 810 47.39 5.63 -20.81
N ILE A 811 47.25 4.41 -20.27
CA ILE A 811 46.24 4.15 -19.24
C ILE A 811 46.65 4.85 -17.95
N LEU A 812 45.79 5.72 -17.45
CA LEU A 812 46.03 6.38 -16.18
C LEU A 812 45.63 5.49 -15.01
N HIS A 813 44.43 4.93 -15.05
CA HIS A 813 43.87 4.21 -13.92
C HIS A 813 42.65 3.44 -14.41
N TYR A 814 42.33 2.35 -13.70
CA TYR A 814 41.12 1.58 -14.00
C TYR A 814 40.43 1.22 -12.70
N ASP A 815 39.10 1.36 -12.70
CA ASP A 815 38.28 1.07 -11.53
C ASP A 815 37.36 -0.11 -11.82
N ILE A 816 36.87 -0.72 -10.75
CA ILE A 816 35.99 -1.88 -10.84
C ILE A 816 34.67 -1.55 -10.15
N ASP A 817 33.60 -2.17 -10.65
CA ASP A 817 32.28 -2.04 -10.05
C ASP A 817 31.61 -3.39 -10.13
N GLY A 818 31.46 -4.05 -8.99
CA GLY A 818 30.85 -5.37 -8.94
C GLY A 818 31.80 -6.42 -8.40
N PRO A 819 31.37 -7.68 -8.45
CA PRO A 819 32.19 -8.79 -7.93
C PRO A 819 33.25 -9.23 -8.94
N MET A 820 34.35 -8.47 -8.97
CA MET A 820 35.38 -8.72 -9.98
C MET A 820 36.69 -8.09 -9.52
N ASN A 821 37.77 -8.86 -9.60
CA ASN A 821 39.13 -8.37 -9.44
C ASN A 821 39.84 -8.40 -10.79
N CYS A 822 40.75 -7.44 -11.00
CA CYS A 822 41.48 -7.35 -12.25
C CYS A 822 42.96 -7.15 -11.97
N THR A 823 43.77 -7.54 -12.95
CA THR A 823 45.22 -7.41 -12.87
C THR A 823 45.76 -7.14 -14.26
N SER A 824 46.68 -6.18 -14.34
CA SER A 824 47.30 -5.82 -15.61
C SER A 824 48.69 -6.45 -15.69
N ASP A 825 49.01 -7.05 -16.84
CA ASP A 825 50.34 -7.63 -17.02
C ASP A 825 51.41 -6.58 -17.21
N MET A 826 51.07 -5.30 -17.14
CA MET A 826 52.06 -4.22 -17.17
C MET A 826 51.68 -3.20 -16.12
N GLU A 827 52.69 -2.54 -15.56
CA GLU A 827 52.49 -1.56 -14.50
C GLU A 827 51.72 -0.35 -15.04
N ILE A 828 50.47 -0.20 -14.63
CA ILE A 828 49.66 0.92 -15.10
C ILE A 828 50.19 2.23 -14.52
N ASN A 829 50.19 3.28 -15.34
CA ASN A 829 50.69 4.59 -14.94
C ASN A 829 52.12 4.47 -14.42
N PRO A 830 53.09 4.10 -15.27
CA PRO A 830 54.47 3.99 -14.80
C PRO A 830 55.16 5.32 -14.58
N LEU A 831 54.60 6.42 -15.10
CA LEU A 831 55.21 7.74 -14.96
C LEU A 831 54.67 8.52 -13.78
N ARG A 832 53.74 7.93 -13.00
CA ARG A 832 53.20 8.57 -11.80
C ARG A 832 52.55 9.91 -12.11
N ILE A 833 51.80 9.96 -13.22
CA ILE A 833 50.96 11.12 -13.51
C ILE A 833 49.71 11.05 -12.65
N LYS A 834 49.20 12.22 -12.26
CA LYS A 834 48.02 12.27 -11.40
C LYS A 834 46.97 13.18 -12.01
N ILE A 835 45.74 13.06 -11.49
CA ILE A 835 44.60 13.81 -12.01
C ILE A 835 44.87 15.31 -11.95
N HIS A 870 45.69 2.58 -40.33
CA HIS A 870 44.38 3.13 -39.99
C HIS A 870 43.87 2.53 -38.68
N THR A 871 43.54 1.24 -38.70
CA THR A 871 43.04 0.54 -37.53
C THR A 871 44.18 -0.06 -36.73
N LEU A 872 44.24 0.28 -35.45
CA LEU A 872 45.32 -0.15 -34.56
C LEU A 872 44.72 -0.94 -33.40
N GLY A 873 44.74 -2.27 -33.50
CA GLY A 873 44.30 -3.14 -32.44
C GLY A 873 45.46 -3.76 -31.69
N CYS A 874 45.11 -4.64 -30.74
CA CYS A 874 46.04 -5.43 -29.91
C CYS A 874 46.78 -6.50 -30.72
N GLY A 875 46.58 -6.42 -32.03
CA GLY A 875 47.19 -7.30 -33.01
C GLY A 875 48.41 -6.64 -33.60
N VAL A 876 48.24 -5.93 -34.72
CA VAL A 876 49.33 -5.26 -35.43
C VAL A 876 50.09 -4.30 -34.51
N ALA A 877 49.55 -4.05 -33.32
CA ALA A 877 50.18 -3.18 -32.35
C ALA A 877 50.57 -3.96 -31.09
N GLN A 878 51.40 -3.34 -30.26
CA GLN A 878 51.86 -3.95 -29.01
C GLN A 878 50.74 -3.90 -27.98
N CYS A 879 50.54 -5.02 -27.29
CA CYS A 879 49.34 -5.25 -26.50
C CYS A 879 49.63 -5.23 -25.01
N LEU A 880 48.73 -4.59 -24.26
CA LEU A 880 48.72 -4.59 -22.80
C LEU A 880 47.45 -5.28 -22.35
N LYS A 881 47.60 -6.38 -21.60
CA LYS A 881 46.47 -7.21 -21.21
C LYS A 881 46.03 -6.89 -19.78
N ILE A 882 44.72 -6.86 -19.58
CA ILE A 882 44.12 -6.77 -18.25
C ILE A 882 43.18 -7.96 -18.13
N VAL A 883 43.50 -8.89 -17.21
CA VAL A 883 42.71 -10.08 -16.99
C VAL A 883 41.95 -9.91 -15.68
N CYS A 884 40.68 -10.33 -15.68
CA CYS A 884 39.80 -10.13 -14.54
C CYS A 884 39.14 -11.44 -14.16
N GLN A 885 38.98 -11.65 -12.84
CA GLN A 885 38.25 -12.80 -12.32
C GLN A 885 36.92 -12.32 -11.77
N VAL A 886 35.83 -12.92 -12.23
CA VAL A 886 34.48 -12.50 -11.89
C VAL A 886 33.87 -13.49 -10.92
N GLY A 887 33.18 -12.98 -9.92
CA GLY A 887 32.49 -13.79 -8.93
C GLY A 887 31.10 -14.20 -9.39
N ARG A 888 30.18 -14.31 -8.43
CA ARG A 888 28.82 -14.71 -8.74
C ARG A 888 28.02 -13.52 -9.25
N LEU A 889 27.33 -13.71 -10.38
CA LEU A 889 26.47 -12.69 -10.97
C LEU A 889 25.09 -13.28 -11.15
N ASP A 890 24.09 -12.67 -10.49
CA ASP A 890 22.71 -13.11 -10.59
C ASP A 890 22.03 -12.38 -11.75
N ARG A 891 20.70 -12.47 -11.82
CA ARG A 891 19.97 -11.94 -12.98
C ARG A 891 20.17 -10.44 -13.14
N GLY A 892 19.73 -9.66 -12.15
CA GLY A 892 19.78 -8.21 -12.30
C GLY A 892 21.17 -7.61 -12.17
N LYS A 893 22.15 -8.38 -11.74
CA LYS A 893 23.46 -7.82 -11.41
C LYS A 893 24.41 -7.96 -12.58
N SER A 894 25.42 -7.08 -12.60
CA SER A 894 26.44 -7.09 -13.64
C SER A 894 27.77 -6.65 -13.02
N ALA A 895 28.79 -6.54 -13.87
CA ALA A 895 30.13 -6.13 -13.45
C ALA A 895 30.73 -5.25 -14.54
N ILE A 896 31.36 -4.15 -14.13
CA ILE A 896 31.78 -3.11 -15.05
C ILE A 896 33.23 -2.73 -14.78
N LEU A 897 34.00 -2.55 -15.86
CA LEU A 897 35.40 -2.13 -15.77
C LEU A 897 35.55 -0.76 -16.43
N TYR A 898 36.01 0.22 -15.67
CA TYR A 898 36.23 1.57 -16.17
C TYR A 898 37.73 1.76 -16.40
N VAL A 899 38.11 1.99 -17.66
CA VAL A 899 39.50 2.19 -18.04
C VAL A 899 39.67 3.65 -18.44
N LYS A 900 40.30 4.43 -17.58
CA LYS A 900 40.54 5.85 -17.83
C LYS A 900 41.97 6.02 -18.35
N SER A 901 42.10 6.35 -19.62
CA SER A 901 43.40 6.48 -20.26
C SER A 901 43.58 7.91 -20.77
N LEU A 902 44.76 8.16 -21.35
CA LEU A 902 45.08 9.44 -21.98
C LEU A 902 45.63 9.19 -23.38
N LEU A 903 45.17 9.99 -24.32
CA LEU A 903 45.71 9.95 -25.68
C LEU A 903 47.09 10.55 -25.68
N TRP A 904 48.12 9.74 -25.93
CA TRP A 904 49.47 10.26 -25.97
C TRP A 904 49.65 11.10 -27.23
N THR A 905 49.42 12.41 -27.11
CA THR A 905 49.42 13.27 -28.28
C THR A 905 50.76 13.28 -28.99
N GLU A 906 51.85 13.04 -28.25
CA GLU A 906 53.18 13.18 -28.82
C GLU A 906 53.37 12.27 -30.02
N THR A 907 52.90 11.02 -29.93
CA THR A 907 53.17 10.05 -30.98
C THR A 907 52.41 10.38 -32.25
N PHE A 908 51.14 10.79 -32.12
CA PHE A 908 50.45 11.37 -33.26
C PHE A 908 51.03 12.75 -33.55
N MET A 909 50.80 13.22 -34.77
CA MET A 909 50.96 14.63 -35.08
C MET A 909 52.43 15.05 -35.18
N ASN A 910 53.40 14.19 -34.90
CA ASN A 910 54.79 14.66 -34.76
C ASN A 910 55.61 14.56 -36.05
N LYS A 911 55.96 13.35 -36.47
CA LYS A 911 56.67 13.17 -37.73
C LYS A 911 56.03 12.12 -38.62
N GLU A 912 55.79 10.94 -38.07
CA GLU A 912 55.36 9.81 -38.89
C GLU A 912 53.85 9.80 -39.06
N ASN A 913 53.11 10.06 -37.98
CA ASN A 913 51.66 10.22 -38.05
C ASN A 913 51.33 11.71 -38.03
N GLN A 914 51.59 12.36 -39.18
CA GLN A 914 51.36 13.79 -39.29
C GLN A 914 49.90 14.09 -39.66
N ASN A 915 49.44 13.58 -40.80
CA ASN A 915 48.05 13.73 -41.24
C ASN A 915 47.56 12.35 -41.65
N HIS A 916 47.09 11.58 -40.67
CA HIS A 916 46.57 10.24 -40.93
C HIS A 916 45.52 9.91 -39.89
N SER A 917 44.40 9.36 -40.34
CA SER A 917 43.33 8.96 -39.44
C SER A 917 43.62 7.57 -38.88
N TYR A 918 43.53 7.44 -37.55
CA TYR A 918 43.79 6.18 -36.87
C TYR A 918 42.58 5.79 -36.03
N SER A 919 42.28 4.50 -36.03
CA SER A 919 41.16 3.94 -35.28
C SER A 919 41.73 3.05 -34.18
N LEU A 920 41.87 3.61 -32.98
CA LEU A 920 42.39 2.86 -31.85
C LEU A 920 41.35 1.86 -31.37
N LYS A 921 41.69 0.57 -31.41
CA LYS A 921 40.75 -0.51 -31.18
C LYS A 921 41.18 -1.33 -29.97
N SER A 922 40.25 -1.53 -29.04
CA SER A 922 40.44 -2.42 -27.90
C SER A 922 39.29 -3.40 -27.85
N SER A 923 39.58 -4.64 -27.47
CA SER A 923 38.58 -5.70 -27.41
C SER A 923 38.54 -6.31 -26.03
N ALA A 924 37.45 -7.02 -25.75
CA ALA A 924 37.26 -7.67 -24.46
C ALA A 924 36.39 -8.90 -24.65
N SER A 925 36.89 -10.05 -24.21
CA SER A 925 36.14 -11.30 -24.24
C SER A 925 35.91 -11.77 -22.82
N PHE A 926 34.90 -12.64 -22.67
CA PHE A 926 34.55 -13.20 -21.38
C PHE A 926 34.29 -14.69 -21.54
N ASN A 927 34.53 -15.43 -20.46
CA ASN A 927 34.35 -16.88 -20.47
C ASN A 927 33.76 -17.28 -19.12
N VAL A 928 32.55 -17.83 -19.15
CA VAL A 928 31.88 -18.31 -17.94
C VAL A 928 32.32 -19.74 -17.70
N ILE A 929 32.99 -19.98 -16.56
CA ILE A 929 33.62 -21.26 -16.30
C ILE A 929 32.86 -22.10 -15.28
N GLU A 930 32.23 -21.48 -14.28
CA GLU A 930 31.58 -22.23 -13.21
C GLU A 930 30.19 -21.70 -12.93
N PHE A 931 29.32 -22.59 -12.49
CA PHE A 931 27.96 -22.32 -12.08
C PHE A 931 27.71 -22.91 -10.70
N PRO A 932 26.79 -22.34 -9.93
CA PRO A 932 26.51 -22.87 -8.59
C PRO A 932 25.57 -24.07 -8.62
N TYR A 933 25.39 -24.66 -9.80
CA TYR A 933 24.39 -25.71 -9.99
C TYR A 933 25.05 -27.06 -10.31
N LYS A 934 26.08 -27.44 -9.57
CA LYS A 934 26.77 -28.71 -9.81
C LYS A 934 25.79 -29.87 -9.92
N ASN A 935 26.18 -30.93 -10.63
CA ASN A 935 25.30 -32.06 -10.93
C ASN A 935 24.22 -31.68 -11.94
N LEU A 936 24.54 -30.78 -12.86
CA LEU A 936 23.61 -30.33 -13.87
C LEU A 936 24.40 -29.84 -15.08
N PRO A 937 23.90 -30.02 -16.29
CA PRO A 937 24.66 -29.60 -17.48
C PRO A 937 24.79 -28.08 -17.57
N ILE A 938 25.97 -27.64 -17.99
CA ILE A 938 26.28 -26.22 -18.15
C ILE A 938 26.79 -25.95 -19.58
N GLU A 939 27.93 -26.53 -19.89
CA GLU A 939 28.51 -26.73 -21.22
C GLU A 939 29.15 -25.52 -21.90
N ASP A 940 28.81 -24.28 -21.52
CA ASP A 940 29.65 -23.13 -21.85
C ASP A 940 28.94 -21.80 -21.61
N ILE A 941 29.68 -20.70 -21.72
CA ILE A 941 29.16 -19.39 -22.11
C ILE A 941 30.36 -18.53 -22.50
N THR A 942 30.28 -17.87 -23.67
CA THR A 942 31.42 -17.10 -24.13
C THR A 942 30.99 -16.19 -25.27
N ASN A 943 31.56 -14.99 -25.30
CA ASN A 943 31.35 -14.02 -26.37
C ASN A 943 32.35 -12.88 -26.18
N SER A 944 32.38 -11.97 -27.14
CA SER A 944 33.33 -10.87 -27.09
C SER A 944 32.78 -9.67 -27.83
N THR A 945 33.42 -8.51 -27.61
CA THR A 945 33.07 -7.27 -28.29
C THR A 945 34.30 -6.38 -28.29
N LEU A 946 34.22 -5.29 -29.06
CA LEU A 946 35.33 -4.38 -29.20
C LEU A 946 34.85 -2.93 -29.15
N VAL A 947 35.75 -2.04 -28.74
CA VAL A 947 35.48 -0.62 -28.59
C VAL A 947 36.54 0.16 -29.35
N THR A 948 36.12 1.16 -30.11
CA THR A 948 37.00 1.91 -30.98
C THR A 948 36.98 3.39 -30.62
N THR A 949 38.13 4.04 -30.74
CA THR A 949 38.28 5.48 -30.51
C THR A 949 39.01 6.07 -31.70
N ASN A 950 38.30 6.81 -32.54
CA ASN A 950 38.86 7.32 -33.78
C ASN A 950 39.48 8.69 -33.58
N VAL A 951 40.74 8.83 -33.99
CA VAL A 951 41.42 10.12 -34.02
C VAL A 951 41.63 10.52 -35.47
N THR A 952 41.19 11.72 -35.84
CA THR A 952 41.24 12.18 -37.21
C THR A 952 41.67 13.64 -37.24
N TRP A 953 41.95 14.13 -38.45
CA TRP A 953 42.36 15.51 -38.67
C TRP A 953 41.24 16.25 -39.37
N GLY A 954 40.78 17.34 -38.76
CA GLY A 954 39.71 18.15 -39.33
C GLY A 954 40.19 19.11 -40.40
N ILE B 1 -23.37 -15.91 -28.47
CA ILE B 1 -24.02 -15.59 -27.20
C ILE B 1 -25.11 -14.54 -27.43
N CYS B 2 -25.85 -14.24 -26.37
CA CYS B 2 -27.06 -13.43 -26.41
C CYS B 2 -28.19 -14.23 -27.05
N THR B 3 -27.86 -15.33 -27.71
CA THR B 3 -28.86 -16.20 -28.29
C THR B 3 -29.12 -17.42 -27.43
N THR B 4 -28.13 -17.80 -26.61
CA THR B 4 -28.30 -18.77 -25.55
C THR B 4 -27.58 -18.23 -24.31
N ARG B 5 -27.80 -18.89 -23.18
CA ARG B 5 -27.02 -18.60 -21.97
C ARG B 5 -27.33 -17.23 -21.40
N GLY B 6 -28.27 -16.50 -22.00
CA GLY B 6 -28.58 -15.17 -21.48
C GLY B 6 -30.05 -14.81 -21.57
N VAL B 7 -30.86 -15.69 -22.14
CA VAL B 7 -32.30 -15.42 -22.31
C VAL B 7 -33.01 -16.01 -21.09
N SER B 8 -33.07 -15.20 -20.03
CA SER B 8 -33.82 -15.49 -18.82
C SER B 8 -34.96 -14.51 -18.58
N SER B 9 -34.69 -13.21 -18.76
CA SER B 9 -35.64 -12.13 -18.66
C SER B 9 -34.88 -10.85 -18.97
N CYS B 10 -35.61 -9.80 -19.34
CA CYS B 10 -34.91 -8.53 -19.48
C CYS B 10 -34.53 -8.00 -18.10
N GLN B 11 -33.73 -6.93 -18.10
CA GLN B 11 -33.11 -6.42 -16.89
C GLN B 11 -31.96 -7.35 -16.51
N GLN B 12 -31.87 -8.47 -17.21
CA GLN B 12 -30.74 -9.38 -17.15
C GLN B 12 -30.27 -9.80 -18.52
N CYS B 13 -31.13 -9.71 -19.55
CA CYS B 13 -30.70 -9.92 -20.93
C CYS B 13 -29.73 -8.84 -21.38
N LEU B 14 -29.84 -7.64 -20.80
CA LEU B 14 -28.92 -6.56 -21.14
C LEU B 14 -27.58 -6.70 -20.42
N ALA B 15 -27.58 -7.25 -19.20
CA ALA B 15 -26.35 -7.37 -18.42
C ALA B 15 -25.41 -8.44 -18.96
N VAL B 16 -25.83 -9.20 -19.97
CA VAL B 16 -24.93 -10.20 -20.56
C VAL B 16 -23.81 -9.51 -21.32
N SER B 17 -24.15 -8.62 -22.24
CA SER B 17 -23.18 -7.92 -23.05
C SER B 17 -23.86 -6.72 -23.70
N PRO B 18 -23.10 -5.69 -24.07
CA PRO B 18 -23.70 -4.54 -24.76
C PRO B 18 -24.28 -4.89 -26.12
N MET B 19 -24.19 -6.17 -26.51
CA MET B 19 -24.67 -6.60 -27.81
C MET B 19 -26.12 -7.08 -27.79
N CYS B 20 -26.59 -7.62 -26.67
CA CYS B 20 -27.87 -8.32 -26.67
C CYS B 20 -29.03 -7.33 -26.79
N ALA B 21 -30.24 -7.88 -26.89
CA ALA B 21 -31.46 -7.09 -26.98
C ALA B 21 -32.65 -7.97 -26.61
N TRP B 22 -33.75 -7.31 -26.26
CA TRP B 22 -35.00 -7.96 -25.85
C TRP B 22 -36.12 -7.52 -26.81
N CYS B 23 -37.35 -7.92 -26.51
CA CYS B 23 -38.44 -7.54 -27.39
C CYS B 23 -39.78 -7.82 -26.72
N SER B 24 -40.79 -7.04 -27.11
CA SER B 24 -42.18 -7.41 -26.93
C SER B 24 -42.59 -8.25 -28.14
N ASP B 25 -43.87 -8.59 -28.26
CA ASP B 25 -44.18 -9.41 -29.42
C ASP B 25 -45.35 -8.90 -30.26
N GLU B 26 -46.42 -8.40 -29.63
CA GLU B 26 -47.66 -8.08 -30.34
C GLU B 26 -48.26 -9.36 -30.92
N ALA B 27 -47.56 -10.45 -30.65
CA ALA B 27 -47.78 -11.81 -31.14
C ALA B 27 -46.93 -12.65 -30.17
N LEU B 28 -46.52 -13.84 -30.57
CA LEU B 28 -45.36 -14.51 -29.97
C LEU B 28 -44.81 -15.54 -30.96
N PRO B 29 -43.83 -15.16 -31.78
CA PRO B 29 -43.03 -16.15 -32.50
C PRO B 29 -42.23 -16.97 -31.51
N LEU B 30 -42.54 -18.26 -31.38
CA LEU B 30 -41.83 -19.10 -30.44
C LEU B 30 -40.40 -19.30 -30.91
N GLY B 31 -40.23 -19.99 -32.04
CA GLY B 31 -38.99 -19.96 -32.82
C GLY B 31 -37.73 -19.86 -31.98
N SER B 32 -36.92 -18.85 -32.28
CA SER B 32 -35.79 -18.49 -31.44
C SER B 32 -35.56 -16.98 -31.47
N PRO B 33 -36.59 -16.16 -31.23
CA PRO B 33 -36.38 -14.72 -31.06
C PRO B 33 -35.92 -14.39 -29.63
N ARG B 34 -34.80 -14.99 -29.24
CA ARG B 34 -34.29 -14.90 -27.88
C ARG B 34 -33.60 -13.55 -27.69
N CYS B 35 -32.77 -13.44 -26.66
CA CYS B 35 -32.16 -12.17 -26.29
C CYS B 35 -31.02 -11.88 -27.27
N ASP B 36 -31.33 -11.93 -28.56
CA ASP B 36 -30.31 -11.99 -29.58
C ASP B 36 -29.78 -10.60 -29.92
N LEU B 37 -28.64 -10.57 -30.61
CA LEU B 37 -28.08 -9.32 -31.08
C LEU B 37 -29.04 -8.63 -32.05
N LYS B 38 -29.03 -7.30 -32.02
CA LYS B 38 -29.70 -6.56 -33.07
C LYS B 38 -29.02 -6.84 -34.41
N GLU B 39 -29.82 -6.85 -35.47
CA GLU B 39 -29.48 -7.32 -36.80
C GLU B 39 -29.51 -8.84 -36.87
N ASN B 40 -29.65 -9.54 -35.73
CA ASN B 40 -30.13 -10.91 -35.66
C ASN B 40 -31.53 -10.98 -35.10
N LEU B 41 -31.82 -10.18 -34.08
CA LEU B 41 -33.21 -9.88 -33.74
C LEU B 41 -33.87 -9.09 -34.86
N LEU B 42 -33.10 -8.27 -35.57
CA LEU B 42 -33.59 -7.59 -36.77
C LEU B 42 -33.37 -8.44 -38.01
N LYS B 43 -33.79 -9.70 -37.92
CA LYS B 43 -33.78 -10.62 -39.05
C LYS B 43 -35.11 -11.36 -39.16
N ASP B 44 -35.78 -11.55 -38.01
CA ASP B 44 -37.00 -12.36 -37.96
C ASP B 44 -38.26 -11.50 -37.89
N ASN B 45 -38.42 -10.72 -36.82
CA ASN B 45 -39.67 -9.99 -36.56
C ASN B 45 -39.54 -9.08 -35.35
N CYS B 46 -40.66 -8.49 -34.95
CA CYS B 46 -40.79 -7.78 -33.67
C CYS B 46 -40.07 -6.42 -33.71
N ALA B 47 -40.14 -5.73 -34.85
CA ALA B 47 -39.53 -4.41 -34.93
C ALA B 47 -40.54 -3.32 -35.26
N PRO B 48 -41.68 -3.24 -34.57
CA PRO B 48 -42.50 -2.02 -34.62
C PRO B 48 -42.09 -1.01 -33.54
N GLU B 49 -40.83 -0.60 -33.58
CA GLU B 49 -40.26 0.28 -32.56
C GLU B 49 -40.23 -0.40 -31.19
N SER B 50 -40.01 -1.72 -31.19
CA SER B 50 -39.84 -2.51 -29.97
C SER B 50 -38.57 -3.33 -30.16
N ILE B 51 -37.43 -2.75 -29.84
CA ILE B 51 -36.15 -3.43 -29.88
C ILE B 51 -35.48 -3.47 -28.52
N GLU B 52 -35.60 -2.40 -27.74
CA GLU B 52 -35.00 -2.31 -26.40
C GLU B 52 -33.50 -2.57 -26.45
N PHE B 53 -32.84 -1.92 -27.42
CA PHE B 53 -31.39 -2.00 -27.59
C PHE B 53 -30.79 -0.64 -27.28
N PRO B 54 -30.48 -0.34 -26.02
CA PRO B 54 -29.93 0.97 -25.69
C PRO B 54 -28.44 1.04 -26.01
N VAL B 55 -28.05 2.15 -26.62
CA VAL B 55 -26.65 2.41 -26.96
C VAL B 55 -26.10 3.46 -26.02
N SER B 56 -24.81 3.33 -25.71
CA SER B 56 -24.17 4.26 -24.80
C SER B 56 -23.76 5.54 -25.52
N GLU B 57 -23.96 6.67 -24.84
CA GLU B 57 -23.71 7.98 -25.40
C GLU B 57 -22.65 8.71 -24.59
N ALA B 58 -22.07 9.73 -25.22
CA ALA B 58 -21.17 10.67 -24.56
C ALA B 58 -21.51 12.09 -24.99
N ARG B 59 -22.80 12.41 -25.04
CA ARG B 59 -23.25 13.72 -25.47
C ARG B 59 -22.65 14.82 -24.61
N VAL B 60 -22.07 15.83 -25.24
CA VAL B 60 -21.59 17.00 -24.53
C VAL B 60 -22.77 17.95 -24.32
N LEU B 61 -22.80 18.59 -23.15
CA LEU B 61 -23.86 19.53 -22.83
C LEU B 61 -23.41 20.98 -22.87
N GLU B 62 -22.10 21.23 -22.83
CA GLU B 62 -21.55 22.58 -22.93
C GLU B 62 -20.07 22.51 -23.25
N ASP B 63 -19.64 23.17 -24.34
CA ASP B 63 -18.22 23.25 -24.68
C ASP B 63 -17.94 24.67 -25.20
N ARG B 64 -17.57 25.56 -24.28
CA ARG B 64 -17.12 26.88 -24.67
C ARG B 64 -15.71 26.78 -25.25
N PRO B 65 -15.36 27.69 -26.17
CA PRO B 65 -14.04 27.62 -26.78
C PRO B 65 -12.95 28.08 -25.82
N LEU B 66 -11.74 27.59 -26.06
CA LEU B 66 -10.59 27.97 -25.25
C LEU B 66 -10.19 29.41 -25.57
N SER B 67 -10.10 30.24 -24.52
CA SER B 67 -9.75 31.63 -24.70
C SER B 67 -8.29 31.77 -25.14
N ASP B 68 -7.97 32.93 -25.70
CA ASP B 68 -6.59 33.27 -26.06
C ASP B 68 -5.92 34.15 -25.02
N LYS B 69 -6.67 35.03 -24.36
CA LYS B 69 -6.17 35.88 -23.30
C LYS B 69 -7.10 35.78 -22.10
N GLY B 70 -6.51 35.72 -20.91
CA GLY B 70 -7.30 35.57 -19.70
C GLY B 70 -7.72 36.89 -19.07
N SER B 71 -7.76 37.95 -19.85
CA SER B 71 -8.06 39.29 -19.36
C SER B 71 -9.43 39.76 -19.83
N GLY B 72 -10.12 40.48 -18.97
CA GLY B 72 -11.18 41.38 -19.39
C GLY B 72 -12.58 40.78 -19.44
N ASP B 73 -13.43 41.52 -20.15
CA ASP B 73 -14.88 41.36 -20.16
C ASP B 73 -15.37 40.31 -21.15
N SER B 74 -14.49 39.68 -21.91
CA SER B 74 -14.84 38.47 -22.67
C SER B 74 -14.75 37.30 -21.69
N SER B 75 -15.73 37.25 -20.80
CA SER B 75 -15.59 36.59 -19.51
C SER B 75 -15.45 35.08 -19.67
N GLN B 76 -15.31 34.40 -18.52
CA GLN B 76 -15.23 32.95 -18.46
C GLN B 76 -14.04 32.42 -19.26
N VAL B 77 -12.86 32.75 -18.73
CA VAL B 77 -11.57 32.52 -19.39
C VAL B 77 -11.52 31.17 -20.07
N THR B 78 -12.13 30.15 -19.46
CA THR B 78 -12.34 28.86 -20.12
C THR B 78 -11.02 28.23 -20.55
N GLN B 79 -10.23 27.85 -19.54
CA GLN B 79 -8.99 27.13 -19.77
C GLN B 79 -9.19 25.65 -20.10
N VAL B 80 -10.42 25.15 -20.02
CA VAL B 80 -10.73 23.75 -20.27
C VAL B 80 -11.95 23.67 -21.17
N SER B 81 -11.97 22.64 -22.02
CA SER B 81 -13.09 22.45 -22.94
C SER B 81 -13.11 21.01 -23.44
N PRO B 82 -14.29 20.36 -23.45
CA PRO B 82 -15.57 20.91 -23.01
C PRO B 82 -15.66 21.05 -21.49
N GLN B 83 -16.79 21.58 -21.00
CA GLN B 83 -16.97 21.81 -19.57
C GLN B 83 -18.02 20.91 -18.92
N ARG B 84 -18.87 20.25 -19.71
CA ARG B 84 -19.89 19.36 -19.16
C ARG B 84 -20.30 18.36 -20.21
N ILE B 85 -20.19 17.07 -19.91
CA ILE B 85 -20.57 15.99 -20.81
C ILE B 85 -21.55 15.09 -20.09
N ALA B 86 -22.60 14.68 -20.80
CA ALA B 86 -23.56 13.71 -20.28
C ALA B 86 -23.15 12.32 -20.73
N LEU B 87 -22.88 11.44 -19.77
CA LEU B 87 -22.42 10.09 -20.05
C LEU B 87 -23.52 9.10 -19.72
N ARG B 88 -23.89 8.27 -20.69
CA ARG B 88 -24.99 7.31 -20.57
C ARG B 88 -24.46 5.94 -20.96
N LEU B 89 -24.39 5.03 -19.98
CA LEU B 89 -23.74 3.75 -20.15
C LEU B 89 -24.68 2.61 -19.82
N ARG B 90 -24.63 1.55 -20.61
CA ARG B 90 -25.32 0.30 -20.33
C ARG B 90 -24.37 -0.66 -19.64
N PRO B 91 -24.91 -1.75 -19.09
CA PRO B 91 -24.08 -2.64 -18.25
C PRO B 91 -22.87 -3.18 -19.01
N ASP B 92 -21.71 -3.13 -18.35
CA ASP B 92 -20.47 -3.68 -18.89
C ASP B 92 -20.12 -3.07 -20.26
N ASP B 93 -20.35 -1.76 -20.39
CA ASP B 93 -20.03 -1.05 -21.61
C ASP B 93 -19.14 0.14 -21.29
N SER B 94 -18.69 0.83 -22.34
CA SER B 94 -17.78 1.95 -22.16
C SER B 94 -17.89 2.89 -23.35
N LYS B 95 -17.66 4.17 -23.09
CA LYS B 95 -17.60 5.20 -24.13
C LYS B 95 -16.42 6.10 -23.84
N ASN B 96 -15.90 6.73 -24.89
CA ASN B 96 -14.71 7.56 -24.80
C ASN B 96 -15.05 9.01 -25.14
N PHE B 97 -14.31 9.92 -24.52
CA PHE B 97 -14.48 11.35 -24.77
C PHE B 97 -13.13 12.04 -24.59
N SER B 98 -13.06 13.30 -25.02
CA SER B 98 -11.81 14.04 -25.03
C SER B 98 -11.95 15.30 -24.15
N ILE B 99 -10.80 15.91 -23.87
CA ILE B 99 -10.77 17.14 -23.09
C ILE B 99 -9.46 17.86 -23.38
N GLN B 100 -9.54 19.17 -23.63
CA GLN B 100 -8.37 20.00 -23.91
C GLN B 100 -8.18 21.02 -22.80
N VAL B 101 -6.93 21.25 -22.42
CA VAL B 101 -6.57 22.23 -21.41
C VAL B 101 -5.50 23.15 -21.98
N ARG B 102 -5.60 24.44 -21.66
CA ARG B 102 -4.71 25.44 -22.21
C ARG B 102 -4.17 26.33 -21.09
N GLN B 103 -2.88 26.63 -21.16
CA GLN B 103 -2.26 27.63 -20.30
C GLN B 103 -2.48 28.99 -20.95
N VAL B 104 -3.57 29.65 -20.54
CA VAL B 104 -3.95 30.91 -21.18
C VAL B 104 -2.85 31.96 -20.98
N GLU B 105 -2.70 32.84 -21.97
CA GLU B 105 -1.53 33.70 -22.06
C GLU B 105 -1.43 34.64 -20.86
N ASP B 106 -2.50 35.40 -20.59
CA ASP B 106 -2.49 36.42 -19.55
C ASP B 106 -3.57 36.06 -18.52
N TYR B 107 -3.19 35.22 -17.55
CA TYR B 107 -4.12 34.77 -16.52
C TYR B 107 -3.83 35.50 -15.21
N PRO B 108 -4.85 36.01 -14.52
CA PRO B 108 -4.59 36.77 -13.29
C PRO B 108 -3.85 35.91 -12.27
N VAL B 109 -2.97 36.57 -11.51
CA VAL B 109 -2.08 35.90 -10.57
C VAL B 109 -2.08 36.68 -9.26
N ASP B 110 -2.37 35.99 -8.16
CA ASP B 110 -2.25 36.54 -6.82
C ASP B 110 -1.23 35.72 -6.05
N ILE B 111 -0.34 36.43 -5.34
CA ILE B 111 0.78 35.81 -4.63
C ILE B 111 0.69 36.20 -3.16
N TYR B 112 0.57 35.20 -2.30
CA TYR B 112 0.49 35.41 -0.85
C TYR B 112 1.81 35.03 -0.21
N TYR B 113 2.51 36.03 0.34
CA TYR B 113 3.82 35.84 0.93
C TYR B 113 3.65 35.41 2.39
N LEU B 114 3.91 34.13 2.66
CA LEU B 114 3.79 33.58 4.01
C LEU B 114 5.20 33.42 4.57
N MET B 115 5.55 34.28 5.53
CA MET B 115 6.93 34.46 5.96
C MET B 115 7.13 33.96 7.39
N ASP B 116 8.20 33.20 7.59
CA ASP B 116 8.65 32.87 8.94
C ASP B 116 9.26 34.10 9.60
N LEU B 117 8.88 34.35 10.85
CA LEU B 117 9.36 35.53 11.56
C LEU B 117 10.02 35.17 12.88
N SER B 118 10.71 34.03 12.94
CA SER B 118 11.61 33.79 14.05
C SER B 118 12.86 34.67 13.91
N TYR B 119 13.63 34.76 14.99
CA TYR B 119 14.66 35.79 15.06
C TYR B 119 15.67 35.69 13.91
N SER B 120 15.94 34.49 13.42
CA SER B 120 16.90 34.34 12.33
C SER B 120 16.40 34.97 11.03
N MET B 121 15.16 35.45 10.99
CA MET B 121 14.61 36.09 9.82
C MET B 121 14.66 37.61 9.89
N LYS B 122 15.47 38.16 10.80
CA LYS B 122 15.57 39.62 10.93
C LYS B 122 16.18 40.23 9.68
N ASP B 123 17.27 39.64 9.18
CA ASP B 123 17.88 40.13 7.94
C ASP B 123 16.94 40.01 6.75
N ASP B 124 16.04 39.02 6.78
CA ASP B 124 15.14 38.80 5.66
C ASP B 124 14.05 39.87 5.60
N LEU B 125 13.44 40.17 6.76
CA LEU B 125 12.39 41.18 6.80
C LEU B 125 12.90 42.55 6.34
N TRP B 126 14.20 42.78 6.38
CA TRP B 126 14.74 44.07 5.97
C TRP B 126 14.91 44.15 4.46
N SER B 127 15.48 43.10 3.85
CA SER B 127 15.79 43.12 2.42
C SER B 127 14.56 42.95 1.54
N ILE B 128 13.37 42.77 2.11
CA ILE B 128 12.15 42.70 1.34
C ILE B 128 11.27 43.93 1.61
N GLN B 129 11.86 45.02 2.08
CA GLN B 129 11.10 46.24 2.32
C GLN B 129 10.56 46.82 1.02
N ASN B 130 11.28 46.64 -0.09
CA ASN B 130 10.86 47.16 -1.38
C ASN B 130 10.69 46.06 -2.42
N LEU B 131 10.79 44.79 -2.02
CA LEU B 131 10.63 43.68 -2.95
C LEU B 131 9.17 43.37 -3.25
N GLY B 132 8.25 44.26 -2.89
CA GLY B 132 6.87 44.13 -3.32
C GLY B 132 6.64 44.86 -4.63
N THR B 133 7.06 46.13 -4.68
CA THR B 133 7.02 46.87 -5.94
C THR B 133 8.03 46.33 -6.93
N LYS B 134 9.19 45.88 -6.44
CA LYS B 134 10.13 45.20 -7.32
C LYS B 134 9.50 43.95 -7.93
N LEU B 135 8.65 43.27 -7.15
CA LEU B 135 7.93 42.10 -7.67
C LEU B 135 6.86 42.52 -8.67
N ALA B 136 6.24 43.68 -8.47
CA ALA B 136 5.20 44.12 -9.38
C ALA B 136 5.73 44.28 -10.80
N THR B 137 6.90 44.93 -10.94
CA THR B 137 7.47 45.14 -12.27
C THR B 137 7.80 43.81 -12.95
N GLN B 138 8.21 42.81 -12.19
CA GLN B 138 8.61 41.53 -12.78
C GLN B 138 7.39 40.71 -13.19
N MET B 139 6.43 40.54 -12.28
CA MET B 139 5.22 39.79 -12.62
C MET B 139 4.41 40.49 -13.70
N ARG B 140 4.50 41.82 -13.77
CA ARG B 140 3.74 42.57 -14.77
C ARG B 140 4.04 42.09 -16.18
N LYS B 141 5.25 41.57 -16.41
CA LYS B 141 5.60 41.06 -17.73
C LYS B 141 4.90 39.76 -18.07
N LEU B 142 4.20 39.13 -17.12
CA LEU B 142 3.48 37.89 -17.35
C LEU B 142 2.00 37.97 -17.01
N THR B 143 1.55 39.00 -16.32
CA THR B 143 0.14 39.12 -15.95
C THR B 143 -0.17 40.58 -15.64
N SER B 144 -1.24 41.09 -16.25
CA SER B 144 -1.64 42.48 -16.04
C SER B 144 -2.49 42.66 -14.80
N ASN B 145 -3.05 41.59 -14.25
CA ASN B 145 -3.92 41.66 -13.08
C ASN B 145 -3.25 40.88 -11.95
N LEU B 146 -2.40 41.58 -11.19
CA LEU B 146 -1.60 40.96 -10.14
C LEU B 146 -2.07 41.43 -8.77
N ARG B 147 -2.13 40.50 -7.82
CA ARG B 147 -2.46 40.79 -6.43
C ARG B 147 -1.40 40.19 -5.53
N ILE B 148 -1.19 40.80 -4.37
CA ILE B 148 -0.23 40.31 -3.39
C ILE B 148 -0.78 40.55 -2.00
N GLY B 149 -0.34 39.72 -1.05
CA GLY B 149 -0.71 39.82 0.34
C GLY B 149 0.43 39.29 1.19
N PHE B 150 0.26 39.40 2.51
CA PHE B 150 1.32 39.01 3.43
C PHE B 150 0.74 38.29 4.63
N GLY B 151 1.48 37.29 5.12
CA GLY B 151 1.12 36.61 6.34
C GLY B 151 2.38 36.09 7.01
N ALA B 152 2.36 36.03 8.34
CA ALA B 152 3.53 35.66 9.12
C ALA B 152 3.17 34.60 10.14
N PHE B 153 4.20 33.86 10.57
CA PHE B 153 4.03 32.79 11.56
C PHE B 153 5.33 32.64 12.33
N VAL B 154 5.22 32.20 13.59
CA VAL B 154 6.40 31.84 14.35
C VAL B 154 6.27 30.41 14.84
N ASP B 155 5.32 30.17 15.75
CA ASP B 155 5.11 28.86 16.33
C ASP B 155 3.93 28.97 17.30
N LYS B 156 3.52 27.82 17.83
CA LYS B 156 2.44 27.80 18.81
C LYS B 156 2.82 28.60 20.04
N PRO B 157 2.03 29.62 20.43
CA PRO B 157 2.37 30.47 21.58
C PRO B 157 2.08 29.79 22.92
N VAL B 158 2.68 28.62 23.12
CA VAL B 158 2.53 27.87 24.35
C VAL B 158 3.83 27.12 24.62
N SER B 159 4.09 26.83 25.89
CA SER B 159 5.24 25.99 26.21
C SER B 159 5.03 24.59 25.61
N PRO B 160 6.12 23.90 25.24
CA PRO B 160 7.51 24.29 25.46
C PRO B 160 8.09 25.14 24.32
N TYR B 161 7.23 25.67 23.47
CA TYR B 161 7.69 26.45 22.32
C TYR B 161 7.93 27.91 22.68
N MET B 162 7.02 28.51 23.46
CA MET B 162 7.09 29.92 23.78
C MET B 162 7.92 30.16 25.04
N TYR B 163 8.66 31.27 25.06
CA TYR B 163 9.34 31.69 26.27
C TYR B 163 8.29 32.17 27.27
N ILE B 164 8.12 31.41 28.35
CA ILE B 164 6.98 31.55 29.23
C ILE B 164 7.34 32.29 30.51
N SER B 165 8.60 32.21 30.92
CA SER B 165 9.08 32.90 32.11
C SER B 165 10.51 33.32 31.88
N PRO B 166 10.99 34.36 32.57
CA PRO B 166 10.26 35.16 33.57
C PRO B 166 9.07 35.92 32.99
N PRO B 167 8.18 36.38 33.86
CA PRO B 167 6.96 37.05 33.37
C PRO B 167 7.23 38.26 32.49
N GLU B 168 8.40 38.87 32.59
CA GLU B 168 8.74 40.00 31.73
C GLU B 168 9.10 39.58 30.31
N ALA B 169 9.10 38.29 30.01
CA ALA B 169 9.46 37.81 28.69
C ALA B 169 8.25 37.59 27.79
N LEU B 170 7.03 37.67 28.32
CA LEU B 170 5.86 37.51 27.47
C LEU B 170 5.63 38.73 26.60
N GLU B 171 6.08 39.91 27.04
CA GLU B 171 6.04 41.10 26.21
C GLU B 171 7.34 41.34 25.45
N ASN B 172 8.42 40.71 25.87
CA ASN B 172 9.71 40.82 25.19
C ASN B 172 10.43 39.48 25.28
N PRO B 173 10.11 38.54 24.40
CA PRO B 173 10.81 37.24 24.43
C PRO B 173 12.31 37.37 24.26
N CYS B 174 12.80 38.51 23.77
CA CYS B 174 14.24 38.79 23.71
C CYS B 174 14.69 39.51 24.97
N TYR B 175 14.33 38.96 26.13
CA TYR B 175 14.61 39.61 27.41
C TYR B 175 15.99 39.23 27.94
N ASP B 176 16.26 37.93 28.04
CA ASP B 176 17.56 37.48 28.55
C ASP B 176 18.70 37.76 27.58
N MET B 177 18.47 38.47 26.48
CA MET B 177 19.54 38.78 25.53
C MET B 177 19.63 40.27 25.24
N LYS B 178 19.10 41.12 26.13
CA LYS B 178 19.36 42.55 26.10
C LYS B 178 19.00 43.18 24.76
N THR B 179 17.82 42.84 24.26
CA THR B 179 17.29 43.44 23.05
C THR B 179 15.76 43.39 23.11
N THR B 180 15.11 43.74 22.00
CA THR B 180 13.65 43.88 21.98
C THR B 180 13.10 43.19 20.74
N CYS B 181 12.16 42.27 20.95
CA CYS B 181 11.38 41.66 19.88
C CYS B 181 9.96 41.46 20.39
N LEU B 182 8.97 41.68 19.53
CA LEU B 182 7.60 41.68 19.99
C LEU B 182 7.13 40.26 20.30
N PRO B 183 6.09 40.12 21.12
CA PRO B 183 5.65 38.79 21.55
C PRO B 183 5.34 37.89 20.38
N MET B 184 5.55 36.59 20.57
CA MET B 184 5.40 35.64 19.48
C MET B 184 3.92 35.33 19.25
N PHE B 185 3.64 34.83 18.05
CA PHE B 185 2.29 34.59 17.58
C PHE B 185 2.24 33.30 16.78
N GLY B 186 1.06 32.68 16.74
CA GLY B 186 0.89 31.47 15.97
C GLY B 186 0.95 31.71 14.48
N TYR B 187 -0.09 32.38 13.96
CA TYR B 187 -0.13 32.78 12.55
C TYR B 187 -0.80 34.14 12.46
N LYS B 188 -0.12 35.09 11.83
CA LYS B 188 -0.57 36.46 11.73
C LYS B 188 -0.85 36.80 10.27
N HIS B 189 -2.06 37.28 10.00
CA HIS B 189 -2.44 37.77 8.68
C HIS B 189 -2.51 39.29 8.75
N VAL B 190 -1.68 39.96 7.95
CA VAL B 190 -1.51 41.41 8.02
C VAL B 190 -2.15 42.10 6.82
N LEU B 191 -1.90 41.60 5.60
CA LEU B 191 -2.40 42.23 4.38
C LEU B 191 -3.12 41.20 3.53
N THR B 192 -4.39 41.46 3.26
CA THR B 192 -5.15 40.63 2.33
C THR B 192 -4.78 40.98 0.89
N LEU B 193 -4.94 40.02 -0.01
CA LEU B 193 -4.51 40.17 -1.39
C LEU B 193 -5.07 41.46 -1.99
N THR B 194 -4.18 42.27 -2.56
CA THR B 194 -4.56 43.55 -3.14
C THR B 194 -3.65 43.84 -4.35
N ASP B 195 -4.17 44.64 -5.27
CA ASP B 195 -3.43 45.04 -6.46
C ASP B 195 -2.59 46.29 -6.24
N GLN B 196 -2.54 46.81 -5.01
CA GLN B 196 -1.72 47.97 -4.67
C GLN B 196 -0.41 47.46 -4.08
N VAL B 197 0.62 47.37 -4.92
CA VAL B 197 1.87 46.75 -4.50
C VAL B 197 2.61 47.63 -3.50
N THR B 198 2.41 48.95 -3.54
CA THR B 198 2.97 49.79 -2.50
C THR B 198 2.30 49.54 -1.16
N ARG B 199 1.01 49.21 -1.17
CA ARG B 199 0.32 48.81 0.05
C ARG B 199 1.01 47.62 0.70
N PHE B 200 1.67 46.78 -0.10
CA PHE B 200 2.45 45.67 0.46
C PHE B 200 3.69 46.18 1.18
N ASN B 201 4.45 47.07 0.53
CA ASN B 201 5.65 47.61 1.16
C ASN B 201 5.33 48.42 2.41
N GLU B 202 4.12 48.98 2.51
CA GLU B 202 3.74 49.70 3.72
C GLU B 202 3.59 48.75 4.90
N GLU B 203 2.94 47.60 4.69
CA GLU B 203 2.74 46.67 5.79
C GLU B 203 4.06 46.05 6.24
N VAL B 204 4.95 45.73 5.29
CA VAL B 204 6.30 45.36 5.67
C VAL B 204 6.99 46.60 6.26
N LYS B 205 7.90 46.37 7.21
CA LYS B 205 8.54 47.45 7.96
C LYS B 205 7.60 48.00 9.03
N LYS B 206 6.33 47.60 8.99
CA LYS B 206 5.50 47.65 10.18
C LYS B 206 5.61 46.37 10.99
N GLN B 207 6.11 45.31 10.36
CA GLN B 207 6.34 44.03 11.02
C GLN B 207 7.70 44.03 11.71
N SER B 208 7.83 43.15 12.71
CA SER B 208 9.10 42.92 13.38
C SER B 208 9.17 41.46 13.75
N VAL B 209 10.40 40.96 13.90
CA VAL B 209 10.60 39.55 14.17
C VAL B 209 10.32 39.27 15.65
N SER B 210 10.15 37.99 15.96
CA SER B 210 9.93 37.50 17.32
C SER B 210 11.00 36.45 17.62
N ARG B 211 10.82 35.75 18.74
CA ARG B 211 11.80 34.76 19.16
C ARG B 211 11.08 33.50 19.64
N ASN B 212 11.69 32.35 19.34
CA ASN B 212 11.15 31.05 19.69
C ASN B 212 12.25 30.24 20.36
N ARG B 213 11.89 29.12 20.99
CA ARG B 213 12.85 28.28 21.69
C ARG B 213 13.35 27.13 20.82
N ASP B 214 12.45 26.26 20.36
CA ASP B 214 12.86 25.07 19.62
C ASP B 214 12.97 25.35 18.14
N ALA B 215 13.89 24.62 17.49
CA ALA B 215 14.20 24.86 16.08
C ALA B 215 12.99 24.75 15.18
N PRO B 216 12.24 23.66 15.17
CA PRO B 216 11.08 23.57 14.26
C PRO B 216 10.07 24.66 14.56
N GLU B 217 9.52 25.24 13.50
CA GLU B 217 8.52 26.28 13.59
C GLU B 217 7.22 25.80 12.94
N GLY B 218 6.10 26.28 13.46
CA GLY B 218 4.82 25.85 12.94
C GLY B 218 4.36 26.69 11.78
N GLY B 219 4.66 26.23 10.56
CA GLY B 219 4.25 26.92 9.36
C GLY B 219 3.16 26.14 8.65
N PHE B 220 3.16 24.82 8.83
CA PHE B 220 2.04 24.03 8.37
C PHE B 220 0.73 24.50 9.00
N ASP B 221 0.81 25.03 10.23
CA ASP B 221 -0.34 25.73 10.80
C ASP B 221 -0.72 26.92 9.94
N ALA B 222 0.27 27.67 9.44
CA ALA B 222 -0.01 28.84 8.63
C ALA B 222 -0.39 28.45 7.20
N ILE B 223 0.31 27.49 6.61
CA ILE B 223 -0.03 27.03 5.27
C ILE B 223 -1.49 26.59 5.23
N MET B 224 -1.93 25.87 6.26
CA MET B 224 -3.31 25.39 6.30
C MET B 224 -4.29 26.55 6.39
N GLN B 225 -4.05 27.49 7.31
CA GLN B 225 -4.98 28.59 7.51
C GLN B 225 -5.01 29.54 6.31
N ALA B 226 -3.88 29.69 5.62
CA ALA B 226 -3.86 30.54 4.44
C ALA B 226 -4.61 29.91 3.28
N THR B 227 -4.82 28.60 3.31
CA THR B 227 -5.49 27.89 2.22
C THR B 227 -7.01 27.85 2.41
N VAL B 228 -7.47 27.52 3.62
CA VAL B 228 -8.90 27.33 3.87
C VAL B 228 -9.60 28.60 4.32
N CYS B 229 -8.87 29.69 4.55
CA CYS B 229 -9.46 30.98 4.86
C CYS B 229 -9.52 31.87 3.62
N ASP B 230 -9.80 31.27 2.45
CA ASP B 230 -9.82 32.02 1.21
C ASP B 230 -10.67 33.27 1.30
N GLU B 231 -11.70 33.26 2.14
CA GLU B 231 -12.48 34.47 2.37
C GLU B 231 -11.63 35.56 3.03
N LYS B 232 -10.93 35.20 4.12
CA LYS B 232 -10.13 36.19 4.84
C LYS B 232 -8.97 36.70 4.00
N ILE B 233 -8.32 35.82 3.25
CA ILE B 233 -7.13 36.19 2.51
C ILE B 233 -7.43 36.70 1.10
N GLY B 234 -8.60 36.38 0.55
CA GLY B 234 -9.02 36.97 -0.70
C GLY B 234 -8.49 36.33 -1.96
N TRP B 235 -8.40 34.99 -1.99
CA TRP B 235 -8.03 34.32 -3.22
C TRP B 235 -9.09 34.57 -4.29
N ARG B 236 -8.64 35.04 -5.45
CA ARG B 236 -9.53 35.20 -6.60
C ARG B 236 -9.75 33.84 -7.24
N ASN B 237 -11.02 33.40 -7.29
CA ASN B 237 -11.33 32.09 -7.84
C ASN B 237 -10.94 31.98 -9.32
N ASP B 238 -10.70 33.11 -9.99
CA ASP B 238 -10.35 33.13 -11.40
C ASP B 238 -8.86 33.35 -11.63
N ALA B 239 -8.03 33.23 -10.60
CA ALA B 239 -6.63 33.57 -10.68
C ALA B 239 -5.75 32.39 -10.31
N SER B 240 -4.54 32.37 -10.88
CA SER B 240 -3.53 31.40 -10.49
C SER B 240 -3.01 31.76 -9.09
N HIS B 241 -3.14 30.82 -8.15
CA HIS B 241 -2.87 31.07 -6.74
C HIS B 241 -1.46 30.59 -6.38
N LEU B 242 -0.65 31.50 -5.84
CA LEU B 242 0.70 31.19 -5.40
C LEU B 242 0.82 31.51 -3.92
N LEU B 243 1.19 30.51 -3.12
CA LEU B 243 1.45 30.67 -1.70
C LEU B 243 2.94 30.47 -1.47
N VAL B 244 3.63 31.53 -1.06
CA VAL B 244 5.09 31.53 -0.94
C VAL B 244 5.44 31.28 0.52
N PHE B 245 6.04 30.11 0.77
CA PHE B 245 6.44 29.70 2.12
C PHE B 245 7.94 29.93 2.28
N THR B 246 8.31 30.94 3.08
CA THR B 246 9.70 31.31 3.28
C THR B 246 10.10 31.00 4.71
N THR B 247 11.03 30.06 4.88
CA THR B 247 11.53 29.70 6.20
C THR B 247 12.94 29.16 6.03
N ASP B 248 13.70 29.20 7.14
CA ASP B 248 15.09 28.76 7.15
C ASP B 248 15.35 27.65 8.17
N ALA B 249 14.30 26.96 8.61
CA ALA B 249 14.44 25.94 9.63
C ALA B 249 13.48 24.78 9.35
N LYS B 250 13.67 23.70 10.12
CA LYS B 250 12.78 22.56 10.05
C LYS B 250 11.36 22.98 10.43
N THR B 251 10.41 22.08 10.16
CA THR B 251 9.00 22.36 10.42
C THR B 251 8.44 21.36 11.42
N HIS B 252 7.44 21.80 12.17
CA HIS B 252 6.68 20.92 13.04
C HIS B 252 5.65 20.16 12.22
N ILE B 253 5.59 18.84 12.42
CA ILE B 253 4.65 17.99 11.72
C ILE B 253 3.54 17.59 12.69
N ALA B 254 2.50 16.96 12.16
CA ALA B 254 1.38 16.52 12.98
C ALA B 254 1.87 15.56 14.06
N LEU B 255 1.19 15.61 15.21
CA LEU B 255 1.44 14.80 16.39
C LEU B 255 2.63 15.33 17.20
N ASP B 256 3.33 16.35 16.71
CA ASP B 256 4.34 17.00 17.54
C ASP B 256 3.71 17.79 18.68
N GLY B 257 2.46 18.22 18.51
CA GLY B 257 1.79 19.00 19.52
C GLY B 257 1.47 18.26 20.79
N ARG B 258 1.65 16.94 20.81
CA ARG B 258 1.39 16.17 22.02
C ARG B 258 2.28 16.61 23.17
N LEU B 259 3.53 16.99 22.86
CA LEU B 259 4.44 17.44 23.90
C LEU B 259 3.89 18.67 24.63
N ALA B 260 3.21 19.55 23.89
CA ALA B 260 2.59 20.72 24.48
C ALA B 260 1.21 20.44 25.06
N GLY B 261 0.79 19.18 25.06
CA GLY B 261 -0.54 18.85 25.56
C GLY B 261 -1.65 19.12 24.58
N ILE B 262 -1.38 19.05 23.28
CA ILE B 262 -2.36 19.33 22.24
C ILE B 262 -2.63 18.03 21.49
N VAL B 263 -3.80 17.46 21.72
CA VAL B 263 -4.14 16.14 21.18
C VAL B 263 -5.38 16.16 20.30
N GLN B 264 -5.95 17.33 20.04
CA GLN B 264 -7.09 17.42 19.14
C GLN B 264 -6.60 17.47 17.69
N PRO B 265 -7.01 16.54 16.83
CA PRO B 265 -6.52 16.55 15.46
C PRO B 265 -6.91 17.84 14.74
N ASN B 266 -6.07 18.22 13.78
CA ASN B 266 -6.34 19.41 12.98
C ASN B 266 -7.53 19.16 12.07
N ASP B 267 -8.51 20.06 12.13
CA ASP B 267 -9.59 20.09 11.15
C ASP B 267 -9.26 21.11 10.08
N GLY B 268 -9.64 20.81 8.84
CA GLY B 268 -9.24 21.64 7.73
C GLY B 268 -10.11 22.87 7.59
N GLN B 269 -10.54 23.42 8.73
CA GLN B 269 -11.48 24.53 8.76
C GLN B 269 -10.77 25.82 9.14
N CYS B 270 -11.33 26.94 8.71
CA CYS B 270 -10.73 28.24 8.97
C CYS B 270 -10.98 28.66 10.41
N HIS B 271 -9.93 29.17 11.07
CA HIS B 271 -10.04 29.64 12.43
C HIS B 271 -9.37 30.99 12.64
N VAL B 272 -9.14 31.74 11.57
CA VAL B 272 -8.62 33.09 11.66
C VAL B 272 -9.82 34.04 11.72
N GLY B 273 -10.07 34.61 12.90
CA GLY B 273 -11.20 35.48 13.10
C GLY B 273 -10.94 36.91 12.67
N SER B 274 -11.65 37.83 13.31
CA SER B 274 -11.51 39.25 12.98
C SER B 274 -10.21 39.84 13.50
N ASP B 275 -9.58 39.21 14.50
CA ASP B 275 -8.31 39.69 15.02
C ASP B 275 -7.12 39.26 14.18
N ASN B 276 -7.36 38.64 13.02
CA ASN B 276 -6.32 38.26 12.07
C ASN B 276 -5.27 37.33 12.67
N HIS B 277 -5.62 36.60 13.72
CA HIS B 277 -4.70 35.65 14.35
C HIS B 277 -5.35 34.28 14.41
N TYR B 278 -4.50 33.25 14.26
CA TYR B 278 -4.96 31.86 14.31
C TYR B 278 -5.36 31.55 15.75
N SER B 279 -6.66 31.59 16.02
CA SER B 279 -7.12 31.46 17.40
C SER B 279 -6.89 30.06 17.94
N ALA B 280 -7.13 29.03 17.12
CA ALA B 280 -6.99 27.65 17.55
C ALA B 280 -5.55 27.18 17.58
N SER B 281 -4.58 28.10 17.52
CA SER B 281 -3.18 27.70 17.47
C SER B 281 -2.79 26.88 18.70
N THR B 282 -3.23 27.30 19.89
CA THR B 282 -2.80 26.64 21.11
C THR B 282 -3.64 25.42 21.47
N THR B 283 -4.77 25.21 20.81
CA THR B 283 -5.68 24.13 21.15
C THR B 283 -5.75 23.03 20.11
N MET B 284 -5.15 23.22 18.94
CA MET B 284 -5.27 22.26 17.84
C MET B 284 -3.88 21.87 17.34
N ASP B 285 -3.73 20.59 17.00
CA ASP B 285 -2.44 20.07 16.58
C ASP B 285 -2.08 20.58 15.19
N TYR B 286 -0.83 20.33 14.80
CA TYR B 286 -0.39 20.66 13.46
C TYR B 286 -1.10 19.76 12.43
N PRO B 287 -1.24 20.22 11.20
CA PRO B 287 -1.89 19.40 10.18
C PRO B 287 -0.95 18.40 9.55
N SER B 288 -1.51 17.27 9.13
CA SER B 288 -0.72 16.24 8.48
C SER B 288 -0.55 16.55 6.99
N LEU B 289 0.45 15.91 6.38
CA LEU B 289 0.66 16.07 4.95
C LEU B 289 -0.59 15.70 4.16
N GLY B 290 -1.33 14.69 4.62
CA GLY B 290 -2.53 14.30 3.91
C GLY B 290 -3.60 15.38 3.93
N LEU B 291 -3.78 16.05 5.07
CA LEU B 291 -4.78 17.10 5.15
C LEU B 291 -4.37 18.32 4.35
N MET B 292 -3.08 18.66 4.37
CA MET B 292 -2.61 19.79 3.57
C MET B 292 -2.76 19.49 2.09
N THR B 293 -2.44 18.27 1.67
CA THR B 293 -2.64 17.89 0.28
C THR B 293 -4.11 18.02 -0.12
N GLU B 294 -5.02 17.57 0.75
CA GLU B 294 -6.44 17.62 0.43
C GLU B 294 -6.92 19.05 0.26
N LYS B 295 -6.51 19.96 1.15
CA LYS B 295 -7.02 21.31 1.11
C LYS B 295 -6.30 22.17 0.08
N LEU B 296 -5.01 21.93 -0.16
CA LEU B 296 -4.32 22.63 -1.24
C LEU B 296 -4.95 22.30 -2.59
N SER B 297 -5.41 21.07 -2.76
CA SER B 297 -6.04 20.68 -4.01
C SER B 297 -7.44 21.28 -4.14
N GLN B 298 -8.20 21.33 -3.04
CA GLN B 298 -9.56 21.83 -3.10
C GLN B 298 -9.62 23.32 -3.34
N LYS B 299 -8.63 24.07 -2.85
CA LYS B 299 -8.63 25.52 -2.99
C LYS B 299 -7.80 26.00 -4.18
N ASN B 300 -7.21 25.08 -4.94
CA ASN B 300 -6.40 25.43 -6.11
C ASN B 300 -5.24 26.34 -5.70
N ILE B 301 -4.45 25.89 -4.75
CA ILE B 301 -3.33 26.64 -4.19
C ILE B 301 -2.03 25.96 -4.57
N ASN B 302 -1.12 26.73 -5.16
CA ASN B 302 0.23 26.24 -5.47
C ASN B 302 1.16 26.65 -4.33
N LEU B 303 1.70 25.66 -3.63
CA LEU B 303 2.60 25.90 -2.51
C LEU B 303 4.04 25.96 -3.01
N ILE B 304 4.75 27.02 -2.64
CA ILE B 304 6.13 27.24 -3.06
C ILE B 304 7.00 27.23 -1.80
N PHE B 305 7.84 26.21 -1.67
CA PHE B 305 8.76 26.08 -0.55
C PHE B 305 10.03 26.88 -0.85
N ALA B 306 10.13 28.08 -0.26
CA ALA B 306 11.31 28.93 -0.40
C ALA B 306 12.14 28.76 0.88
N VAL B 307 13.05 27.79 0.86
CA VAL B 307 13.82 27.41 2.04
C VAL B 307 15.31 27.55 1.75
N THR B 308 16.09 27.63 2.82
CA THR B 308 17.53 27.83 2.70
C THR B 308 18.25 26.52 2.40
N GLU B 309 19.50 26.65 1.97
CA GLU B 309 20.27 25.50 1.53
C GLU B 309 20.40 24.45 2.62
N ASN B 310 20.51 24.89 3.88
CA ASN B 310 20.72 23.96 4.98
C ASN B 310 19.53 23.04 5.18
N VAL B 311 18.36 23.38 4.64
CA VAL B 311 17.16 22.59 4.86
C VAL B 311 16.46 22.33 3.54
N VAL B 312 17.15 22.58 2.43
CA VAL B 312 16.50 22.47 1.13
C VAL B 312 16.24 21.00 0.78
N ASN B 313 17.19 20.12 1.09
CA ASN B 313 16.95 18.70 0.82
C ASN B 313 15.76 18.18 1.60
N LEU B 314 15.52 18.71 2.80
CA LEU B 314 14.38 18.26 3.60
C LEU B 314 13.07 18.59 2.91
N TYR B 315 12.81 19.88 2.66
CA TYR B 315 11.56 20.27 2.04
C TYR B 315 11.40 19.68 0.64
N GLN B 316 12.50 19.35 -0.04
CA GLN B 316 12.40 18.62 -1.29
C GLN B 316 11.64 17.31 -1.08
N ASN B 317 12.11 16.49 -0.15
CA ASN B 317 11.47 15.22 0.13
C ASN B 317 10.07 15.40 0.70
N TYR B 318 9.77 16.58 1.27
CA TYR B 318 8.40 16.89 1.66
C TYR B 318 7.52 17.14 0.45
N SER B 319 8.07 17.83 -0.56
CA SER B 319 7.29 18.13 -1.76
C SER B 319 6.98 16.88 -2.56
N GLU B 320 7.84 15.85 -2.47
CA GLU B 320 7.53 14.58 -3.11
C GLU B 320 6.26 13.94 -2.55
N LEU B 321 5.90 14.29 -1.31
CA LEU B 321 4.68 13.76 -0.70
C LEU B 321 3.48 14.69 -0.88
N ILE B 322 3.72 15.95 -1.23
CA ILE B 322 2.65 16.89 -1.57
C ILE B 322 2.78 17.22 -3.06
N PRO B 323 2.32 16.33 -3.94
CA PRO B 323 2.55 16.55 -5.38
C PRO B 323 2.02 17.89 -5.85
N GLY B 324 2.79 18.54 -6.73
CA GLY B 324 2.44 19.84 -7.26
C GLY B 324 3.14 21.00 -6.58
N THR B 325 3.88 20.74 -5.51
CA THR B 325 4.58 21.78 -4.77
C THR B 325 6.04 21.82 -5.18
N THR B 326 6.56 23.01 -5.40
CA THR B 326 7.93 23.21 -5.85
C THR B 326 8.74 23.91 -4.76
N VAL B 327 10.02 23.53 -4.66
CA VAL B 327 10.92 24.10 -3.66
C VAL B 327 11.96 24.96 -4.36
N GLY B 328 12.44 25.98 -3.66
CA GLY B 328 13.42 26.88 -4.22
C GLY B 328 14.46 27.34 -3.20
N VAL B 329 15.73 27.34 -3.61
CA VAL B 329 16.80 27.72 -2.71
C VAL B 329 16.70 29.22 -2.41
N LEU B 330 16.65 29.55 -1.12
CA LEU B 330 16.52 30.93 -0.67
C LEU B 330 17.80 31.38 0.02
N SER B 331 18.28 32.55 -0.36
CA SER B 331 19.47 33.11 0.28
C SER B 331 19.17 33.42 1.74
N MET B 332 20.24 33.57 2.53
CA MET B 332 20.09 33.76 3.97
C MET B 332 19.37 35.07 4.29
N ASP B 333 19.48 36.07 3.42
CA ASP B 333 18.89 37.38 3.65
C ASP B 333 17.65 37.62 2.82
N SER B 334 17.10 36.60 2.17
CA SER B 334 15.91 36.73 1.34
C SER B 334 16.09 37.73 0.21
N SER B 335 17.32 37.88 -0.27
CA SER B 335 17.60 38.69 -1.46
C SER B 335 17.31 37.95 -2.75
N ASN B 336 16.73 36.76 -2.66
CA ASN B 336 16.55 35.88 -3.82
C ASN B 336 15.08 35.58 -4.13
N VAL B 337 14.14 36.02 -3.29
CA VAL B 337 12.75 35.62 -3.47
C VAL B 337 12.20 36.12 -4.81
N LEU B 338 12.51 37.37 -5.16
CA LEU B 338 11.95 37.95 -6.38
C LEU B 338 12.24 37.07 -7.59
N GLN B 339 13.51 36.68 -7.77
CA GLN B 339 13.85 35.77 -8.86
C GLN B 339 13.30 34.37 -8.58
N LEU B 340 13.16 33.99 -7.31
CA LEU B 340 12.67 32.67 -6.97
C LEU B 340 11.19 32.53 -7.27
N ILE B 341 10.41 33.60 -7.08
CA ILE B 341 8.99 33.55 -7.38
C ILE B 341 8.77 33.37 -8.88
N VAL B 342 9.48 34.14 -9.69
CA VAL B 342 9.31 34.05 -11.14
C VAL B 342 9.69 32.66 -11.63
N ASP B 343 10.82 32.13 -11.15
CA ASP B 343 11.24 30.80 -11.57
C ASP B 343 10.23 29.75 -11.12
N ALA B 344 9.51 30.00 -10.02
CA ALA B 344 8.53 29.04 -9.55
C ALA B 344 7.27 29.08 -10.42
N TYR B 345 6.78 30.29 -10.71
CA TYR B 345 5.61 30.42 -11.57
C TYR B 345 5.84 29.77 -12.92
N GLY B 346 7.06 29.83 -13.45
CA GLY B 346 7.36 29.15 -14.69
C GLY B 346 7.26 27.65 -14.58
N LYS B 347 7.73 27.09 -13.46
CA LYS B 347 7.60 25.65 -13.25
C LYS B 347 6.13 25.26 -13.17
N ILE B 348 5.34 26.01 -12.40
CA ILE B 348 3.93 25.68 -12.21
C ILE B 348 3.19 25.70 -13.54
N ARG B 349 3.34 26.78 -14.30
CA ARG B 349 2.67 26.89 -15.59
C ARG B 349 3.26 25.97 -16.65
N SER B 350 4.22 25.11 -16.28
CA SER B 350 4.83 24.22 -17.26
C SER B 350 4.19 22.83 -17.27
N LYS B 351 3.41 22.48 -16.25
CA LYS B 351 2.79 21.17 -16.16
C LYS B 351 1.28 21.28 -16.20
N VAL B 352 0.65 20.19 -16.60
CA VAL B 352 -0.80 20.04 -16.51
C VAL B 352 -1.11 18.58 -16.19
N GLU B 353 -1.67 18.33 -15.00
CA GLU B 353 -2.04 16.99 -14.59
C GLU B 353 -3.52 16.97 -14.22
N LEU B 354 -4.24 15.97 -14.72
CA LEU B 354 -5.67 15.83 -14.48
C LEU B 354 -5.93 15.08 -13.17
N GLU B 355 -6.86 15.60 -12.38
CA GLU B 355 -7.33 14.95 -11.17
C GLU B 355 -8.82 14.64 -11.30
N VAL B 356 -9.25 13.59 -10.62
CA VAL B 356 -10.63 13.13 -10.66
C VAL B 356 -11.23 13.25 -9.26
N ARG B 357 -12.39 13.89 -9.17
CA ARG B 357 -13.11 14.07 -7.92
C ARG B 357 -14.47 13.39 -7.99
N ASP B 358 -14.90 12.83 -6.86
CA ASP B 358 -16.24 12.25 -6.72
C ASP B 358 -16.50 11.16 -7.76
N LEU B 359 -15.48 10.42 -8.14
CA LEU B 359 -15.66 9.36 -9.13
C LEU B 359 -16.39 8.17 -8.52
N PRO B 360 -17.55 7.77 -9.04
CA PRO B 360 -18.20 6.56 -8.55
C PRO B 360 -17.36 5.34 -8.86
N GLU B 361 -17.05 4.56 -7.82
CA GLU B 361 -16.18 3.40 -7.97
C GLU B 361 -16.74 2.36 -8.93
N GLU B 362 -18.02 2.47 -9.31
CA GLU B 362 -18.61 1.49 -10.23
C GLU B 362 -17.97 1.52 -11.61
N LEU B 363 -17.34 2.63 -11.99
CA LEU B 363 -16.71 2.75 -13.31
C LEU B 363 -15.28 3.23 -13.15
N SER B 364 -14.45 2.88 -14.14
CA SER B 364 -13.03 3.20 -14.13
C SER B 364 -12.71 4.12 -15.32
N LEU B 365 -11.61 4.86 -15.18
CA LEU B 365 -11.19 5.84 -16.17
C LEU B 365 -9.82 5.49 -16.72
N SER B 366 -9.70 5.49 -18.04
CA SER B 366 -8.43 5.34 -18.74
C SER B 366 -8.01 6.68 -19.33
N PHE B 367 -6.72 6.83 -19.55
CA PHE B 367 -6.18 8.09 -20.04
C PHE B 367 -5.09 7.85 -21.07
N ASN B 368 -5.24 8.49 -22.23
CA ASN B 368 -4.18 8.58 -23.24
C ASN B 368 -3.91 10.05 -23.49
N ALA B 369 -2.69 10.49 -23.21
CA ALA B 369 -2.35 11.91 -23.22
C ALA B 369 -1.61 12.29 -24.49
N THR B 370 -1.97 13.44 -25.05
CA THR B 370 -1.32 14.01 -26.23
C THR B 370 -0.67 15.33 -25.81
N CYS B 371 0.63 15.29 -25.53
CA CYS B 371 1.37 16.45 -25.06
C CYS B 371 2.17 17.13 -26.16
N LEU B 372 2.83 16.34 -27.01
CA LEU B 372 3.63 16.89 -28.10
C LEU B 372 2.71 17.20 -29.29
N ASN B 373 3.32 17.45 -30.45
CA ASN B 373 2.54 17.87 -31.62
C ASN B 373 1.36 16.94 -31.88
N ASN B 374 1.64 15.68 -32.20
CA ASN B 374 0.60 14.69 -32.43
C ASN B 374 0.90 13.34 -31.83
N GLU B 375 2.00 13.18 -31.12
CA GLU B 375 2.40 11.89 -30.58
C GLU B 375 1.68 11.64 -29.26
N VAL B 376 0.85 10.61 -29.23
CA VAL B 376 0.04 10.27 -28.06
C VAL B 376 0.84 9.35 -27.14
N ILE B 377 0.69 9.55 -25.84
CA ILE B 377 1.34 8.75 -24.82
C ILE B 377 0.27 8.04 -24.01
N PRO B 378 0.07 6.74 -24.22
CA PRO B 378 -0.98 6.03 -23.48
C PRO B 378 -0.67 5.91 -22.01
N GLY B 379 -1.72 5.78 -21.21
CA GLY B 379 -1.56 5.59 -19.78
C GLY B 379 -1.07 6.81 -19.03
N LEU B 380 -1.26 8.00 -19.57
CA LEU B 380 -0.78 9.22 -18.93
C LEU B 380 -1.91 10.23 -18.81
N LYS B 381 -2.01 10.87 -17.65
CA LYS B 381 -3.01 11.89 -17.39
C LYS B 381 -2.38 13.25 -17.11
N SER B 382 -1.17 13.49 -17.62
CA SER B 382 -0.42 14.70 -17.32
C SER B 382 0.56 14.99 -18.44
N CYS B 383 0.87 16.27 -18.62
CA CYS B 383 1.83 16.73 -19.61
C CYS B 383 2.89 17.59 -18.95
N MET B 384 4.14 17.43 -19.37
CA MET B 384 5.28 18.02 -18.72
C MET B 384 6.05 18.90 -19.68
N GLY B 385 6.66 19.96 -19.16
CA GLY B 385 7.54 20.81 -19.93
C GLY B 385 6.83 21.65 -20.97
N LEU B 386 5.79 22.36 -20.56
CA LEU B 386 5.04 23.23 -21.45
C LEU B 386 5.38 24.70 -21.17
N LYS B 387 5.01 25.55 -22.12
CA LYS B 387 5.13 26.99 -21.96
C LYS B 387 3.77 27.64 -22.18
N ILE B 388 3.59 28.82 -21.56
CA ILE B 388 2.28 29.46 -21.59
C ILE B 388 1.83 29.68 -23.02
N GLY B 389 0.55 29.44 -23.27
CA GLY B 389 -0.02 29.50 -24.59
C GLY B 389 -0.21 28.14 -25.25
N ASP B 390 0.47 27.11 -24.77
CA ASP B 390 0.33 25.78 -25.31
C ASP B 390 -1.03 25.20 -24.94
N THR B 391 -1.42 24.15 -25.66
CA THR B 391 -2.68 23.45 -25.43
C THR B 391 -2.45 21.97 -25.61
N VAL B 392 -2.83 21.17 -24.61
CA VAL B 392 -2.66 19.73 -24.65
C VAL B 392 -4.05 19.08 -24.59
N SER B 393 -4.11 17.84 -25.05
CA SER B 393 -5.36 17.09 -25.14
C SER B 393 -5.22 15.75 -24.45
N PHE B 394 -6.32 15.30 -23.83
CA PHE B 394 -6.40 14.00 -23.20
C PHE B 394 -7.65 13.29 -23.70
N SER B 395 -7.52 12.02 -24.07
CA SER B 395 -8.65 11.17 -24.38
C SER B 395 -8.93 10.27 -23.19
N ILE B 396 -10.19 10.15 -22.82
CA ILE B 396 -10.59 9.44 -21.62
C ILE B 396 -11.60 8.37 -21.99
N GLU B 397 -11.61 7.29 -21.22
CA GLU B 397 -12.58 6.21 -21.39
C GLU B 397 -13.15 5.84 -20.04
N ALA B 398 -14.48 5.68 -19.98
CA ALA B 398 -15.18 5.32 -18.77
C ALA B 398 -15.95 4.02 -19.02
N LYS B 399 -15.71 3.01 -18.19
CA LYS B 399 -16.35 1.71 -18.32
C LYS B 399 -16.91 1.30 -16.97
N VAL B 400 -18.16 0.82 -16.98
CA VAL B 400 -18.84 0.38 -15.76
C VAL B 400 -18.74 -1.13 -15.65
N ARG B 401 -18.73 -1.61 -14.41
CA ARG B 401 -18.77 -3.03 -14.11
C ARG B 401 -20.20 -3.36 -13.68
N GLY B 402 -20.94 -4.06 -14.54
CA GLY B 402 -22.37 -4.11 -14.31
C GLY B 402 -22.94 -2.71 -14.32
N CYS B 403 -24.07 -2.52 -13.63
CA CYS B 403 -24.49 -1.15 -13.39
C CYS B 403 -25.58 -1.07 -12.32
N PRO B 404 -25.40 -0.21 -11.33
CA PRO B 404 -26.40 -0.07 -10.27
C PRO B 404 -27.52 0.90 -10.62
N GLN B 405 -28.36 1.21 -9.64
CA GLN B 405 -29.44 2.18 -9.78
C GLN B 405 -29.13 3.45 -8.97
N GLU B 406 -27.88 3.89 -9.02
CA GLU B 406 -27.37 4.96 -8.17
C GLU B 406 -28.06 6.31 -8.38
N LYS B 407 -28.98 6.38 -9.34
CA LYS B 407 -29.67 7.63 -9.66
C LYS B 407 -28.70 8.67 -10.23
N GLU B 408 -28.00 8.28 -11.28
CA GLU B 408 -27.23 9.17 -12.15
C GLU B 408 -26.36 10.16 -11.36
N LYS B 409 -25.35 9.58 -10.70
CA LYS B 409 -24.31 10.39 -10.08
C LYS B 409 -23.52 11.15 -11.14
N SER B 410 -22.75 12.14 -10.69
CA SER B 410 -21.87 12.92 -11.56
C SER B 410 -20.54 13.16 -10.87
N PHE B 411 -19.48 13.27 -11.65
CA PHE B 411 -18.13 13.44 -11.12
C PHE B 411 -17.41 14.51 -11.94
N THR B 412 -16.19 14.84 -11.51
CA THR B 412 -15.44 15.97 -12.04
C THR B 412 -14.06 15.51 -12.52
N ILE B 413 -13.66 16.01 -13.68
CA ILE B 413 -12.30 15.85 -14.19
C ILE B 413 -11.74 17.25 -14.45
N LYS B 414 -10.62 17.57 -13.83
CA LYS B 414 -10.04 18.89 -13.96
C LYS B 414 -8.56 18.81 -13.65
N PRO B 415 -7.77 19.75 -14.14
CA PRO B 415 -6.35 19.81 -13.76
C PRO B 415 -6.17 20.48 -12.40
N VAL B 416 -5.03 20.20 -11.79
CA VAL B 416 -4.77 20.71 -10.44
C VAL B 416 -4.47 22.20 -10.51
N GLY B 417 -5.08 22.96 -9.61
CA GLY B 417 -4.87 24.40 -9.53
C GLY B 417 -5.81 25.22 -10.38
N PHE B 418 -6.41 24.64 -11.42
CA PHE B 418 -7.30 25.37 -12.30
C PHE B 418 -8.71 25.41 -11.75
N LYS B 419 -9.39 26.54 -12.01
CA LYS B 419 -10.79 26.66 -11.62
C LYS B 419 -11.72 25.90 -12.57
N ASP B 420 -11.36 25.85 -13.85
CA ASP B 420 -12.21 25.21 -14.86
C ASP B 420 -12.11 23.70 -14.76
N SER B 421 -13.20 23.03 -15.12
CA SER B 421 -13.29 21.59 -14.94
C SER B 421 -14.30 21.01 -15.93
N LEU B 422 -14.13 19.72 -16.22
CA LEU B 422 -15.09 18.95 -17.00
C LEU B 422 -15.94 18.13 -16.03
N ILE B 423 -17.24 18.36 -16.06
CA ILE B 423 -18.19 17.66 -15.19
C ILE B 423 -18.91 16.62 -16.03
N VAL B 424 -18.81 15.35 -15.61
CA VAL B 424 -19.37 14.22 -16.34
C VAL B 424 -20.54 13.66 -15.54
N GLN B 425 -21.74 13.76 -16.10
CA GLN B 425 -22.95 13.24 -15.48
C GLN B 425 -23.21 11.83 -15.99
N VAL B 426 -23.01 10.83 -15.12
CA VAL B 426 -23.22 9.45 -15.51
C VAL B 426 -24.69 9.09 -15.34
N THR B 427 -25.17 8.22 -16.23
CA THR B 427 -26.54 7.74 -16.16
C THR B 427 -26.57 6.31 -16.67
N PHE B 428 -27.13 5.40 -15.87
CA PHE B 428 -27.17 3.99 -16.19
C PHE B 428 -28.58 3.57 -16.58
N ASP B 429 -28.67 2.77 -17.64
CA ASP B 429 -29.94 2.15 -18.06
C ASP B 429 -29.71 0.64 -18.05
N CYS B 430 -30.20 -0.02 -17.00
CA CYS B 430 -29.91 -1.43 -16.75
C CYS B 430 -31.15 -2.30 -16.86
N ASP B 431 -32.13 -1.89 -17.64
CA ASP B 431 -33.36 -2.65 -17.81
C ASP B 431 -34.17 -2.07 -18.96
N CYS B 432 -34.98 -2.93 -19.58
CA CYS B 432 -35.89 -2.45 -20.62
C CYS B 432 -36.98 -1.59 -20.01
N ALA B 433 -37.54 -0.71 -20.83
CA ALA B 433 -38.64 0.15 -20.38
C ALA B 433 -39.97 -0.58 -20.32
N CYS B 434 -40.03 -1.84 -20.79
CA CYS B 434 -41.29 -2.57 -20.78
C CYS B 434 -41.66 -3.08 -19.41
N GLN B 435 -40.72 -3.14 -18.46
CA GLN B 435 -41.04 -3.63 -17.13
C GLN B 435 -41.64 -2.52 -16.28
N ALA B 436 -42.63 -1.82 -16.83
CA ALA B 436 -43.50 -0.89 -16.10
C ALA B 436 -44.92 -0.98 -16.63
N GLN B 437 -45.31 -2.15 -17.11
CA GLN B 437 -46.45 -2.28 -18.02
C GLN B 437 -47.80 -2.19 -17.32
N ALA B 438 -47.86 -2.44 -16.01
CA ALA B 438 -49.11 -2.40 -15.26
C ALA B 438 -50.05 -3.55 -15.61
N GLU B 439 -49.53 -4.64 -16.17
CA GLU B 439 -50.26 -5.90 -16.25
C GLU B 439 -49.64 -6.81 -15.18
N PRO B 440 -50.11 -6.71 -13.93
CA PRO B 440 -49.26 -7.09 -12.78
C PRO B 440 -48.80 -8.54 -12.77
N ASN B 441 -49.73 -9.48 -12.61
CA ASN B 441 -49.44 -10.91 -12.68
C ASN B 441 -50.74 -11.67 -12.83
N SER B 442 -50.97 -12.31 -13.97
CA SER B 442 -52.36 -12.59 -14.32
C SER B 442 -52.48 -13.70 -15.36
N HIS B 443 -53.60 -13.65 -16.08
CA HIS B 443 -54.31 -14.73 -16.75
C HIS B 443 -53.48 -15.78 -17.50
N ARG B 444 -52.76 -15.38 -18.54
CA ARG B 444 -52.44 -16.32 -19.62
C ARG B 444 -51.45 -17.41 -19.24
N CYS B 445 -50.78 -17.33 -18.08
CA CYS B 445 -49.65 -18.20 -17.77
C CYS B 445 -49.74 -18.74 -16.34
N ASN B 446 -50.83 -19.47 -16.03
CA ASN B 446 -50.99 -19.99 -14.67
C ASN B 446 -51.30 -18.93 -13.62
N ASN B 447 -52.58 -18.59 -13.47
CA ASN B 447 -53.05 -17.70 -12.43
C ASN B 447 -52.28 -17.89 -11.12
N GLY B 448 -51.63 -19.04 -10.94
CA GLY B 448 -50.81 -19.30 -9.78
C GLY B 448 -49.56 -18.45 -9.76
N ASN B 449 -49.77 -17.16 -9.53
CA ASN B 449 -48.76 -16.10 -9.46
C ASN B 449 -48.26 -15.65 -10.84
N GLY B 450 -48.45 -16.48 -11.86
CA GLY B 450 -48.19 -16.10 -13.24
C GLY B 450 -47.09 -15.08 -13.41
N THR B 451 -47.24 -14.24 -14.42
CA THR B 451 -46.84 -12.85 -14.44
C THR B 451 -47.03 -12.38 -15.88
N PHE B 452 -46.91 -11.09 -16.16
CA PHE B 452 -46.61 -10.67 -17.52
C PHE B 452 -45.44 -9.69 -17.48
N GLU B 453 -44.26 -10.20 -17.84
CA GLU B 453 -43.08 -9.40 -18.09
C GLU B 453 -43.12 -8.82 -19.51
N CYS B 454 -41.96 -8.42 -20.01
CA CYS B 454 -41.81 -7.74 -21.29
C CYS B 454 -42.31 -8.58 -22.47
N GLY B 455 -42.81 -9.78 -22.20
CA GLY B 455 -43.29 -10.64 -23.26
C GLY B 455 -43.09 -12.09 -22.93
N VAL B 456 -42.53 -12.36 -21.76
CA VAL B 456 -42.45 -13.71 -21.22
C VAL B 456 -43.11 -13.71 -19.85
N CYS B 457 -43.14 -14.88 -19.21
CA CYS B 457 -43.82 -15.03 -17.92
C CYS B 457 -42.99 -15.97 -17.05
N ARG B 458 -42.12 -15.39 -16.21
CA ARG B 458 -41.32 -16.17 -15.28
C ARG B 458 -42.22 -16.59 -14.14
N CYS B 459 -42.85 -17.75 -14.30
CA CYS B 459 -43.82 -18.25 -13.34
C CYS B 459 -43.16 -18.46 -11.97
N GLY B 460 -43.98 -18.81 -10.99
CA GLY B 460 -43.51 -19.08 -9.65
C GLY B 460 -42.82 -20.42 -9.57
N PRO B 461 -43.10 -21.18 -8.51
CA PRO B 461 -42.42 -22.47 -8.35
C PRO B 461 -42.78 -23.46 -9.45
N GLY B 462 -42.06 -23.33 -10.56
CA GLY B 462 -42.26 -24.04 -11.81
C GLY B 462 -42.66 -23.08 -12.90
N TRP B 463 -41.67 -22.61 -13.65
CA TRP B 463 -41.86 -21.66 -14.75
C TRP B 463 -41.68 -22.43 -16.07
N LEU B 464 -42.75 -23.11 -16.48
CA LEU B 464 -42.70 -23.86 -17.74
C LEU B 464 -42.21 -22.98 -18.89
N GLY B 465 -42.62 -21.72 -18.90
CA GLY B 465 -42.33 -20.80 -19.99
C GLY B 465 -43.51 -20.73 -20.95
N SER B 466 -44.26 -19.63 -20.94
CA SER B 466 -45.55 -19.50 -21.61
C SER B 466 -46.61 -20.43 -21.02
N GLN B 467 -46.23 -21.30 -20.09
CA GLN B 467 -47.12 -22.16 -19.31
C GLN B 467 -46.34 -22.48 -18.04
N CYS B 468 -46.88 -23.33 -17.18
CA CYS B 468 -46.24 -23.44 -15.88
C CYS B 468 -46.33 -24.85 -15.29
N GLU B 469 -45.41 -25.10 -14.36
CA GLU B 469 -45.46 -26.18 -13.36
C GLU B 469 -45.43 -27.64 -13.83
N CYS B 470 -44.29 -28.08 -14.35
CA CYS B 470 -43.82 -29.43 -14.04
C CYS B 470 -43.01 -29.29 -12.76
N SER B 471 -43.72 -29.22 -11.63
CA SER B 471 -43.10 -28.88 -10.37
C SER B 471 -42.61 -30.09 -9.60
N GLU B 472 -43.32 -31.21 -9.67
CA GLU B 472 -42.83 -32.45 -9.04
C GLU B 472 -43.39 -33.63 -9.85
N GLU B 473 -42.60 -34.09 -10.81
CA GLU B 473 -42.85 -35.33 -11.56
C GLU B 473 -44.04 -35.23 -12.52
N ASP B 474 -44.75 -34.10 -12.54
CA ASP B 474 -45.93 -33.95 -13.38
C ASP B 474 -45.66 -34.33 -14.83
N TYR B 475 -44.37 -34.52 -15.13
CA TYR B 475 -43.86 -34.47 -16.51
C TYR B 475 -44.03 -35.76 -17.29
N ARG B 476 -43.32 -36.83 -16.88
CA ARG B 476 -43.07 -37.91 -17.83
C ARG B 476 -42.42 -37.33 -19.08
N PRO B 477 -41.10 -37.05 -19.04
CA PRO B 477 -40.52 -35.96 -19.84
C PRO B 477 -41.14 -35.76 -21.21
N SER B 478 -41.67 -34.55 -21.43
CA SER B 478 -42.36 -34.20 -22.66
C SER B 478 -41.67 -33.10 -23.45
N GLN B 479 -40.64 -32.46 -22.90
CA GLN B 479 -39.80 -31.51 -23.61
C GLN B 479 -38.33 -31.83 -23.37
N GLN B 480 -38.00 -33.11 -23.25
CA GLN B 480 -36.64 -33.55 -22.93
C GLN B 480 -35.76 -33.38 -24.16
N ASP B 481 -35.36 -32.14 -24.39
CA ASP B 481 -34.41 -31.78 -25.44
C ASP B 481 -34.12 -30.28 -25.28
N GLU B 482 -33.16 -29.79 -26.06
CA GLU B 482 -32.69 -28.42 -26.01
C GLU B 482 -31.92 -28.12 -24.73
N CYS B 483 -31.80 -29.08 -23.81
CA CYS B 483 -31.09 -28.88 -22.56
C CYS B 483 -29.60 -29.17 -22.68
N SER B 484 -29.16 -29.65 -23.84
CA SER B 484 -27.75 -29.87 -24.15
C SER B 484 -27.51 -29.36 -25.57
N PRO B 485 -26.86 -28.22 -25.74
CA PRO B 485 -26.78 -27.62 -27.08
C PRO B 485 -25.78 -28.32 -27.97
N ARG B 486 -25.71 -29.63 -27.85
CA ARG B 486 -25.20 -30.52 -28.89
C ARG B 486 -26.05 -31.76 -29.08
N GLU B 487 -26.85 -32.16 -28.08
CA GLU B 487 -27.77 -33.29 -28.16
C GLU B 487 -27.08 -34.55 -28.70
N GLY B 488 -25.91 -34.83 -28.13
CA GLY B 488 -25.22 -36.09 -28.35
C GLY B 488 -24.49 -36.50 -27.09
N GLN B 489 -24.78 -35.80 -25.98
CA GLN B 489 -24.08 -35.98 -24.70
C GLN B 489 -25.00 -35.60 -23.54
N PRO B 490 -24.54 -35.76 -22.30
CA PRO B 490 -25.43 -35.55 -21.14
C PRO B 490 -26.22 -34.25 -21.25
N VAL B 491 -27.51 -34.31 -20.93
CA VAL B 491 -28.42 -33.20 -21.18
C VAL B 491 -28.50 -32.26 -19.98
N CYS B 492 -27.45 -31.48 -19.78
CA CYS B 492 -27.42 -30.25 -18.99
C CYS B 492 -25.96 -29.80 -19.02
N SER B 493 -25.59 -28.84 -18.20
CA SER B 493 -24.14 -28.69 -18.02
C SER B 493 -23.52 -29.89 -17.26
N GLN B 494 -24.28 -30.96 -17.05
CA GLN B 494 -24.01 -32.08 -16.15
C GLN B 494 -24.32 -31.66 -14.73
N ARG B 495 -24.68 -30.40 -14.50
CA ARG B 495 -25.18 -29.90 -13.22
C ARG B 495 -26.57 -29.33 -13.47
N GLY B 496 -27.58 -29.95 -12.87
CA GLY B 496 -28.94 -29.48 -13.02
C GLY B 496 -29.96 -30.57 -13.30
N GLU B 497 -29.57 -31.60 -14.05
CA GLU B 497 -30.44 -32.76 -14.29
C GLU B 497 -31.78 -32.33 -14.89
N CYS B 498 -31.69 -31.85 -16.12
CA CYS B 498 -32.77 -31.18 -16.83
C CYS B 498 -34.14 -31.78 -16.54
N LEU B 499 -35.08 -30.92 -16.15
CA LEU B 499 -36.50 -31.22 -16.14
C LEU B 499 -37.25 -29.97 -16.57
N CYS B 500 -38.46 -30.18 -17.09
CA CYS B 500 -39.41 -29.10 -17.36
C CYS B 500 -39.03 -28.25 -18.57
N GLY B 501 -38.03 -28.65 -19.35
CA GLY B 501 -37.53 -27.78 -20.39
C GLY B 501 -36.77 -26.58 -19.87
N GLN B 502 -36.42 -26.57 -18.58
CA GLN B 502 -35.65 -25.50 -17.95
C GLN B 502 -34.69 -26.18 -16.97
N CYS B 503 -33.47 -26.43 -17.44
CA CYS B 503 -32.48 -27.13 -16.60
C CYS B 503 -32.37 -26.41 -15.27
N VAL B 504 -32.80 -27.08 -14.19
CA VAL B 504 -32.80 -26.48 -12.85
C VAL B 504 -31.41 -26.74 -12.25
N CYS B 505 -30.55 -25.73 -12.31
CA CYS B 505 -29.17 -25.88 -11.88
C CYS B 505 -29.10 -26.23 -10.39
N HIS B 506 -28.67 -27.46 -10.09
CA HIS B 506 -28.55 -27.92 -8.72
C HIS B 506 -27.15 -27.63 -8.20
N SER B 507 -26.81 -28.22 -7.05
CA SER B 507 -25.49 -28.06 -6.44
C SER B 507 -25.21 -26.60 -6.10
N SER B 508 -26.22 -25.91 -5.59
CA SER B 508 -26.09 -24.51 -5.21
C SER B 508 -25.30 -24.44 -3.90
N ASP B 509 -23.98 -24.53 -4.04
CA ASP B 509 -23.09 -24.46 -2.90
C ASP B 509 -21.70 -24.11 -3.40
N PHE B 510 -20.88 -23.54 -2.51
CA PHE B 510 -19.56 -23.04 -2.87
C PHE B 510 -19.68 -21.99 -3.98
N GLY B 511 -20.68 -21.13 -3.87
CA GLY B 511 -20.96 -20.14 -4.90
C GLY B 511 -22.40 -20.21 -5.38
N LYS B 512 -22.62 -19.96 -6.66
CA LYS B 512 -23.95 -20.06 -7.24
C LYS B 512 -23.82 -20.37 -8.73
N ILE B 513 -24.69 -21.25 -9.22
CA ILE B 513 -24.68 -21.69 -10.61
C ILE B 513 -25.82 -21.00 -11.35
N THR B 514 -25.56 -20.59 -12.59
CA THR B 514 -26.56 -19.93 -13.42
C THR B 514 -26.34 -20.35 -14.87
N GLY B 515 -27.16 -19.81 -15.76
CA GLY B 515 -27.11 -20.13 -17.16
C GLY B 515 -28.29 -20.99 -17.59
N LYS B 516 -28.69 -20.83 -18.85
CA LYS B 516 -29.82 -21.59 -19.37
C LYS B 516 -29.50 -23.08 -19.42
N TYR B 517 -28.25 -23.42 -19.74
CA TYR B 517 -27.75 -24.79 -19.65
C TYR B 517 -26.88 -24.99 -18.42
N CYS B 518 -26.91 -24.06 -17.47
CA CYS B 518 -26.05 -24.10 -16.29
C CYS B 518 -24.58 -24.02 -16.67
N GLU B 519 -24.29 -23.45 -17.84
CA GLU B 519 -22.92 -23.31 -18.30
C GLU B 519 -22.12 -22.34 -17.44
N CYS B 520 -22.79 -21.36 -16.85
CA CYS B 520 -22.12 -20.28 -16.13
C CYS B 520 -22.08 -20.57 -14.64
N ASP B 521 -21.23 -19.81 -13.95
CA ASP B 521 -21.00 -19.98 -12.52
C ASP B 521 -20.02 -18.90 -12.07
N ASP B 522 -19.83 -18.82 -10.74
CA ASP B 522 -18.73 -18.07 -10.17
C ASP B 522 -17.56 -19.03 -9.95
N PHE B 523 -16.53 -18.54 -9.27
CA PHE B 523 -15.43 -19.36 -8.74
C PHE B 523 -14.78 -20.26 -9.81
N SER B 524 -15.08 -20.05 -11.08
CA SER B 524 -14.47 -20.83 -12.16
C SER B 524 -13.40 -20.04 -12.90
N CYS B 525 -12.94 -18.93 -12.33
CA CYS B 525 -11.94 -18.09 -12.97
C CYS B 525 -10.54 -18.65 -12.69
N VAL B 526 -9.52 -17.86 -12.99
CA VAL B 526 -8.15 -18.31 -12.92
C VAL B 526 -7.48 -17.75 -11.68
N ARG B 527 -6.28 -18.24 -11.38
CA ARG B 527 -5.50 -17.80 -10.23
C ARG B 527 -4.12 -17.35 -10.69
N TYR B 528 -3.56 -16.39 -9.98
CA TYR B 528 -2.24 -15.82 -10.30
C TYR B 528 -1.21 -16.16 -9.23
N LYS B 529 -1.48 -15.81 -7.96
CA LYS B 529 -0.65 -16.23 -6.84
C LYS B 529 -1.43 -17.12 -5.88
N GLY B 530 -2.57 -17.65 -6.31
CA GLY B 530 -3.45 -18.44 -5.48
C GLY B 530 -4.81 -17.80 -5.22
N GLU B 531 -5.00 -16.55 -5.64
CA GLU B 531 -6.24 -15.84 -5.41
C GLU B 531 -7.02 -15.71 -6.72
N MET B 532 -8.34 -15.75 -6.60
CA MET B 532 -9.20 -15.75 -7.78
C MET B 532 -9.23 -14.36 -8.41
N CYS B 533 -8.93 -14.29 -9.71
CA CYS B 533 -8.76 -13.02 -10.41
C CYS B 533 -7.77 -12.12 -9.66
N SER B 534 -6.81 -12.75 -8.99
CA SER B 534 -5.79 -12.05 -8.20
C SER B 534 -6.40 -11.21 -7.08
N GLY B 535 -7.63 -11.53 -6.67
CA GLY B 535 -8.32 -10.70 -5.70
C GLY B 535 -8.61 -9.30 -6.17
N HIS B 536 -8.61 -9.08 -7.49
CA HIS B 536 -8.81 -7.74 -8.06
C HIS B 536 -9.88 -7.73 -9.15
N GLY B 537 -10.77 -8.71 -9.17
CA GLY B 537 -11.82 -8.73 -10.16
C GLY B 537 -12.95 -9.69 -9.89
N GLN B 538 -14.17 -9.30 -10.25
CA GLN B 538 -15.32 -10.19 -10.17
C GLN B 538 -15.17 -11.36 -11.14
N CYS B 539 -15.72 -12.51 -10.74
CA CYS B 539 -15.69 -13.72 -11.57
C CYS B 539 -17.08 -13.91 -12.17
N SER B 540 -17.19 -13.70 -13.48
CA SER B 540 -18.47 -13.76 -14.19
C SER B 540 -18.36 -14.84 -15.27
N CYS B 541 -18.78 -16.06 -14.91
CA CYS B 541 -18.86 -17.18 -15.85
C CYS B 541 -17.50 -17.49 -16.46
N GLY B 542 -16.55 -17.83 -15.58
CA GLY B 542 -15.21 -18.17 -16.00
C GLY B 542 -14.37 -17.01 -16.50
N ASP B 543 -14.93 -15.80 -16.54
CA ASP B 543 -14.21 -14.62 -16.99
C ASP B 543 -14.11 -13.62 -15.84
N CYS B 544 -12.95 -12.98 -15.73
CA CYS B 544 -12.72 -11.98 -14.70
C CYS B 544 -13.18 -10.61 -15.18
N LEU B 545 -13.83 -9.87 -14.28
CA LEU B 545 -14.24 -8.49 -14.51
C LEU B 545 -13.37 -7.62 -13.61
N CYS B 546 -12.22 -7.19 -14.13
CA CYS B 546 -11.22 -6.53 -13.32
C CYS B 546 -11.78 -5.27 -12.66
N ASP B 547 -11.39 -5.05 -11.41
CA ASP B 547 -11.77 -3.83 -10.71
C ASP B 547 -11.15 -2.62 -11.38
N SER B 548 -11.55 -1.44 -10.90
CA SER B 548 -10.98 -0.21 -11.43
C SER B 548 -9.46 -0.22 -11.29
N ASP B 549 -8.78 0.22 -12.34
CA ASP B 549 -7.31 0.30 -12.36
C ASP B 549 -6.65 -1.07 -12.40
N TRP B 550 -7.29 -2.03 -13.08
CA TRP B 550 -6.72 -3.35 -13.30
C TRP B 550 -7.14 -3.84 -14.68
N THR B 551 -6.19 -4.44 -15.39
CA THR B 551 -6.46 -4.97 -16.73
C THR B 551 -5.82 -6.36 -16.82
N GLY B 552 -5.88 -6.94 -18.02
CA GLY B 552 -5.30 -8.24 -18.27
C GLY B 552 -6.26 -9.39 -18.02
N TYR B 553 -5.87 -10.56 -18.53
CA TYR B 553 -6.70 -11.74 -18.38
C TYR B 553 -6.83 -12.14 -16.92
N TYR B 554 -5.78 -11.95 -16.13
CA TYR B 554 -5.77 -12.33 -14.72
C TYR B 554 -6.08 -11.15 -13.80
N CYS B 555 -6.33 -9.97 -14.34
CA CYS B 555 -6.56 -8.77 -13.52
C CYS B 555 -5.37 -8.51 -12.59
N ASN B 556 -4.17 -8.75 -13.09
CA ASN B 556 -2.94 -8.53 -12.34
C ASN B 556 -2.06 -7.45 -12.95
N CYS B 557 -2.55 -6.73 -13.96
CA CYS B 557 -1.79 -5.70 -14.65
C CYS B 557 -2.36 -4.34 -14.27
N THR B 558 -1.59 -3.56 -13.52
CA THR B 558 -2.04 -2.25 -13.09
C THR B 558 -2.11 -1.27 -14.25
N THR B 559 -2.93 -0.23 -14.08
CA THR B 559 -2.95 0.90 -14.97
C THR B 559 -2.12 2.06 -14.44
N ARG B 560 -1.51 1.90 -13.27
CA ARG B 560 -0.72 2.95 -12.67
C ARG B 560 0.61 3.13 -13.40
N THR B 561 1.08 4.38 -13.42
CA THR B 561 2.38 4.71 -14.01
C THR B 561 3.29 5.44 -13.04
N ASP B 562 2.89 5.57 -11.78
CA ASP B 562 3.70 6.31 -10.82
C ASP B 562 4.96 5.54 -10.44
N THR B 563 4.86 4.21 -10.34
CA THR B 563 6.04 3.39 -10.10
C THR B 563 6.91 3.26 -11.34
N CYS B 564 6.45 3.76 -12.49
CA CYS B 564 7.27 3.87 -13.68
C CYS B 564 7.96 5.22 -13.78
N MET B 565 7.67 6.15 -12.88
CA MET B 565 8.19 7.50 -12.98
C MET B 565 9.59 7.59 -12.37
N SER B 566 10.45 8.36 -13.03
CA SER B 566 11.84 8.51 -12.61
C SER B 566 12.04 9.83 -11.89
N SER B 567 13.29 10.08 -11.46
CA SER B 567 13.63 11.33 -10.80
C SER B 567 13.70 12.50 -11.77
N ASN B 568 13.72 12.24 -13.07
CA ASN B 568 13.73 13.31 -14.07
C ASN B 568 12.33 13.73 -14.50
N GLY B 569 11.33 12.87 -14.31
CA GLY B 569 9.98 13.19 -14.71
C GLY B 569 9.43 12.23 -15.75
N LEU B 570 10.27 11.86 -16.72
CA LEU B 570 9.87 10.91 -17.74
C LEU B 570 9.74 9.51 -17.15
N LEU B 571 8.77 8.76 -17.66
CA LEU B 571 8.60 7.38 -17.23
C LEU B 571 9.56 6.48 -17.98
N CYS B 572 10.34 5.70 -17.24
CA CYS B 572 11.38 4.83 -17.79
C CYS B 572 12.47 5.62 -18.51
N SER B 573 12.59 6.92 -18.20
CA SER B 573 13.69 7.75 -18.70
C SER B 573 13.76 7.75 -20.23
N GLY B 574 12.63 7.52 -20.89
CA GLY B 574 12.58 7.50 -22.34
C GLY B 574 13.41 6.38 -22.93
N ARG B 575 13.80 5.43 -22.08
CA ARG B 575 14.59 4.29 -22.52
C ARG B 575 13.81 2.98 -22.48
N GLY B 576 12.51 3.04 -22.26
CA GLY B 576 11.72 1.81 -22.23
C GLY B 576 10.24 2.10 -22.03
N LYS B 577 9.44 1.09 -22.33
CA LYS B 577 8.00 1.16 -22.15
C LYS B 577 7.64 0.92 -20.69
N CYS B 578 6.39 1.26 -20.35
CA CYS B 578 5.86 1.02 -19.01
C CYS B 578 4.67 0.06 -19.14
N GLU B 579 4.91 -1.22 -18.85
CA GLU B 579 3.87 -2.24 -18.92
C GLU B 579 3.53 -2.69 -17.50
N CYS B 580 2.28 -2.49 -17.10
CA CYS B 580 1.79 -2.94 -15.80
C CYS B 580 2.62 -2.35 -14.66
N GLY B 581 2.81 -1.03 -14.71
CA GLY B 581 3.50 -0.34 -13.63
C GLY B 581 4.96 -0.67 -13.48
N SER B 582 5.56 -1.34 -14.45
CA SER B 582 6.99 -1.66 -14.43
C SER B 582 7.59 -1.35 -15.79
N CYS B 583 8.85 -0.92 -15.78
CA CYS B 583 9.52 -0.56 -17.01
C CYS B 583 10.05 -1.79 -17.73
N VAL B 584 10.03 -1.72 -19.07
CA VAL B 584 10.62 -2.73 -19.92
C VAL B 584 11.60 -1.99 -20.83
N CYS B 585 12.86 -1.94 -20.43
CA CYS B 585 13.84 -1.10 -21.09
C CYS B 585 14.07 -1.55 -22.52
N ILE B 586 14.10 -0.59 -23.45
CA ILE B 586 14.25 -0.86 -24.86
C ILE B 586 15.64 -0.54 -25.37
N GLN B 587 16.26 0.51 -24.83
CA GLN B 587 17.61 0.87 -25.27
C GLN B 587 18.61 -0.20 -24.84
N PRO B 588 19.46 -0.69 -25.72
CA PRO B 588 20.38 -1.77 -25.34
C PRO B 588 21.38 -1.31 -24.30
N GLY B 589 21.64 -2.19 -23.33
CA GLY B 589 22.56 -1.88 -22.26
C GLY B 589 21.97 -1.11 -21.10
N SER B 590 20.69 -0.76 -21.16
CA SER B 590 20.03 -0.04 -20.08
C SER B 590 19.27 -1.00 -19.20
N TYR B 591 19.16 -0.65 -17.93
CA TYR B 591 18.45 -1.46 -16.94
C TYR B 591 18.11 -0.57 -15.75
N GLY B 592 17.51 -1.17 -14.74
CA GLY B 592 17.04 -0.44 -13.58
C GLY B 592 15.52 -0.30 -13.59
N ASP B 593 14.99 0.06 -12.42
CA ASP B 593 13.54 0.14 -12.26
C ASP B 593 12.93 1.19 -13.17
N THR B 594 13.69 2.21 -13.56
CA THR B 594 13.23 3.22 -14.50
C THR B 594 14.17 3.35 -15.69
N CYS B 595 14.98 2.32 -15.97
CA CYS B 595 15.95 2.35 -17.05
C CYS B 595 16.89 3.55 -16.92
N GLU B 596 17.10 4.00 -15.68
CA GLU B 596 17.98 5.14 -15.44
C GLU B 596 19.45 4.75 -15.53
N LYS B 597 19.77 3.50 -15.24
CA LYS B 597 21.15 3.02 -15.26
C LYS B 597 21.49 2.50 -16.65
N CYS B 598 22.52 3.08 -17.26
CA CYS B 598 23.05 2.59 -18.53
C CYS B 598 24.49 3.06 -18.67
N PRO B 599 25.44 2.42 -17.97
CA PRO B 599 26.83 2.89 -18.02
C PRO B 599 27.48 2.69 -19.38
N THR B 600 26.95 1.81 -20.21
CA THR B 600 27.49 1.58 -21.54
C THR B 600 26.81 2.42 -22.61
N CYS B 601 25.86 3.29 -22.23
CA CYS B 601 25.22 4.17 -23.19
C CYS B 601 26.18 5.26 -23.64
N PRO B 602 25.86 5.95 -24.73
CA PRO B 602 26.70 7.07 -25.17
C PRO B 602 26.74 8.17 -24.12
N ASP B 603 27.82 8.94 -24.15
CA ASP B 603 28.00 10.04 -23.22
C ASP B 603 27.00 11.16 -23.52
N ALA B 604 27.00 12.19 -22.67
CA ALA B 604 26.09 13.31 -22.88
C ALA B 604 26.42 14.06 -24.15
N CYS B 605 27.67 13.98 -24.60
CA CYS B 605 28.07 14.70 -25.82
C CYS B 605 27.21 14.30 -27.01
N THR B 606 26.94 13.00 -27.15
CA THR B 606 26.13 12.54 -28.28
C THR B 606 24.68 13.00 -28.15
N PHE B 607 24.21 13.23 -26.93
CA PHE B 607 22.82 13.64 -26.72
C PHE B 607 22.62 15.15 -26.77
N LYS B 608 23.64 15.93 -26.39
CA LYS B 608 23.49 17.38 -26.36
C LYS B 608 23.77 18.03 -27.71
N LYS B 609 24.62 17.41 -28.54
CA LYS B 609 24.85 17.97 -29.87
C LYS B 609 23.59 17.95 -30.71
N GLU B 610 22.69 16.99 -30.44
CA GLU B 610 21.39 17.00 -31.12
C GLU B 610 20.65 18.29 -30.85
N CYS B 611 20.93 18.95 -29.72
CA CYS B 611 20.33 20.23 -29.40
C CYS B 611 21.12 21.39 -30.00
N VAL B 612 22.45 21.30 -29.98
CA VAL B 612 23.26 22.34 -30.60
C VAL B 612 22.94 22.46 -32.09
N GLU B 613 22.67 21.32 -32.73
CA GLU B 613 22.42 21.34 -34.17
C GLU B 613 21.06 21.92 -34.50
N CYS B 614 20.03 21.62 -33.69
CA CYS B 614 18.70 22.10 -34.00
C CYS B 614 18.41 23.48 -33.42
N LYS B 615 19.04 23.84 -32.31
CA LYS B 615 18.81 25.16 -31.71
C LYS B 615 19.75 26.22 -32.26
N LYS B 616 20.95 25.85 -32.68
CA LYS B 616 21.94 26.80 -33.15
C LYS B 616 22.27 26.66 -34.62
N PHE B 617 21.78 25.62 -35.29
CA PHE B 617 21.97 25.46 -36.72
C PHE B 617 20.69 25.09 -37.46
N ASP B 618 19.57 24.93 -36.75
CA ASP B 618 18.26 24.78 -37.38
C ASP B 618 18.23 23.61 -38.36
N ARG B 619 18.86 22.51 -37.98
CA ARG B 619 18.97 21.35 -38.86
C ARG B 619 19.19 20.10 -38.02
N GLY B 620 19.47 18.99 -38.69
CA GLY B 620 19.68 17.71 -38.02
C GLY B 620 18.40 17.11 -37.47
N ALA B 621 18.48 15.85 -37.04
CA ALA B 621 17.34 15.24 -36.37
C ALA B 621 16.95 16.07 -35.15
N LEU B 622 15.74 15.81 -34.64
CA LEU B 622 15.12 16.53 -33.55
C LEU B 622 14.57 17.88 -34.03
N HIS B 623 14.86 18.28 -35.26
CA HIS B 623 14.23 19.43 -35.90
C HIS B 623 13.24 19.01 -36.98
N ASP B 624 13.45 17.87 -37.63
CA ASP B 624 12.47 17.34 -38.57
C ASP B 624 11.22 16.87 -37.85
N GLU B 625 11.36 16.39 -36.61
CA GLU B 625 10.22 16.00 -35.80
C GLU B 625 9.62 17.17 -35.01
N ASN B 626 10.14 18.38 -35.19
CA ASN B 626 9.65 19.56 -34.50
C ASN B 626 9.64 19.36 -32.98
N THR B 627 10.60 18.58 -32.47
CA THR B 627 10.76 18.36 -31.05
C THR B 627 11.93 19.13 -30.46
N CYS B 628 12.53 20.03 -31.23
CA CYS B 628 13.78 20.67 -30.82
C CYS B 628 13.65 21.38 -29.47
N ASN B 629 12.82 22.41 -29.40
CA ASN B 629 12.65 23.12 -28.13
C ASN B 629 11.43 22.62 -27.35
N ARG B 630 11.36 21.30 -27.20
CA ARG B 630 10.54 20.67 -26.18
C ARG B 630 11.42 19.73 -25.38
N TYR B 631 12.40 19.11 -26.06
CA TYR B 631 13.41 18.27 -25.44
C TYR B 631 14.66 19.05 -25.08
N CYS B 632 14.95 20.12 -25.81
CA CYS B 632 16.15 20.94 -25.57
C CYS B 632 15.80 22.14 -24.71
N ARG B 633 15.37 21.87 -23.48
CA ARG B 633 15.07 22.92 -22.53
C ARG B 633 16.34 23.54 -21.94
N ASP B 634 17.52 23.03 -22.31
CA ASP B 634 18.76 23.62 -21.86
C ASP B 634 18.90 25.04 -22.39
N GLU B 635 19.58 25.89 -21.61
CA GLU B 635 19.88 27.25 -22.03
C GLU B 635 21.16 27.25 -22.85
N ILE B 636 21.07 27.72 -24.09
CA ILE B 636 22.19 27.73 -25.02
C ILE B 636 22.52 29.17 -25.36
N GLU B 637 23.81 29.50 -25.33
CA GLU B 637 24.26 30.85 -25.69
C GLU B 637 25.61 30.72 -26.37
N SER B 638 25.68 31.11 -27.65
CA SER B 638 26.93 31.01 -28.39
C SER B 638 27.95 31.97 -27.80
N VAL B 639 29.06 31.42 -27.32
CA VAL B 639 30.12 32.19 -26.68
C VAL B 639 31.46 31.79 -27.29
N LYS B 640 32.55 32.29 -26.73
CA LYS B 640 33.89 31.94 -27.21
C LYS B 640 34.76 31.45 -26.07
N GLU B 641 35.67 30.55 -26.41
CA GLU B 641 36.89 30.15 -25.69
C GLU B 641 36.66 29.19 -24.51
N LEU B 642 35.43 28.89 -24.11
CA LEU B 642 35.17 27.86 -23.09
C LEU B 642 36.12 28.02 -21.90
N LYS B 643 35.92 29.10 -21.14
CA LYS B 643 36.92 29.57 -20.20
C LYS B 643 37.01 28.73 -18.93
N ASP B 644 37.17 27.41 -19.08
CA ASP B 644 37.62 26.50 -18.05
C ASP B 644 37.17 26.86 -16.64
N THR B 645 35.89 27.17 -16.46
CA THR B 645 35.32 27.43 -15.14
C THR B 645 34.20 26.44 -14.90
N GLY B 646 34.31 25.71 -13.80
CA GLY B 646 33.37 24.63 -13.50
C GLY B 646 34.09 23.30 -13.55
N LYS B 647 33.79 22.45 -12.57
CA LYS B 647 34.34 21.10 -12.51
C LYS B 647 33.34 20.03 -12.94
N ASP B 648 32.04 20.30 -12.79
CA ASP B 648 30.99 19.44 -13.31
C ASP B 648 30.59 19.86 -14.72
N ALA B 649 31.61 20.01 -15.58
CA ALA B 649 31.44 20.41 -16.96
C ALA B 649 32.14 19.41 -17.86
N VAL B 650 31.64 19.29 -19.08
CA VAL B 650 32.20 18.38 -20.08
C VAL B 650 32.26 19.12 -21.40
N ASN B 651 33.45 19.13 -22.00
CA ASN B 651 33.65 19.74 -23.31
C ASN B 651 33.44 18.69 -24.39
N CYS B 652 32.61 19.03 -25.37
CA CYS B 652 32.24 18.11 -26.44
C CYS B 652 32.65 18.70 -27.78
N THR B 653 33.02 17.81 -28.72
CA THR B 653 33.38 18.22 -30.06
C THR B 653 32.76 17.24 -31.05
N TYR B 654 32.45 17.74 -32.24
CA TYR B 654 31.89 16.91 -33.30
C TYR B 654 32.03 17.64 -34.62
N LYS B 655 31.81 16.91 -35.71
CA LYS B 655 31.85 17.46 -37.05
C LYS B 655 30.44 17.46 -37.63
N ASN B 656 29.93 18.63 -37.98
CA ASN B 656 28.60 18.75 -38.56
C ASN B 656 28.63 18.38 -40.03
N GLU B 657 27.46 18.41 -40.68
CA GLU B 657 27.38 18.03 -42.09
C GLU B 657 28.06 19.02 -43.02
N ASP B 658 28.65 20.09 -42.49
CA ASP B 658 29.43 21.03 -43.27
C ASP B 658 30.94 20.81 -43.12
N ASP B 659 31.33 19.72 -42.46
CA ASP B 659 32.74 19.35 -42.29
C ASP B 659 33.49 20.35 -41.41
N CYS B 660 32.78 21.04 -40.52
CA CYS B 660 33.37 21.96 -39.56
C CYS B 660 33.28 21.36 -38.16
N VAL B 661 34.31 21.63 -37.35
CA VAL B 661 34.40 21.08 -36.01
C VAL B 661 33.75 22.08 -35.04
N VAL B 662 32.65 21.66 -34.43
CA VAL B 662 31.95 22.46 -33.43
C VAL B 662 32.41 22.04 -32.04
N ARG B 663 32.47 23.00 -31.14
CA ARG B 663 32.97 22.78 -29.78
C ARG B 663 32.04 23.49 -28.81
N PHE B 664 31.63 22.78 -27.75
CA PHE B 664 30.73 23.36 -26.77
C PHE B 664 30.99 22.71 -25.41
N GLN B 665 30.20 23.13 -24.42
CA GLN B 665 30.38 22.70 -23.03
C GLN B 665 29.02 22.53 -22.37
N TYR B 666 28.97 21.66 -21.37
CA TYR B 666 27.75 21.28 -20.68
C TYR B 666 27.97 21.41 -19.18
N TYR B 667 27.11 22.16 -18.50
CA TYR B 667 27.32 22.49 -17.10
C TYR B 667 25.99 22.43 -16.34
N GLU B 668 25.99 21.74 -15.20
CA GLU B 668 24.83 21.63 -14.32
C GLU B 668 25.14 22.27 -12.97
N ASP B 669 24.08 22.63 -12.22
CA ASP B 669 24.25 23.34 -10.95
C ASP B 669 23.33 22.77 -9.87
N SER B 670 23.82 21.75 -9.18
CA SER B 670 23.34 21.34 -7.85
C SER B 670 21.83 21.51 -7.68
N SER B 671 21.08 20.74 -8.47
CA SER B 671 19.62 20.75 -8.51
C SER B 671 19.12 21.97 -9.28
N GLY B 672 20.01 22.80 -9.80
CA GLY B 672 19.65 23.84 -10.75
C GLY B 672 19.73 23.33 -12.18
N LYS B 673 19.53 24.26 -13.11
CA LYS B 673 19.39 23.89 -14.51
C LYS B 673 20.76 23.72 -15.15
N SER B 674 20.78 23.54 -16.47
CA SER B 674 21.99 23.26 -17.22
C SER B 674 22.10 24.23 -18.41
N ILE B 675 23.33 24.50 -18.82
CA ILE B 675 23.60 25.48 -19.87
C ILE B 675 24.65 24.92 -20.82
N LEU B 676 24.47 25.20 -22.11
CA LEU B 676 25.40 24.80 -23.16
C LEU B 676 26.06 26.05 -23.73
N TYR B 677 27.38 26.11 -23.63
CA TYR B 677 28.17 27.19 -24.22
C TYR B 677 28.72 26.70 -25.55
N VAL B 678 28.15 27.18 -26.64
CA VAL B 678 28.60 26.82 -27.98
C VAL B 678 29.64 27.84 -28.44
N VAL B 679 30.79 27.34 -28.88
CA VAL B 679 31.85 28.22 -29.38
C VAL B 679 31.46 28.75 -30.74
N GLU B 680 31.37 30.07 -30.86
CA GLU B 680 31.11 30.67 -32.17
C GLU B 680 32.35 30.50 -33.06
N GLU B 681 32.11 30.53 -34.36
CA GLU B 681 33.18 30.34 -35.34
C GLU B 681 33.85 28.98 -35.15
N PRO B 682 33.16 27.90 -35.50
CA PRO B 682 33.83 26.58 -35.53
C PRO B 682 35.00 26.58 -36.49
N GLU B 683 35.74 25.47 -36.47
CA GLU B 683 36.94 25.31 -37.29
C GLU B 683 36.56 24.62 -38.59
N CYS B 684 36.67 25.35 -39.70
CA CYS B 684 36.34 24.85 -41.02
C CYS B 684 37.59 24.78 -41.89
N PRO B 685 37.56 23.99 -42.97
CA PRO B 685 38.72 23.93 -43.86
C PRO B 685 39.06 25.29 -44.46
N LYS B 686 40.35 25.53 -44.65
CA LYS B 686 40.81 26.82 -45.12
C LYS B 686 40.64 26.93 -46.64
N GLY B 687 40.55 28.17 -47.11
CA GLY B 687 40.33 28.43 -48.53
C GLY B 687 41.39 27.85 -49.43
C1 NAG C . -11.46 22.60 36.72
C2 NAG C . -12.22 22.51 35.40
C3 NAG C . -11.95 23.74 34.55
C4 NAG C . -12.22 25.02 35.34
C5 NAG C . -11.48 24.99 36.67
C6 NAG C . -11.81 26.16 37.56
C7 NAG C . -12.68 20.25 34.57
C8 NAG C . -12.15 19.09 33.79
N2 NAG C . -11.87 21.30 34.68
O3 NAG C . -12.79 23.72 33.40
O4 NAG C . -11.79 26.14 34.58
O5 NAG C . -11.81 23.80 37.40
O6 NAG C . -11.32 27.38 37.03
O7 NAG C . -13.80 20.25 35.07
C1 NAG C . -12.75 27.09 34.13
C2 NAG C . -11.62 28.04 33.72
C3 NAG C . -12.20 29.31 33.11
C4 NAG C . -13.16 28.97 31.98
C5 NAG C . -14.21 27.97 32.46
C6 NAG C . -15.12 27.49 31.35
C7 NAG C . -9.45 28.52 34.74
C8 NAG C . -8.73 28.85 36.02
N2 NAG C . -10.76 28.35 34.85
O3 NAG C . -11.14 30.11 32.61
O4 NAG C . -13.81 30.15 31.52
O5 NAG C . -13.57 26.81 33.00
O6 NAG C . -15.29 26.08 31.41
O7 NAG C . -8.86 28.42 33.67
C1 NAG D . 21.11 3.15 16.11
C2 NAG D . 22.62 2.93 16.15
C3 NAG D . 23.30 4.06 16.91
C4 NAG D . 22.86 5.42 16.36
C5 NAG D . 21.35 5.51 16.26
C6 NAG D . 20.87 6.76 15.55
C7 NAG D . 23.02 0.51 16.06
C8 NAG D . 23.34 -0.72 16.84
N2 NAG D . 22.93 1.65 16.75
O3 NAG D . 24.71 3.93 16.81
O4 NAG D . 23.33 6.44 17.23
O5 NAG D . 20.83 4.40 15.51
O6 NAG D . 21.95 7.59 15.15
O7 NAG D . 22.85 0.48 14.84
C1 NAG D . 24.47 7.24 17.18
C2 NAG D . 24.60 8.23 18.32
C3 NAG D . 25.79 9.17 18.08
C4 NAG D . 27.05 8.35 17.84
C5 NAG D . 26.83 7.31 16.74
C6 NAG D . 27.99 6.37 16.60
C7 NAG D . 22.51 8.76 19.48
C8 NAG D . 21.29 9.65 19.51
N2 NAG D . 23.37 9.00 18.49
O3 NAG D . 25.95 10.03 19.19
O4 NAG D . 28.12 9.22 17.45
O5 NAG D . 25.68 6.51 17.06
O6 NAG D . 27.98 5.38 17.63
O7 NAG D . 22.68 7.87 20.30
C1 BMA D . 29.17 9.07 18.42
C2 BMA D . 30.16 9.06 17.23
C3 BMA D . 31.60 8.97 17.76
C4 BMA D . 31.84 10.01 18.85
C5 BMA D . 30.82 9.81 19.97
C6 BMA D . 31.00 10.80 21.12
O2 BMA D . 30.06 10.26 16.47
O3 BMA D . 32.54 9.16 16.72
O4 BMA D . 33.16 9.87 19.37
O5 BMA D . 29.51 10.02 19.40
O6 BMA D . 30.43 12.05 20.74
C1 BMA D . 31.08 13.19 21.34
C2 BMA D . 29.79 13.92 20.90
C3 BMA D . 30.16 15.29 20.33
C4 BMA D . 31.57 15.74 20.80
C5 BMA D . 31.83 15.30 22.28
C6 BMA D . 30.91 15.96 23.32
O2 BMA D . 28.93 14.14 22.01
O3 BMA D . 29.18 16.28 20.65
O4 BMA D . 32.59 15.19 19.95
O5 BMA D . 31.72 13.86 22.41
O6 BMA D . 30.98 15.23 24.53
C1 MAN D . 32.93 16.03 18.81
C2 MAN D . 32.95 17.58 19.26
C3 MAN D . 31.82 18.43 18.68
C4 MAN D . 31.54 18.01 17.26
C5 MAN D . 30.98 16.61 17.32
C6 MAN D . 30.41 16.14 15.99
O2 MAN D . 34.16 18.21 18.83
O3 MAN D . 32.12 19.83 18.73
O4 MAN D . 30.60 18.89 16.66
O5 MAN D . 32.05 15.72 17.66
O6 MAN D . 30.97 14.85 15.73
C1 MAN D . 33.18 7.91 16.41
C2 MAN D . 34.10 7.51 17.61
C3 MAN D . 35.42 8.35 17.66
C4 MAN D . 35.96 8.75 16.26
C5 MAN D . 34.82 9.15 15.32
C6 MAN D . 35.29 9.46 13.90
O2 MAN D . 34.50 6.14 17.54
O3 MAN D . 36.43 7.67 18.41
O4 MAN D . 36.86 9.84 16.40
O5 MAN D . 33.91 8.06 15.24
O6 MAN D . 34.14 9.80 13.13
C1 NAG E . -30.42 -54.71 2.21
C2 NAG E . -28.96 -55.04 2.50
C3 NAG E . -28.69 -54.98 4.00
C4 NAG E . -29.14 -53.65 4.57
C5 NAG E . -30.58 -53.36 4.17
C6 NAG E . -31.06 -51.97 4.58
C7 NAG E . -28.31 -56.56 0.68
C8 NAG E . -28.37 -55.35 -0.21
N2 NAG E . -28.60 -56.35 1.97
O3 NAG E . -27.29 -55.17 4.23
O4 NAG E . -29.04 -53.69 5.99
O5 NAG E . -30.73 -53.43 2.75
O6 NAG E . -30.71 -51.69 5.93
O7 NAG E . -28.02 -57.68 0.26
C1 NAG E . -28.01 -53.18 6.84
C2 NAG E . -28.16 -53.74 8.25
C3 NAG E . -27.36 -52.89 9.23
C4 NAG E . -25.91 -52.79 8.77
C5 NAG E . -25.84 -52.30 7.33
C6 NAG E . -24.44 -52.31 6.77
C7 NAG E . -30.21 -54.96 8.82
C8 NAG E . -29.42 -56.21 8.61
N2 NAG E . -29.56 -53.80 8.65
O3 NAG E . -27.43 -53.47 10.52
O4 NAG E . -25.19 -51.90 9.62
O5 NAG E . -26.64 -53.15 6.48
O6 NAG E . -24.44 -52.58 5.37
O7 NAG E . -31.39 -54.99 9.15
C1 NAG F . 38.69 -10.02 -4.98
C2 NAG F . 38.21 -11.47 -5.00
C3 NAG F . 37.90 -11.94 -3.58
C4 NAG F . 39.09 -11.70 -2.66
C5 NAG F . 39.56 -10.25 -2.75
C6 NAG F . 40.83 -9.99 -1.98
C7 NAG F . 37.00 -12.39 -6.93
C8 NAG F . 35.71 -12.41 -7.69
N2 NAG F . 37.03 -11.60 -5.85
O3 NAG F . 37.58 -13.33 -3.62
O4 NAG F . 38.72 -11.97 -1.32
O5 NAG F . 39.84 -9.92 -4.13
O6 NAG F . 41.59 -11.19 -1.79
O7 NAG F . 37.97 -13.05 -7.28
C1 NAG F . 37.50 -11.95 -0.52
C2 NAG F . 37.18 -13.45 -0.41
C3 NAG F . 37.77 -14.03 0.87
C4 NAG F . 38.98 -13.22 1.30
C5 NAG F . 38.53 -11.81 1.69
C6 NAG F . 39.65 -10.80 1.62
C7 NAG F . 35.03 -13.65 -1.59
C8 NAG F . 33.56 -13.92 -1.45
N2 NAG F . 35.74 -13.68 -0.45
O3 NAG F . 38.15 -15.38 0.64
O4 NAG F . 39.62 -13.83 2.40
O5 NAG F . 37.50 -11.35 0.80
O6 NAG F . 39.14 -9.48 1.45
O7 NAG F . 35.55 -13.43 -2.67
C1 NAG G . -4.92 4.20 -25.87
C2 NAG G . -6.44 4.21 -26.08
C3 NAG G . -6.97 2.79 -26.25
C4 NAG G . -6.21 2.07 -27.36
C5 NAG G . -4.71 2.10 -27.06
C6 NAG G . -3.87 1.48 -28.14
C7 NAG G . -7.76 6.04 -25.12
C8 NAG G . -8.40 6.59 -23.88
N2 NAG G . -7.12 4.88 -24.98
O3 NAG G . -8.36 2.83 -26.55
O4 NAG G . -6.65 0.72 -27.47
O5 NAG G . -4.29 3.47 -26.94
O6 NAG G . -3.72 0.08 -27.94
O7 NAG G . -7.83 6.63 -26.20
C1 NAG G . -7.24 -0.26 -28.38
C2 NAG G . -7.48 -0.12 -29.89
C3 NAG G . -6.34 -0.76 -30.69
C4 NAG G . -5.59 -1.76 -29.82
C5 NAG G . -6.60 -2.54 -28.99
C6 NAG G . -5.98 -3.69 -28.22
C7 NAG G . -9.57 -0.15 -31.16
C8 NAG G . -9.13 1.14 -31.76
N2 NAG G . -8.75 -0.71 -30.27
O3 NAG G . -5.45 0.27 -31.12
O4 NAG G . -4.86 -2.66 -30.64
O5 NAG G . -7.19 -1.67 -28.00
O6 NAG G . -4.69 -4.01 -28.73
O7 NAG G . -10.65 -0.67 -31.47
C1 NAG H . -0.19 -12.32 -14.46
C2 NAG H . 1.22 -11.85 -14.84
C3 NAG H . 1.72 -12.61 -16.07
C4 NAG H . 1.64 -14.11 -15.83
C5 NAG H . 0.22 -14.49 -15.43
C6 NAG H . 0.08 -15.96 -15.09
C7 NAG H . 1.62 -9.53 -14.16
C8 NAG H . 1.58 -8.09 -14.58
N2 NAG H . 1.24 -10.42 -15.08
O3 NAG H . 3.07 -12.23 -16.35
O4 NAG H . 2.02 -14.82 -17.00
O5 NAG H . -0.18 -13.75 -14.27
O6 NAG H . 0.47 -16.22 -13.75
O7 NAG H . 1.98 -9.87 -13.04
C1 NAG H . 3.28 -15.50 -17.24
C2 NAG H . 2.76 -16.41 -18.34
C3 NAG H . 3.92 -17.05 -19.11
C4 NAG H . 4.87 -15.97 -19.61
C5 NAG H . 5.32 -15.07 -18.45
C6 NAG H . 6.17 -13.91 -18.91
C7 NAG H . 2.20 -18.36 -16.93
C8 NAG H . 3.62 -18.34 -16.46
N2 NAG H . 1.86 -17.43 -17.84
O3 NAG H . 3.43 -17.80 -20.21
O4 NAG H . 6.02 -16.56 -20.22
O5 NAG H . 4.17 -14.52 -17.79
O6 NAG H . 6.05 -12.80 -18.02
O7 NAG H . 1.40 -19.20 -16.53
C1 BMA H . 7.38 -16.97 -20.04
C2 BMA H . 7.55 -17.39 -21.51
C3 BMA H . 8.37 -16.43 -22.43
C4 BMA H . 9.15 -15.41 -21.64
C5 BMA H . 9.61 -15.90 -20.29
C6 BMA H . 10.56 -14.90 -19.62
O2 BMA H . 6.27 -17.56 -22.03
O3 BMA H . 7.71 -15.75 -23.54
O4 BMA H . 10.30 -15.12 -22.39
O5 BMA H . 8.41 -16.10 -19.53
O6 BMA H . 11.62 -14.50 -20.49
C1 NAG I . 27.58 -4.06 27.12
C2 NAG I . 29.08 -4.33 26.93
C3 NAG I . 29.28 -5.38 25.86
C4 NAG I . 28.51 -6.64 26.20
C5 NAG I . 27.03 -6.34 26.46
C6 NAG I . 26.31 -7.55 27.02
C7 NAG I . 29.48 -1.93 27.13
C8 NAG I . 30.31 -0.78 26.68
N2 NAG I . 29.77 -3.11 26.59
O3 NAG I . 30.67 -5.63 25.65
O4 NAG I . 28.59 -7.57 25.12
O5 NAG I . 26.91 -5.30 27.44
O6 NAG I . 25.64 -7.30 28.25
O7 NAG I . 28.60 -1.81 27.99
C1 NAG J . -21.45 -24.90 5.68
C2 NAG J . -22.31 -23.65 5.54
C3 NAG J . -21.78 -22.78 4.41
C4 NAG J . -20.31 -22.47 4.63
C5 NAG J . -19.52 -23.75 4.82
C6 NAG J . -18.07 -23.49 5.19
C7 NAG J . -24.20 -24.68 4.31
C8 NAG J . -23.19 -25.16 3.30
N2 NAG J . -23.71 -23.98 5.34
O3 NAG J . -22.54 -21.57 4.36
O4 NAG J . -19.78 -21.75 3.52
O5 NAG J . -20.08 -24.53 5.89
O6 NAG J . -17.34 -24.71 5.32
O7 NAG J . -25.39 -24.93 4.20
C1 NAG K . 61.49 -0.78 -31.11
C2 NAG K . 62.25 -0.82 -32.44
C3 NAG K . 62.87 -2.20 -32.64
C4 NAG K . 63.70 -2.61 -31.44
C5 NAG K . 62.85 -2.51 -30.17
C6 NAG K . 63.61 -2.83 -28.91
C7 NAG K . 61.34 0.69 -34.15
C8 NAG K . 60.36 0.85 -35.28
N2 NAG K . 61.37 -0.50 -33.56
O3 NAG K . 63.70 -2.17 -33.81
O4 NAG K . 64.16 -3.95 -31.57
O5 NAG K . 62.36 -1.17 -30.04
O6 NAG K . 64.20 -4.12 -28.97
O7 NAG K . 62.08 1.61 -33.80
C1 NAG L . 27.65 -13.77 -29.32
C2 NAG L . 27.20 -15.18 -29.67
C3 NAG L . 26.29 -15.17 -30.90
C4 NAG L . 25.14 -14.17 -30.70
C5 NAG L . 25.71 -12.80 -30.33
C6 NAG L . 24.63 -11.79 -30.03
C7 NAG L . 28.72 -17.01 -29.06
C8 NAG L . 29.93 -17.81 -29.47
N2 NAG L . 28.35 -16.05 -29.92
O3 NAG L . 25.75 -16.47 -31.12
O4 NAG L . 24.39 -14.06 -31.90
O5 NAG L . 26.51 -12.92 -29.15
O6 NAG L . 23.91 -12.12 -28.85
O7 NAG L . 28.11 -17.23 -28.02
C1 NAG M . 36.07 4.47 -36.22
C2 NAG M . 34.57 4.64 -36.02
C3 NAG M . 33.83 3.36 -36.40
C4 NAG M . 34.23 2.89 -37.79
C5 NAG M . 35.75 2.79 -37.90
C6 NAG M . 36.23 2.44 -39.28
C7 NAG M . 33.33 5.88 -34.29
C8 NAG M . 32.56 6.50 -35.42
N2 NAG M . 34.28 5.00 -34.64
O3 NAG M . 32.42 3.60 -36.36
O4 NAG M . 33.64 1.62 -38.07
O5 NAG M . 36.34 4.06 -37.56
O6 NAG M . 35.55 1.31 -39.80
O7 NAG M . 33.12 6.17 -33.12
MN MN N . 18.32 -8.39 26.85
MN MN O . 8.60 -14.24 18.20
MN MN P . -4.16 -16.38 19.94
MN MN Q . -11.34 -12.80 30.68
MN MN R . -19.38 -55.28 -10.49
C1 NAG S . -12.83 6.12 -29.36
C2 NAG S . -13.83 6.99 -30.15
C3 NAG S . -13.19 8.32 -30.52
C4 NAG S . -12.15 8.71 -29.49
C5 NAG S . -10.99 7.72 -29.54
C6 NAG S . -10.22 7.64 -28.23
C7 NAG S . -15.35 5.46 -31.32
C8 NAG S . -15.69 4.83 -32.64
N2 NAG S . -14.30 6.30 -31.34
O3 NAG S . -14.20 9.32 -30.61
O4 NAG S . -11.66 10.02 -29.75
O5 NAG S . -11.48 6.39 -29.80
O6 NAG S . -8.95 7.04 -28.42
O7 NAG S . -15.98 5.22 -30.30
C1 NAG T . 15.88 13.21 0.45
C2 NAG T . 17.03 12.76 1.37
C3 NAG T . 18.13 12.08 0.55
C4 NAG T . 17.55 10.97 -0.31
C5 NAG T . 16.40 11.51 -1.16
C6 NAG T . 15.71 10.45 -1.98
C7 NAG T . 16.97 14.44 3.16
C8 NAG T . 17.67 15.61 3.79
N2 NAG T . 17.57 13.90 2.11
O3 NAG T . 19.11 11.55 1.42
O4 NAG T . 18.55 10.42 -1.15
O5 NAG T . 15.40 12.09 -0.30
O6 NAG T . 14.41 10.84 -2.37
O7 NAG T . 15.90 14.03 3.59
MN MN U . 13.19 30.01 13.89
MN MN V . 18.33 35.32 7.64
MN MN W . 9.77 26.43 17.22
C1 NAG X . 36.99 23.10 -21.57
C2 NAG X . 37.59 22.47 -20.31
C3 NAG X . 38.61 23.41 -19.67
C4 NAG X . 39.66 23.85 -20.70
C5 NAG X . 38.95 24.45 -21.92
C6 NAG X . 39.90 24.84 -23.03
C7 NAG X . 36.45 20.95 -18.74
C8 NAG X . 35.31 20.79 -17.78
N2 NAG X . 36.55 22.14 -19.34
O3 NAG X . 39.26 22.74 -18.59
O4 NAG X . 40.53 24.81 -20.13
O5 NAG X . 38.04 23.48 -22.47
O6 NAG X . 40.89 23.84 -23.25
O7 NAG X . 37.25 20.04 -18.96
C10 JUY Y . 17.28 25.37 18.69
C13 JUY Y . 21.05 24.19 18.66
C15 JUY Y . 22.16 24.18 20.95
C17 JUY Y . 22.49 22.12 22.24
C20 JUY Y . 22.60 19.24 22.03
C22 JUY Y . 21.88 21.44 21.15
C02 JUY Y . 13.61 31.36 16.66
C04 JUY Y . 15.10 30.97 16.95
C05 JUY Y . 15.11 29.69 17.77
C06 JUY Y . 16.21 28.76 17.28
C08 JUY Y . 17.00 26.49 17.75
C11 JUY Y . 18.57 24.60 18.32
C12 JUY Y . 19.86 25.14 18.93
C14 JUY Y . 21.56 23.44 19.92
C16 JUY Y . 22.63 23.52 22.11
C18 JUY Y . 22.98 21.40 23.46
C19 JUY Y . 22.88 19.84 23.43
C25 JUY Y . 17.20 32.24 17.53
C27 JUY Y . 17.86 33.45 18.19
C29 JUY Y . 18.01 35.42 19.45
C30 JUY Y . 19.37 35.39 19.09
C32 JUY Y . 20.25 36.40 19.55
C33 JUY Y . 19.77 37.44 20.36
C34 JUY Y . 18.39 37.49 20.73
C35 JUY Y . 17.53 36.48 20.27
N07 JUY Y . 16.44 27.69 18.19
N21 JUY Y . 21.68 20.00 21.19
N23 JUY Y . 21.42 22.10 20.04
N24 JUY Y . 15.81 32.09 17.58
N28 JUY Y . 17.20 34.36 18.93
O01 JUY Y . 13.15 32.43 17.21
O03 JUY Y . 12.88 30.63 15.90
O09 JUY Y . 17.30 26.38 16.56
O26 JUY Y . 17.96 31.41 17.01
S31 JUY Y . 19.60 33.94 18.07
#